data_8FQK
#
_entry.id   8FQK
#
_entity_poly.entity_id   1
_entity_poly.type   'polypeptide(L)'
_entity_poly.pdbx_seq_one_letter_code
;MSELALIQKAIEESQQKMTQLFDAQKAEIESTGQVSKQLQSDLMKVQEELTKSGTRLFDLEQKLASGAENPGEKKSFSER
AAEELIKSWDGKQGTFGAKTFNKSLGSDADSAGSLIQPMQIPGIIMPGLRRLTIRDLLAQGRTSSNALEYVREEVFTNNA
DVVAEKALKPESDITFSKQTANVKTIAHWVQASRQVMDDAPMLQSYINNRLMYGLALKEEGQLLNGDGTGDNLEGLNKVA
TAYDTSLNATGDTRADIIAHAIYQVTESEFSASGIVLNPRDWHNIALLKDNEGRYIFGGPQAFTSNIMWGLPVVPTKAQA
AGTFTVGGFDMASQVWDRMDATVEVSREDRDNFVKNMLTILCEERLALAHYRPTAIIKGTFSSGS
;
_entity_poly.pdbx_strand_id   A,B,C,D,E,F,G
#
# COMPACT_ATOMS: atom_id res chain seq x y z
N SER A 76 -6.27 6.10 27.97
CA SER A 76 -5.33 4.99 27.67
C SER A 76 -5.74 3.71 28.38
N PHE A 77 -5.50 2.53 27.81
CA PHE A 77 -5.91 1.24 28.40
C PHE A 77 -5.19 0.93 29.72
N SER A 78 -3.87 1.15 29.75
CA SER A 78 -3.04 0.90 30.93
C SER A 78 -3.39 1.82 32.10
N GLU A 79 -3.80 3.06 31.83
CA GLU A 79 -4.34 4.04 32.78
C GLU A 79 -5.63 3.53 33.43
N ARG A 80 -6.64 3.13 32.64
CA ARG A 80 -7.92 2.62 33.15
C ARG A 80 -7.75 1.31 33.91
N ALA A 81 -6.92 0.39 33.43
CA ALA A 81 -6.60 -0.82 34.14
C ALA A 81 -5.96 -0.55 35.49
N ALA A 82 -4.90 0.26 35.56
CA ALA A 82 -4.17 0.54 36.80
C ALA A 82 -5.03 1.25 37.84
N GLU A 83 -5.87 2.19 37.41
CA GLU A 83 -6.82 2.89 38.25
C GLU A 83 -7.83 1.94 38.90
N GLU A 84 -8.54 1.14 38.09
CA GLU A 84 -9.60 0.28 38.63
C GLU A 84 -9.04 -0.87 39.48
N LEU A 85 -7.83 -1.36 39.18
CA LEU A 85 -7.10 -2.29 40.03
C LEU A 85 -6.90 -1.73 41.44
N ILE A 86 -6.45 -0.47 41.63
CA ILE A 86 -6.33 0.08 42.99
C ILE A 86 -7.70 0.41 43.59
N LYS A 87 -8.65 0.91 42.80
CA LYS A 87 -10.00 1.28 43.26
C LYS A 87 -10.79 0.10 43.81
N SER A 88 -10.66 -1.08 43.20
CA SER A 88 -11.29 -2.32 43.65
C SER A 88 -10.54 -3.05 44.77
N TRP A 89 -9.27 -2.74 45.03
CA TRP A 89 -8.41 -3.61 45.84
C TRP A 89 -8.86 -3.70 47.30
N ASP A 90 -9.12 -4.92 47.74
CA ASP A 90 -9.22 -5.30 49.15
C ASP A 90 -7.81 -5.29 49.78
N GLY A 91 -7.52 -6.07 50.82
CA GLY A 91 -6.14 -6.36 51.22
C GLY A 91 -5.46 -7.43 50.37
N LYS A 92 -6.24 -8.15 49.54
CA LYS A 92 -5.86 -9.47 48.98
C LYS A 92 -6.25 -9.72 47.52
N GLN A 93 -7.28 -9.06 46.98
CA GLN A 93 -7.79 -9.29 45.62
C GLN A 93 -8.25 -7.97 44.97
N GLY A 94 -7.97 -7.80 43.67
CA GLY A 94 -8.45 -6.70 42.83
C GLY A 94 -8.73 -7.18 41.41
N THR A 95 -9.62 -6.50 40.69
CA THR A 95 -10.03 -6.92 39.32
C THR A 95 -10.40 -5.73 38.44
N PHE A 96 -10.00 -5.80 37.17
CA PHE A 96 -10.50 -4.98 36.07
C PHE A 96 -11.04 -5.91 34.98
N GLY A 97 -12.28 -5.69 34.53
CA GLY A 97 -12.89 -6.43 33.43
C GLY A 97 -12.69 -5.71 32.11
N ALA A 98 -11.67 -6.09 31.35
CA ALA A 98 -11.44 -5.60 29.99
C ALA A 98 -12.40 -6.29 28.99
N LYS A 99 -13.00 -5.57 28.05
CA LYS A 99 -13.85 -6.23 27.02
C LYS A 99 -13.02 -7.17 26.15
N THR A 100 -11.89 -6.69 25.67
CA THR A 100 -10.90 -7.44 24.88
C THR A 100 -9.53 -6.73 24.95
N PHE A 101 -8.44 -7.44 24.72
CA PHE A 101 -7.11 -6.84 24.56
C PHE A 101 -6.81 -6.43 23.10
N ASN A 102 -7.67 -6.77 22.14
CA ASN A 102 -7.55 -6.39 20.74
C ASN A 102 -7.98 -4.93 20.51
N LYS A 103 -7.03 -4.04 20.21
CA LYS A 103 -7.31 -2.64 19.83
C LYS A 103 -8.10 -2.56 18.52
N SER A 104 -9.16 -1.76 18.49
CA SER A 104 -10.11 -1.66 17.36
C SER A 104 -10.77 -3.01 17.00
N LEU A 105 -11.58 -3.52 17.93
CA LEU A 105 -12.53 -4.62 17.68
C LEU A 105 -13.51 -4.27 16.55
N ARG A 131 4.78 -2.63 13.50
CA ARG A 131 4.43 -3.82 12.71
C ARG A 131 3.02 -4.33 13.02
N LEU A 132 2.39 -5.01 12.07
CA LEU A 132 1.15 -5.76 12.30
C LEU A 132 1.42 -7.00 13.14
N THR A 133 0.45 -7.40 13.95
CA THR A 133 0.40 -8.70 14.61
C THR A 133 -0.10 -9.78 13.64
N ILE A 134 0.05 -11.06 13.96
CA ILE A 134 -0.62 -12.14 13.21
C ILE A 134 -2.14 -11.98 13.29
N ARG A 135 -2.69 -11.49 14.40
CA ARG A 135 -4.12 -11.25 14.58
C ARG A 135 -4.67 -10.15 13.68
N ASP A 136 -3.88 -9.15 13.33
CA ASP A 136 -4.30 -8.12 12.37
C ASP A 136 -4.52 -8.63 10.94
N LEU A 137 -3.95 -9.78 10.56
CA LEU A 137 -4.10 -10.39 9.23
C LEU A 137 -5.41 -11.16 9.06
N LEU A 138 -5.90 -11.80 10.12
CA LEU A 138 -7.07 -12.68 10.16
C LEU A 138 -8.39 -11.89 10.27
N ALA A 139 -9.54 -12.52 10.03
CA ALA A 139 -10.85 -11.91 10.28
C ALA A 139 -11.27 -11.97 11.76
N GLN A 140 -12.16 -11.06 12.19
CA GLN A 140 -12.63 -10.94 13.58
C GLN A 140 -14.08 -11.37 13.75
N GLY A 141 -14.41 -12.08 14.83
CA GLY A 141 -15.78 -12.44 15.21
C GLY A 141 -15.98 -12.45 16.71
N ARG A 142 -17.23 -12.32 17.16
CA ARG A 142 -17.64 -12.25 18.57
C ARG A 142 -18.62 -13.38 18.87
N THR A 143 -18.55 -13.96 20.06
CA THR A 143 -19.42 -15.09 20.44
C THR A 143 -19.72 -15.10 21.94
N SER A 144 -20.86 -15.66 22.34
CA SER A 144 -21.20 -15.98 23.73
C SER A 144 -20.89 -17.42 24.15
N SER A 145 -20.63 -18.35 23.21
CA SER A 145 -20.54 -19.77 23.48
C SER A 145 -19.13 -20.27 23.86
N ASN A 146 -19.02 -21.42 24.53
CA ASN A 146 -17.75 -22.09 24.86
C ASN A 146 -17.13 -22.84 23.67
N ALA A 147 -17.93 -23.14 22.66
CA ALA A 147 -17.51 -23.81 21.45
C ALA A 147 -18.28 -23.27 20.25
N LEU A 148 -17.67 -23.35 19.08
CA LEU A 148 -18.26 -23.01 17.79
C LEU A 148 -18.34 -24.27 16.95
N GLU A 149 -19.43 -24.49 16.22
CA GLU A 149 -19.46 -25.46 15.12
C GLU A 149 -19.49 -24.72 13.79
N TYR A 150 -18.65 -25.15 12.85
CA TYR A 150 -18.52 -24.52 11.55
C TYR A 150 -18.28 -25.57 10.48
N VAL A 151 -18.48 -25.19 9.22
CA VAL A 151 -18.23 -26.05 8.07
C VAL A 151 -16.94 -25.62 7.37
N ARG A 152 -16.00 -26.55 7.19
CA ARG A 152 -14.77 -26.35 6.43
C ARG A 152 -14.97 -26.75 4.97
N GLU A 153 -14.29 -26.05 4.08
CA GLU A 153 -14.34 -26.22 2.63
C GLU A 153 -13.03 -26.85 2.15
N GLU A 154 -13.09 -28.00 1.50
CA GLU A 154 -11.93 -28.62 0.87
C GLU A 154 -12.01 -28.48 -0.64
N VAL A 155 -10.96 -27.95 -1.26
CA VAL A 155 -10.86 -27.69 -2.71
C VAL A 155 -10.01 -28.79 -3.33
N PHE A 156 -10.48 -29.45 -4.38
CA PHE A 156 -9.64 -30.40 -5.13
C PHE A 156 -8.62 -29.65 -5.99
N THR A 157 -7.34 -30.02 -5.88
CA THR A 157 -6.21 -29.38 -6.56
C THR A 157 -5.20 -30.41 -7.04
N ASP A 173 -17.31 -29.07 -7.04
CA ASP A 173 -15.86 -29.35 -6.94
C ASP A 173 -15.33 -29.17 -5.51
N ILE A 174 -16.00 -28.33 -4.73
CA ILE A 174 -15.82 -28.16 -3.28
C ILE A 174 -16.44 -29.36 -2.55
N THR A 175 -15.83 -29.78 -1.45
CA THR A 175 -16.40 -30.71 -0.46
C THR A 175 -16.43 -30.05 0.92
N PHE A 176 -17.37 -30.46 1.76
CA PHE A 176 -17.69 -29.82 3.04
C PHE A 176 -17.58 -30.80 4.21
N SER A 177 -17.16 -30.33 5.38
CA SER A 177 -17.14 -31.14 6.61
C SER A 177 -17.43 -30.30 7.87
N LYS A 178 -18.04 -30.90 8.90
CA LYS A 178 -18.18 -30.24 10.21
C LYS A 178 -16.89 -30.27 11.00
N GLN A 179 -16.61 -29.14 11.63
CA GLN A 179 -15.50 -28.92 12.52
C GLN A 179 -16.02 -28.24 13.79
N THR A 180 -15.27 -28.34 14.88
CA THR A 180 -15.54 -27.54 16.08
C THR A 180 -14.26 -26.94 16.63
N ALA A 181 -14.35 -25.69 17.06
CA ALA A 181 -13.31 -24.98 17.77
C ALA A 181 -13.80 -24.69 19.18
N ASN A 182 -13.12 -25.21 20.19
CA ASN A 182 -13.39 -24.87 21.60
C ASN A 182 -12.66 -23.57 21.95
N VAL A 183 -13.29 -22.69 22.72
CA VAL A 183 -12.71 -21.43 23.15
C VAL A 183 -11.67 -21.65 24.25
N LYS A 184 -10.38 -21.64 23.90
CA LYS A 184 -9.23 -21.81 24.80
C LYS A 184 -8.88 -20.50 25.51
N THR A 185 -8.13 -20.57 26.60
CA THR A 185 -7.67 -19.42 27.39
C THR A 185 -6.17 -19.15 27.19
N ILE A 186 -5.81 -17.90 26.91
CA ILE A 186 -4.44 -17.43 26.75
C ILE A 186 -4.12 -16.52 27.94
N ALA A 187 -3.10 -16.83 28.72
CA ALA A 187 -2.82 -16.10 29.96
C ALA A 187 -1.32 -15.80 30.13
N HIS A 188 -1.02 -14.72 30.84
CA HIS A 188 0.33 -14.32 31.24
C HIS A 188 0.30 -13.66 32.61
N TRP A 189 1.36 -13.82 33.42
CA TRP A 189 1.44 -13.31 34.78
C TRP A 189 2.84 -12.86 35.15
N VAL A 190 2.91 -11.97 36.14
CA VAL A 190 4.10 -11.31 36.68
C VAL A 190 4.06 -11.36 38.20
N GLN A 191 5.20 -11.60 38.86
CA GLN A 191 5.37 -11.37 40.30
C GLN A 191 5.87 -9.95 40.60
N ALA A 192 5.37 -9.35 41.67
CA ALA A 192 5.64 -7.98 42.10
C ALA A 192 5.70 -7.87 43.64
N SER A 193 5.52 -6.70 44.22
CA SER A 193 5.47 -6.49 45.68
C SER A 193 4.39 -5.47 46.05
N ARG A 194 3.93 -5.44 47.31
CA ARG A 194 2.75 -4.63 47.71
C ARG A 194 2.86 -3.13 47.41
N GLN A 195 4.07 -2.58 47.27
CA GLN A 195 4.29 -1.19 46.81
C GLN A 195 3.59 -0.86 45.48
N VAL A 196 3.37 -1.83 44.60
CA VAL A 196 2.71 -1.62 43.31
C VAL A 196 1.27 -1.12 43.50
N MET A 197 0.58 -1.53 44.57
CA MET A 197 -0.78 -1.06 44.88
C MET A 197 -0.82 0.32 45.58
N ASP A 198 0.34 0.90 45.88
CA ASP A 198 0.50 2.23 46.47
C ASP A 198 0.85 3.31 45.41
N ASP A 199 1.14 2.91 44.17
CA ASP A 199 1.77 3.77 43.16
C ASP A 199 1.22 3.48 41.75
N ALA A 200 0.19 4.21 41.33
CA ALA A 200 -0.46 3.98 40.02
C ALA A 200 0.49 4.08 38.81
N PRO A 201 1.44 5.03 38.71
CA PRO A 201 2.51 5.01 37.70
C PRO A 201 3.31 3.72 37.66
N MET A 202 3.58 3.12 38.83
CA MET A 202 4.28 1.85 38.91
C MET A 202 3.41 0.66 38.50
N LEU A 203 2.10 0.68 38.78
CA LEU A 203 1.17 -0.32 38.22
C LEU A 203 1.15 -0.23 36.70
N GLN A 204 0.91 0.94 36.11
CA GLN A 204 0.90 1.10 34.65
C GLN A 204 2.17 0.58 33.99
N SER A 205 3.32 0.79 34.62
CA SER A 205 4.60 0.30 34.13
C SER A 205 4.71 -1.22 34.10
N TYR A 206 3.89 -1.96 34.85
CA TYR A 206 3.72 -3.41 34.71
C TYR A 206 2.59 -3.74 33.73
N ILE A 207 1.43 -3.08 33.80
CA ILE A 207 0.29 -3.23 32.87
C ILE A 207 0.55 -2.56 31.51
N ASN A 208 1.79 -2.52 31.01
CA ASN A 208 2.08 -2.43 29.57
C ASN A 208 3.47 -2.96 29.24
N ASN A 209 4.52 -2.48 29.91
CA ASN A 209 5.90 -2.82 29.56
C ASN A 209 6.31 -4.25 29.93
N ARG A 210 5.54 -4.93 30.80
CA ARG A 210 5.79 -6.31 31.24
C ARG A 210 4.67 -7.26 30.82
N LEU A 211 3.45 -7.00 31.28
CA LEU A 211 2.33 -7.94 31.17
C LEU A 211 1.74 -8.02 29.75
N MET A 212 1.35 -6.89 29.15
CA MET A 212 0.74 -6.88 27.81
C MET A 212 1.73 -7.18 26.69
N TYR A 213 2.97 -6.71 26.82
CA TYR A 213 4.06 -7.08 25.92
C TYR A 213 4.35 -8.59 25.93
N GLY A 214 4.21 -9.26 27.08
CA GLY A 214 4.31 -10.71 27.21
C GLY A 214 3.11 -11.45 26.64
N LEU A 215 1.88 -10.94 26.78
CA LEU A 215 0.68 -11.57 26.24
C LEU A 215 0.61 -11.49 24.70
N ALA A 216 1.04 -10.39 24.08
CA ALA A 216 1.03 -10.27 22.63
C ALA A 216 1.91 -11.33 21.95
N LEU A 217 3.12 -11.55 22.45
CA LEU A 217 4.01 -12.62 21.99
C LEU A 217 3.49 -14.02 22.34
N LYS A 218 2.62 -14.15 23.36
CA LYS A 218 1.97 -15.40 23.76
C LYS A 218 0.86 -15.81 22.79
N GLU A 219 -0.08 -14.92 22.50
CA GLU A 219 -1.14 -15.20 21.52
C GLU A 219 -0.59 -15.35 20.10
N GLU A 220 0.42 -14.58 19.72
CA GLU A 220 1.01 -14.67 18.38
C GLU A 220 1.71 -16.00 18.12
N GLY A 221 2.28 -16.64 19.15
CA GLY A 221 2.78 -18.01 19.05
C GLY A 221 1.69 -19.07 18.98
N GLN A 222 0.53 -18.83 19.60
CA GLN A 222 -0.63 -19.74 19.51
C GLN A 222 -1.30 -19.68 18.14
N LEU A 223 -1.64 -18.48 17.66
CA LEU A 223 -2.26 -18.27 16.35
C LEU A 223 -1.38 -18.79 15.20
N LEU A 224 -0.06 -18.62 15.26
CA LEU A 224 0.84 -19.08 14.21
C LEU A 224 1.21 -20.56 14.35
N ASN A 225 1.61 -21.05 15.52
CA ASN A 225 2.23 -22.37 15.69
C ASN A 225 1.46 -23.41 16.51
N GLY A 226 0.27 -23.10 17.07
CA GLY A 226 -0.39 -23.99 18.02
C GLY A 226 -0.68 -25.39 17.46
N ASP A 227 -0.04 -26.43 17.98
CA ASP A 227 -0.42 -27.81 17.69
C ASP A 227 -1.64 -28.14 18.54
N GLY A 228 -2.82 -28.30 17.93
CA GLY A 228 -4.13 -28.03 18.56
C GLY A 228 -4.63 -28.99 19.65
N THR A 229 -3.77 -29.79 20.25
CA THR A 229 -4.06 -30.68 21.38
C THR A 229 -4.19 -29.90 22.69
N GLY A 230 -4.89 -30.45 23.69
CA GLY A 230 -4.92 -29.92 25.05
C GLY A 230 -5.44 -28.48 25.12
N ASP A 231 -4.69 -27.62 25.80
CA ASP A 231 -5.02 -26.20 26.00
C ASP A 231 -4.69 -25.29 24.80
N ASN A 232 -4.07 -25.83 23.74
CA ASN A 232 -3.60 -25.05 22.58
C ASN A 232 -4.72 -24.70 21.58
N LEU A 233 -4.65 -23.52 20.95
CA LEU A 233 -5.33 -23.30 19.66
C LEU A 233 -4.71 -24.21 18.60
N GLU A 234 -5.47 -24.57 17.56
CA GLU A 234 -4.87 -25.03 16.31
C GLU A 234 -4.40 -23.82 15.50
N GLY A 235 -3.10 -23.66 15.29
CA GLY A 235 -2.51 -22.53 14.60
C GLY A 235 -2.40 -22.72 13.10
N LEU A 236 -2.11 -21.63 12.40
CA LEU A 236 -2.04 -21.55 10.94
C LEU A 236 -1.03 -22.52 10.33
N ASN A 237 0.15 -22.65 10.90
CA ASN A 237 1.18 -23.55 10.38
C ASN A 237 0.85 -25.05 10.48
N LYS A 238 -0.16 -25.45 11.26
CA LYS A 238 -0.62 -26.85 11.31
C LYS A 238 -1.60 -27.17 10.19
N VAL A 239 -2.58 -26.30 9.94
CA VAL A 239 -3.57 -26.51 8.86
C VAL A 239 -3.01 -26.23 7.46
N ALA A 240 -1.97 -25.40 7.34
CA ALA A 240 -1.45 -24.93 6.07
C ALA A 240 -1.05 -26.05 5.09
N THR A 241 -1.18 -25.74 3.81
CA THR A 241 -0.84 -26.59 2.67
C THR A 241 0.65 -26.45 2.34
N ALA A 242 1.35 -27.54 2.03
CA ALA A 242 2.76 -27.46 1.68
C ALA A 242 3.00 -26.70 0.36
N TYR A 243 4.06 -25.90 0.31
CA TYR A 243 4.54 -25.27 -0.91
C TYR A 243 4.85 -26.32 -1.97
N ASP A 244 4.32 -26.14 -3.18
CA ASP A 244 4.56 -27.05 -4.29
C ASP A 244 5.93 -26.78 -4.93
N THR A 245 6.95 -27.50 -4.48
CA THR A 245 8.32 -27.36 -4.97
C THR A 245 8.47 -27.58 -6.47
N SER A 246 7.50 -28.21 -7.15
CA SER A 246 7.55 -28.37 -8.61
C SER A 246 7.43 -27.05 -9.38
N LEU A 247 6.95 -25.97 -8.74
CA LEU A 247 6.88 -24.63 -9.32
C LEU A 247 8.28 -23.99 -9.50
N ASN A 248 9.31 -24.45 -8.77
CA ASN A 248 10.64 -23.84 -8.80
C ASN A 248 11.27 -23.91 -10.21
N ALA A 249 11.94 -22.83 -10.61
CA ALA A 249 12.60 -22.69 -11.91
C ALA A 249 14.11 -22.44 -11.79
N THR A 250 14.85 -22.63 -12.87
CA THR A 250 16.32 -22.52 -12.91
C THR A 250 16.81 -21.11 -12.52
N GLY A 251 17.67 -21.05 -11.50
CA GLY A 251 18.26 -19.80 -11.01
C GLY A 251 17.36 -18.92 -10.12
N ASP A 252 16.24 -19.42 -9.61
CA ASP A 252 15.35 -18.67 -8.70
C ASP A 252 16.03 -18.27 -7.39
N THR A 253 15.67 -17.10 -6.89
CA THR A 253 16.04 -16.53 -5.58
C THR A 253 14.96 -16.80 -4.53
N ARG A 254 15.24 -16.45 -3.27
CA ARG A 254 14.26 -16.48 -2.17
C ARG A 254 13.07 -15.54 -2.39
N ALA A 255 13.25 -14.45 -3.14
CA ALA A 255 12.14 -13.61 -3.59
C ALA A 255 11.27 -14.32 -4.65
N ASP A 256 11.87 -15.04 -5.59
CA ASP A 256 11.13 -15.77 -6.62
C ASP A 256 10.32 -16.96 -6.07
N ILE A 257 10.79 -17.60 -4.98
CA ILE A 257 10.04 -18.62 -4.25
C ILE A 257 8.76 -18.03 -3.63
N ILE A 258 8.82 -16.81 -3.09
CA ILE A 258 7.63 -16.11 -2.59
C ILE A 258 6.64 -15.79 -3.72
N ALA A 259 7.08 -15.46 -4.92
CA ALA A 259 6.18 -15.24 -6.05
C ALA A 259 5.40 -16.49 -6.46
N HIS A 260 6.07 -17.65 -6.55
CA HIS A 260 5.41 -18.93 -6.81
C HIS A 260 4.39 -19.29 -5.74
N ALA A 261 4.67 -18.99 -4.47
CA ALA A 261 3.71 -19.22 -3.40
C ALA A 261 2.50 -18.26 -3.45
N ILE A 262 2.69 -16.99 -3.83
CA ILE A 262 1.60 -16.03 -4.08
C ILE A 262 0.72 -16.52 -5.25
N TYR A 263 1.30 -17.06 -6.32
CA TYR A 263 0.53 -17.80 -7.32
C TYR A 263 -0.24 -18.98 -6.70
N GLN A 264 0.41 -19.88 -5.95
CA GLN A 264 -0.22 -21.09 -5.43
C GLN A 264 -1.44 -20.83 -4.53
N VAL A 265 -1.51 -19.71 -3.82
CA VAL A 265 -2.70 -19.35 -3.02
C VAL A 265 -3.95 -19.23 -3.90
N THR A 266 -3.81 -18.75 -5.14
CA THR A 266 -4.94 -18.52 -6.05
C THR A 266 -5.60 -19.79 -6.55
N GLU A 267 -4.95 -20.96 -6.42
CA GLU A 267 -5.58 -22.26 -6.67
C GLU A 267 -6.74 -22.57 -5.71
N SER A 268 -6.90 -21.81 -4.62
CA SER A 268 -8.01 -21.86 -3.68
C SER A 268 -9.20 -20.93 -4.00
N GLU A 269 -9.20 -20.19 -5.11
CA GLU A 269 -10.08 -19.05 -5.44
C GLU A 269 -9.86 -17.73 -4.66
N PHE A 270 -8.97 -17.70 -3.67
CA PHE A 270 -8.65 -16.49 -2.89
C PHE A 270 -7.33 -15.88 -3.36
N SER A 271 -7.19 -14.56 -3.33
CA SER A 271 -5.90 -13.88 -3.51
C SER A 271 -5.11 -13.79 -2.19
N ALA A 272 -3.78 -13.73 -2.25
CA ALA A 272 -2.94 -13.57 -1.05
C ALA A 272 -3.09 -12.20 -0.41
N SER A 273 -2.93 -12.11 0.91
CA SER A 273 -3.17 -10.88 1.68
C SER A 273 -2.10 -10.55 2.72
N GLY A 274 -1.08 -11.38 2.90
CA GLY A 274 0.01 -11.14 3.85
C GLY A 274 1.07 -12.23 3.79
N ILE A 275 2.26 -11.95 4.32
CA ILE A 275 3.43 -12.84 4.27
C ILE A 275 4.08 -12.86 5.65
N VAL A 276 4.39 -14.02 6.20
CA VAL A 276 4.97 -14.18 7.54
C VAL A 276 6.37 -14.75 7.45
N LEU A 277 7.36 -14.02 7.95
CA LEU A 277 8.79 -14.31 7.88
C LEU A 277 9.41 -14.20 9.26
N ASN A 278 10.56 -14.85 9.47
CA ASN A 278 11.43 -14.50 10.59
C ASN A 278 12.13 -13.17 10.29
N PRO A 279 12.41 -12.27 11.27
CA PRO A 279 13.03 -10.97 11.00
C PRO A 279 14.39 -11.05 10.31
N ARG A 280 15.14 -12.13 10.54
CA ARG A 280 16.41 -12.43 9.87
C ARG A 280 16.21 -12.68 8.39
N ASP A 281 15.21 -13.47 8.02
CA ASP A 281 14.86 -13.76 6.63
C ASP A 281 14.28 -12.56 5.92
N TRP A 282 13.44 -11.75 6.58
CA TRP A 282 12.97 -10.50 6.01
C TRP A 282 14.10 -9.52 5.73
N HIS A 283 15.09 -9.36 6.61
CA HIS A 283 16.30 -8.56 6.33
C HIS A 283 17.09 -9.08 5.14
N ASN A 284 17.30 -10.40 5.03
CA ASN A 284 17.99 -11.02 3.90
C ASN A 284 17.20 -10.97 2.58
N ILE A 285 15.89 -10.71 2.61
CA ILE A 285 15.06 -10.45 1.42
C ILE A 285 15.06 -8.96 1.08
N ALA A 286 14.75 -8.06 2.02
CA ALA A 286 14.48 -6.67 1.69
C ALA A 286 15.68 -5.95 1.05
N LEU A 287 16.90 -6.22 1.53
CA LEU A 287 18.14 -5.59 1.05
C LEU A 287 18.74 -6.27 -0.20
N LEU A 288 18.00 -7.13 -0.89
CA LEU A 288 18.43 -7.89 -2.07
C LEU A 288 18.45 -7.05 -3.36
N LYS A 289 19.49 -7.21 -4.20
CA LYS A 289 19.67 -6.54 -5.49
C LYS A 289 19.50 -7.53 -6.64
N ASP A 290 18.85 -7.09 -7.73
CA ASP A 290 18.97 -7.77 -9.02
C ASP A 290 20.31 -7.40 -9.69
N ASN A 291 20.74 -8.23 -10.63
CA ASN A 291 22.09 -8.32 -11.15
C ASN A 291 22.65 -7.04 -11.80
N GLU A 292 21.81 -6.05 -12.12
CA GLU A 292 22.29 -4.71 -12.49
C GLU A 292 23.12 -4.03 -11.39
N GLY A 293 22.85 -4.35 -10.12
CA GLY A 293 23.31 -3.60 -8.94
C GLY A 293 22.25 -2.66 -8.37
N ARG A 294 20.97 -3.06 -8.42
CA ARG A 294 19.81 -2.25 -8.01
C ARG A 294 18.85 -3.06 -7.13
N TYR A 295 18.27 -2.46 -6.10
CA TYR A 295 17.37 -3.15 -5.17
C TYR A 295 16.13 -3.68 -5.88
N ILE A 296 15.64 -4.86 -5.50
CA ILE A 296 14.35 -5.40 -5.95
C ILE A 296 13.20 -4.64 -5.26
N PHE A 297 13.18 -4.59 -3.92
CA PHE A 297 12.13 -3.94 -3.13
C PHE A 297 12.47 -2.48 -2.79
N GLY A 298 13.64 -2.25 -2.22
CA GLY A 298 14.18 -0.95 -1.81
C GLY A 298 15.35 -1.12 -0.82
N GLY A 299 15.90 -0.03 -0.31
CA GLY A 299 16.98 -0.06 0.69
C GLY A 299 16.46 -0.33 2.11
N PRO A 300 17.06 0.25 3.17
CA PRO A 300 16.49 0.13 4.52
C PRO A 300 15.05 0.67 4.60
N GLN A 301 14.64 1.53 3.67
CA GLN A 301 13.28 2.05 3.54
C GLN A 301 12.27 0.99 3.03
N ALA A 302 12.75 -0.18 2.60
CA ALA A 302 11.96 -1.38 2.39
C ALA A 302 11.93 -2.36 3.57
N PHE A 303 13.01 -2.46 4.37
CA PHE A 303 13.02 -3.29 5.58
C PHE A 303 12.17 -2.68 6.70
N THR A 304 12.30 -1.37 6.92
CA THR A 304 11.29 -0.57 7.61
C THR A 304 10.09 -0.36 6.68
N SER A 305 8.90 -0.02 7.20
CA SER A 305 7.65 0.05 6.41
C SER A 305 7.36 -1.24 5.65
N ASN A 306 6.97 -2.28 6.39
CA ASN A 306 6.96 -3.70 6.02
C ASN A 306 5.96 -4.08 4.90
N ILE A 307 6.29 -3.79 3.64
CA ILE A 307 5.50 -4.10 2.45
C ILE A 307 6.38 -4.81 1.41
N MET A 308 5.94 -5.94 0.88
CA MET A 308 6.58 -6.65 -0.23
C MET A 308 5.59 -6.82 -1.38
N TRP A 309 5.85 -6.21 -2.55
CA TRP A 309 4.94 -6.21 -3.70
C TRP A 309 3.49 -5.82 -3.35
N GLY A 310 3.32 -4.83 -2.46
CA GLY A 310 2.01 -4.33 -2.04
C GLY A 310 1.25 -5.22 -1.05
N LEU A 311 1.85 -6.30 -0.53
CA LEU A 311 1.32 -7.15 0.53
C LEU A 311 2.00 -6.85 1.88
N PRO A 312 1.27 -6.77 3.00
CA PRO A 312 1.87 -6.64 4.32
C PRO A 312 2.81 -7.79 4.65
N VAL A 313 3.98 -7.47 5.21
CA VAL A 313 4.87 -8.45 5.80
C VAL A 313 4.74 -8.38 7.31
N VAL A 314 4.57 -9.53 7.96
CA VAL A 314 4.65 -9.66 9.42
C VAL A 314 5.96 -10.37 9.75
N PRO A 315 7.01 -9.65 10.18
CA PRO A 315 8.23 -10.27 10.66
C PRO A 315 8.08 -10.60 12.15
N THR A 316 8.21 -11.85 12.55
CA THR A 316 8.01 -12.26 13.95
C THR A 316 8.95 -13.36 14.40
N LYS A 317 9.36 -13.37 15.67
CA LYS A 317 10.21 -14.41 16.28
C LYS A 317 9.53 -15.79 16.29
N ALA A 318 8.19 -15.81 16.27
CA ALA A 318 7.37 -17.01 16.25
C ALA A 318 7.57 -17.86 14.98
N GLN A 319 7.83 -17.22 13.84
CA GLN A 319 8.17 -17.93 12.61
C GLN A 319 9.59 -18.47 12.72
N ALA A 320 9.79 -19.78 12.65
CA ALA A 320 11.14 -20.36 12.68
C ALA A 320 11.96 -19.90 11.47
N ALA A 321 13.26 -19.67 11.66
CA ALA A 321 14.14 -19.25 10.57
C ALA A 321 14.16 -20.28 9.43
N GLY A 322 14.13 -19.81 8.19
CA GLY A 322 14.04 -20.64 6.99
C GLY A 322 12.62 -21.06 6.61
N THR A 323 11.59 -20.85 7.44
CA THR A 323 10.19 -21.12 7.13
C THR A 323 9.45 -19.85 6.70
N PHE A 324 8.63 -19.92 5.66
CA PHE A 324 7.73 -18.84 5.24
C PHE A 324 6.27 -19.30 5.25
N THR A 325 5.34 -18.37 5.43
CA THR A 325 3.89 -18.63 5.29
C THR A 325 3.23 -17.49 4.54
N VAL A 326 2.38 -17.78 3.56
CA VAL A 326 1.65 -16.78 2.78
C VAL A 326 0.24 -17.28 2.57
N GLY A 327 -0.75 -16.41 2.60
CA GLY A 327 -2.13 -16.86 2.46
C GLY A 327 -3.15 -15.76 2.31
N GLY A 328 -4.38 -16.16 1.97
CA GLY A 328 -5.55 -15.30 1.94
C GLY A 328 -6.17 -15.16 3.33
N PHE A 329 -5.40 -14.71 4.31
CA PHE A 329 -5.70 -14.83 5.74
C PHE A 329 -7.02 -14.19 6.16
N ASP A 330 -7.44 -13.09 5.55
CA ASP A 330 -8.68 -12.37 5.89
C ASP A 330 -9.95 -13.08 5.41
N MET A 331 -9.80 -14.15 4.63
CA MET A 331 -10.88 -14.88 3.98
C MET A 331 -10.80 -16.37 4.30
N ALA A 332 -9.62 -16.91 4.55
CA ALA A 332 -9.40 -18.30 4.91
C ALA A 332 -9.72 -18.64 6.38
N SER A 333 -9.61 -17.69 7.32
CA SER A 333 -9.70 -17.96 8.76
C SER A 333 -10.33 -16.81 9.56
N GLN A 334 -10.91 -17.10 10.71
CA GLN A 334 -11.45 -16.09 11.64
C GLN A 334 -11.09 -16.39 13.10
N VAL A 335 -10.64 -15.38 13.84
CA VAL A 335 -10.52 -15.42 15.31
C VAL A 335 -11.90 -15.10 15.88
N TRP A 336 -12.38 -15.94 16.78
CA TRP A 336 -13.60 -15.71 17.56
C TRP A 336 -13.21 -15.39 19.00
N ASP A 337 -13.60 -14.23 19.49
CA ASP A 337 -13.25 -13.73 20.82
C ASP A 337 -14.48 -13.79 21.73
N ARG A 338 -14.39 -14.42 22.91
CA ARG A 338 -15.51 -14.50 23.87
C ARG A 338 -15.88 -13.16 24.51
N MET A 339 -15.14 -12.08 24.24
CA MET A 339 -15.03 -10.93 25.11
C MET A 339 -14.49 -11.38 26.48
N ASP A 340 -14.87 -10.72 27.58
CA ASP A 340 -14.66 -11.25 28.93
C ASP A 340 -13.18 -11.56 29.24
N ALA A 341 -12.28 -10.65 28.86
CA ALA A 341 -10.90 -10.63 29.33
C ALA A 341 -10.83 -9.99 30.72
N THR A 342 -9.77 -10.25 31.48
CA THR A 342 -9.58 -9.70 32.83
C THR A 342 -8.12 -9.40 33.12
N VAL A 343 -7.89 -8.37 33.92
CA VAL A 343 -6.65 -8.14 34.66
C VAL A 343 -6.95 -8.29 36.14
N GLU A 344 -6.15 -9.04 36.88
CA GLU A 344 -6.41 -9.41 38.27
C GLU A 344 -5.12 -9.33 39.10
N VAL A 345 -5.24 -9.00 40.39
CA VAL A 345 -4.12 -8.93 41.33
C VAL A 345 -4.46 -9.70 42.59
N SER A 346 -3.56 -10.59 43.04
CA SER A 346 -3.79 -11.47 44.20
C SER A 346 -2.56 -11.57 45.10
N ARG A 347 -2.75 -11.53 46.43
CA ARG A 347 -1.69 -11.79 47.42
C ARG A 347 -1.26 -13.26 47.40
N GLU A 348 0.03 -13.52 47.26
CA GLU A 348 0.59 -14.88 47.35
C GLU A 348 0.75 -15.32 48.81
N ASP A 349 -0.17 -16.13 49.33
CA ASP A 349 -0.01 -16.78 50.65
C ASP A 349 1.00 -17.95 50.64
N ARG A 350 1.63 -18.20 49.48
CA ARG A 350 2.65 -19.23 49.21
C ARG A 350 3.96 -19.02 49.98
N ASP A 351 4.28 -17.77 50.31
CA ASP A 351 5.48 -17.25 50.98
C ASP A 351 6.82 -17.97 50.67
N ASN A 352 7.17 -19.04 51.38
CA ASN A 352 8.47 -19.68 51.36
C ASN A 352 9.59 -18.65 51.64
N PHE A 353 10.58 -18.54 50.76
CA PHE A 353 11.72 -17.63 50.90
C PHE A 353 11.37 -16.16 50.58
N VAL A 354 10.36 -15.91 49.74
CA VAL A 354 10.03 -14.57 49.21
C VAL A 354 8.90 -13.91 50.01
N LYS A 355 9.25 -12.92 50.84
CA LYS A 355 8.31 -12.18 51.70
C LYS A 355 7.59 -11.06 50.94
N ASN A 356 6.33 -10.78 51.30
CA ASN A 356 5.51 -9.68 50.77
C ASN A 356 5.24 -9.72 49.24
N MET A 357 5.16 -10.94 48.69
CA MET A 357 4.94 -11.27 47.28
C MET A 357 3.50 -10.94 46.81
N LEU A 358 3.34 -10.44 45.60
CA LEU A 358 2.05 -10.13 44.96
C LEU A 358 2.06 -10.64 43.50
N THR A 359 1.01 -11.32 43.02
CA THR A 359 0.92 -11.77 41.62
C THR A 359 -0.07 -10.93 40.84
N ILE A 360 0.32 -10.52 39.63
CA ILE A 360 -0.54 -9.82 38.66
C ILE A 360 -0.75 -10.72 37.44
N LEU A 361 -1.98 -10.90 36.98
CA LEU A 361 -2.37 -11.85 35.92
C LEU A 361 -3.32 -11.18 34.92
N CYS A 362 -3.15 -11.45 33.63
CA CYS A 362 -4.15 -11.13 32.63
C CYS A 362 -4.42 -12.31 31.68
N GLU A 363 -5.66 -12.46 31.24
CA GLU A 363 -6.06 -13.58 30.40
C GLU A 363 -7.22 -13.23 29.44
N GLU A 364 -7.25 -13.89 28.28
CA GLU A 364 -8.30 -13.75 27.25
C GLU A 364 -8.70 -15.11 26.67
N ARG A 365 -9.93 -15.21 26.16
CA ARG A 365 -10.54 -16.45 25.68
C ARG A 365 -10.85 -16.38 24.18
N LEU A 366 -10.26 -17.28 23.39
CA LEU A 366 -10.25 -17.24 21.92
C LEU A 366 -10.53 -18.61 21.30
N ALA A 367 -11.11 -18.65 20.11
CA ALA A 367 -11.08 -19.78 19.20
C ALA A 367 -10.57 -19.32 17.82
N LEU A 368 -9.91 -20.19 17.05
CA LEU A 368 -9.55 -19.92 15.66
C LEU A 368 -10.26 -20.92 14.74
N ALA A 369 -11.03 -20.43 13.77
CA ALA A 369 -11.75 -21.24 12.79
C ALA A 369 -11.11 -21.14 11.40
N HIS A 370 -10.69 -22.26 10.80
CA HIS A 370 -10.11 -22.29 9.46
C HIS A 370 -11.13 -22.83 8.47
N TYR A 371 -11.61 -21.99 7.58
CA TYR A 371 -12.70 -22.29 6.66
C TYR A 371 -12.21 -22.91 5.35
N ARG A 372 -10.99 -22.60 4.89
CA ARG A 372 -10.42 -23.14 3.65
C ARG A 372 -8.88 -23.23 3.74
N PRO A 373 -8.30 -24.30 4.28
CA PRO A 373 -6.84 -24.40 4.49
C PRO A 373 -6.00 -24.40 3.21
N THR A 374 -6.60 -24.61 2.04
CA THR A 374 -5.95 -24.55 0.73
C THR A 374 -5.47 -23.12 0.39
N ALA A 375 -6.01 -22.11 1.06
CA ALA A 375 -5.65 -20.71 0.92
C ALA A 375 -4.47 -20.26 1.79
N ILE A 376 -3.84 -21.15 2.56
CA ILE A 376 -2.67 -20.86 3.40
C ILE A 376 -1.55 -21.81 2.98
N ILE A 377 -0.45 -21.28 2.48
CA ILE A 377 0.70 -22.04 1.97
C ILE A 377 1.87 -21.90 2.95
N LYS A 378 2.51 -23.01 3.34
CA LYS A 378 3.70 -23.05 4.19
C LYS A 378 4.85 -23.69 3.44
N GLY A 379 6.04 -23.11 3.49
CA GLY A 379 7.21 -23.67 2.84
C GLY A 379 8.49 -23.31 3.57
N THR A 380 9.62 -23.80 3.06
CA THR A 380 10.94 -23.41 3.55
C THR A 380 11.86 -22.99 2.41
N PHE A 381 12.71 -22.01 2.67
CA PHE A 381 13.81 -21.64 1.78
C PHE A 381 14.93 -22.69 1.87
N SER A 382 15.56 -23.06 0.75
CA SER A 382 16.55 -24.14 0.70
C SER A 382 17.79 -23.91 1.56
N SER A 383 18.24 -22.66 1.69
CA SER A 383 19.20 -22.21 2.72
C SER A 383 19.03 -20.73 3.06
N SER B 76 7.43 25.35 23.27
CA SER B 76 8.64 24.51 23.09
C SER B 76 9.43 24.36 24.39
N PHE B 77 10.20 23.28 24.56
CA PHE B 77 10.95 22.99 25.79
C PHE B 77 12.06 24.00 26.08
N SER B 78 12.87 24.32 25.06
CA SER B 78 14.01 25.24 25.17
C SER B 78 13.59 26.68 25.52
N GLU B 79 12.44 27.12 24.99
CA GLU B 79 11.73 28.37 25.35
C GLU B 79 11.36 28.40 26.84
N ARG B 80 10.58 27.43 27.33
CA ARG B 80 10.13 27.37 28.73
C ARG B 80 11.28 27.25 29.70
N ALA B 81 12.27 26.41 29.40
CA ALA B 81 13.46 26.26 30.22
C ALA B 81 14.20 27.58 30.38
N ALA B 82 14.45 28.31 29.29
CA ALA B 82 15.15 29.60 29.33
C ALA B 82 14.37 30.66 30.11
N GLU B 83 13.05 30.75 29.93
CA GLU B 83 12.21 31.65 30.71
C GLU B 83 12.29 31.35 32.22
N GLU B 84 12.13 30.10 32.64
CA GLU B 84 12.13 29.78 34.06
C GLU B 84 13.52 29.90 34.71
N LEU B 85 14.59 29.62 33.96
CA LEU B 85 15.97 29.90 34.38
C LEU B 85 16.15 31.39 34.67
N ILE B 86 15.83 32.31 33.75
CA ILE B 86 16.03 33.75 34.02
C ILE B 86 15.07 34.28 35.08
N LYS B 87 13.84 33.77 35.15
CA LYS B 87 12.85 34.12 36.18
C LYS B 87 13.30 33.73 37.58
N SER B 88 13.87 32.54 37.74
CA SER B 88 14.34 32.02 39.04
C SER B 88 15.72 32.52 39.45
N TRP B 89 16.55 32.96 38.52
CA TRP B 89 17.96 33.33 38.77
C TRP B 89 18.10 34.43 39.83
N ASP B 90 19.02 34.23 40.76
CA ASP B 90 19.36 35.21 41.80
C ASP B 90 20.85 35.13 42.16
N GLY B 91 21.69 35.83 41.38
CA GLY B 91 23.10 36.13 41.68
C GLY B 91 24.10 34.97 41.55
N LYS B 92 23.70 33.73 41.85
CA LYS B 92 24.58 32.56 41.87
C LYS B 92 23.94 31.24 41.44
N GLN B 93 22.62 31.11 41.47
CA GLN B 93 21.91 29.91 41.02
C GLN B 93 20.52 30.21 40.43
N GLY B 94 19.97 29.26 39.66
CA GLY B 94 18.60 29.23 39.16
C GLY B 94 18.20 27.81 38.72
N THR B 95 16.92 27.52 38.55
CA THR B 95 16.45 26.13 38.27
C THR B 95 15.12 26.06 37.50
N PHE B 96 14.97 25.00 36.69
CA PHE B 96 13.75 24.56 36.03
C PHE B 96 13.54 23.07 36.31
N GLY B 97 12.31 22.64 36.61
CA GLY B 97 11.95 21.24 36.80
C GLY B 97 11.29 20.64 35.57
N ALA B 98 11.73 19.44 35.16
CA ALA B 98 11.24 18.72 34.00
C ALA B 98 10.90 17.25 34.34
N LYS B 99 9.74 16.75 33.93
CA LYS B 99 9.39 15.33 34.08
C LYS B 99 10.14 14.48 33.04
N THR B 100 11.36 14.09 33.38
CA THR B 100 12.35 13.36 32.55
C THR B 100 12.78 14.08 31.25
N PHE B 101 13.87 13.59 30.66
CA PHE B 101 14.34 13.93 29.32
C PHE B 101 14.06 12.81 28.29
N ASN B 102 13.59 11.63 28.71
CA ASN B 102 13.19 10.54 27.83
C ASN B 102 11.85 10.84 27.14
N LYS B 103 11.86 11.06 25.83
CA LYS B 103 10.64 11.21 25.00
C LYS B 103 10.14 9.86 24.50
N SER B 104 8.84 9.79 24.21
CA SER B 104 8.08 8.52 24.13
C SER B 104 8.15 7.73 25.44
N LEU B 105 7.87 8.42 26.54
CA LEU B 105 7.73 7.82 27.86
C LEU B 105 6.50 6.90 27.90
N ARG B 131 21.76 5.82 15.08
CA ARG B 131 21.94 4.77 16.08
C ARG B 131 20.98 4.91 17.28
N LEU B 132 20.72 3.78 17.94
CA LEU B 132 20.06 3.74 19.25
C LEU B 132 21.06 3.95 20.38
N THR B 133 20.54 4.26 21.56
CA THR B 133 21.27 4.19 22.84
C THR B 133 20.93 2.90 23.59
N ILE B 134 21.72 2.53 24.60
CA ILE B 134 21.43 1.39 25.47
C ILE B 134 20.02 1.50 26.09
N ARG B 135 19.61 2.69 26.53
CA ARG B 135 18.28 2.93 27.13
C ARG B 135 17.12 2.72 26.16
N ASP B 136 17.35 2.69 24.85
CA ASP B 136 16.33 2.36 23.86
C ASP B 136 16.09 0.84 23.72
N LEU B 137 17.07 -0.01 24.07
CA LEU B 137 16.91 -1.48 24.06
C LEU B 137 16.07 -2.02 25.23
N LEU B 138 16.15 -1.38 26.39
CA LEU B 138 15.53 -1.81 27.65
C LEU B 138 14.05 -1.39 27.73
N ALA B 139 13.22 -2.08 28.52
CA ALA B 139 11.87 -1.62 28.84
C ALA B 139 11.89 -0.35 29.72
N GLN B 140 10.86 0.50 29.65
CA GLN B 140 10.75 1.72 30.45
C GLN B 140 9.73 1.60 31.58
N GLY B 141 9.93 2.31 32.68
CA GLY B 141 9.01 2.39 33.81
C GLY B 141 9.09 3.70 34.56
N ARG B 142 8.04 4.01 35.32
CA ARG B 142 7.83 5.27 36.04
C ARG B 142 7.57 4.98 37.52
N THR B 143 8.14 5.74 38.46
CA THR B 143 8.11 5.41 39.90
C THR B 143 7.99 6.65 40.78
N SER B 144 7.38 6.52 41.96
CA SER B 144 7.20 7.58 42.96
C SER B 144 7.98 7.33 44.26
N SER B 145 8.93 6.40 44.28
CA SER B 145 9.74 6.05 45.45
C SER B 145 11.22 5.88 45.10
N ASN B 146 12.12 6.27 45.99
CA ASN B 146 13.57 6.22 45.76
C ASN B 146 14.18 4.82 45.95
N ALA B 147 13.37 3.82 46.27
CA ALA B 147 13.71 2.40 46.23
C ALA B 147 12.57 1.60 45.57
N LEU B 148 12.95 0.46 44.99
CA LEU B 148 12.09 -0.49 44.29
C LEU B 148 12.38 -1.91 44.80
N GLU B 149 11.34 -2.68 45.09
CA GLU B 149 11.42 -4.11 45.38
C GLU B 149 10.94 -4.92 44.17
N TYR B 150 11.70 -5.92 43.75
CA TYR B 150 11.37 -6.74 42.59
C TYR B 150 11.81 -8.19 42.78
N VAL B 151 11.24 -9.08 41.96
CA VAL B 151 11.49 -10.52 41.99
C VAL B 151 12.29 -10.90 40.75
N ARG B 152 13.48 -11.48 40.93
CA ARG B 152 14.32 -12.02 39.86
C ARG B 152 14.00 -13.50 39.65
N GLU B 153 14.11 -13.97 38.41
CA GLU B 153 13.96 -15.38 38.03
C GLU B 153 15.32 -15.98 37.70
N GLU B 154 15.64 -17.16 38.23
CA GLU B 154 16.81 -17.92 37.80
C GLU B 154 16.39 -19.16 37.01
N VAL B 155 17.10 -19.46 35.92
CA VAL B 155 16.91 -20.64 35.09
C VAL B 155 18.17 -21.51 35.18
N PHE B 156 18.04 -22.80 35.53
CA PHE B 156 19.14 -23.77 35.53
C PHE B 156 19.58 -24.13 34.10
N THR B 157 20.88 -24.06 33.81
CA THR B 157 21.45 -24.25 32.45
C THR B 157 22.74 -25.08 32.47
N ASP B 173 14.91 -25.94 36.02
CA ASP B 173 13.66 -25.17 35.97
C ASP B 173 13.74 -23.86 36.78
N ILE B 174 12.71 -23.01 36.65
CA ILE B 174 12.56 -21.71 37.31
C ILE B 174 12.68 -21.77 38.83
N THR B 175 13.28 -20.72 39.40
CA THR B 175 13.32 -20.37 40.83
C THR B 175 13.24 -18.83 40.95
N PHE B 176 12.82 -18.31 42.11
CA PHE B 176 12.63 -16.88 42.35
C PHE B 176 13.42 -16.36 43.56
N SER B 177 13.90 -15.12 43.49
CA SER B 177 14.56 -14.42 44.59
C SER B 177 14.16 -12.95 44.66
N LYS B 178 14.12 -12.36 45.85
CA LYS B 178 13.95 -10.90 46.00
C LYS B 178 15.25 -10.19 45.70
N GLN B 179 15.13 -9.06 45.02
CA GLN B 179 16.19 -8.10 44.80
C GLN B 179 15.63 -6.69 45.04
N THR B 180 16.50 -5.70 45.17
CA THR B 180 16.11 -4.29 45.31
C THR B 180 17.02 -3.39 44.47
N ALA B 181 16.44 -2.35 43.89
CA ALA B 181 17.15 -1.31 43.15
C ALA B 181 16.90 0.04 43.83
N ASN B 182 17.97 0.79 44.04
CA ASN B 182 17.96 2.11 44.65
C ASN B 182 18.19 3.14 43.56
N VAL B 183 17.45 4.24 43.61
CA VAL B 183 17.53 5.31 42.61
C VAL B 183 18.81 6.12 42.76
N LYS B 184 19.58 6.25 41.69
CA LYS B 184 20.89 6.92 41.62
C LYS B 184 20.82 8.13 40.68
N THR B 185 21.65 9.14 40.91
CA THR B 185 21.66 10.38 40.12
C THR B 185 22.61 10.30 38.92
N ILE B 186 22.18 10.81 37.77
CA ILE B 186 23.02 10.97 36.57
C ILE B 186 22.95 12.45 36.17
N ALA B 187 24.09 13.09 35.94
CA ALA B 187 24.14 14.49 35.58
C ALA B 187 25.15 14.75 34.46
N HIS B 188 24.83 15.68 33.55
CA HIS B 188 25.73 16.20 32.52
C HIS B 188 25.76 17.72 32.58
N TRP B 189 26.93 18.33 32.39
CA TRP B 189 27.10 19.79 32.41
C TRP B 189 27.83 20.32 31.17
N VAL B 190 27.50 21.57 30.84
CA VAL B 190 28.10 22.39 29.79
C VAL B 190 28.50 23.73 30.42
N GLN B 191 29.63 24.31 30.00
CA GLN B 191 30.06 25.63 30.44
C GLN B 191 29.81 26.68 29.36
N ALA B 192 29.32 27.84 29.78
CA ALA B 192 28.97 28.98 28.94
C ALA B 192 29.55 30.27 29.52
N SER B 193 29.67 31.35 28.76
CA SER B 193 30.05 32.64 29.36
C SER B 193 28.87 33.24 30.15
N ARG B 194 29.13 34.02 31.20
CA ARG B 194 28.09 34.57 32.09
C ARG B 194 27.07 35.48 31.39
N GLN B 195 27.40 36.03 30.22
CA GLN B 195 26.48 36.84 29.40
C GLN B 195 25.19 36.11 29.06
N VAL B 196 25.20 34.77 29.03
CA VAL B 196 24.04 33.92 28.79
C VAL B 196 22.86 34.25 29.71
N MET B 197 23.09 34.61 30.98
CA MET B 197 22.01 34.96 31.93
C MET B 197 21.38 36.34 31.71
N ASP B 198 21.97 37.18 30.85
CA ASP B 198 21.49 38.51 30.49
C ASP B 198 21.02 38.61 29.02
N ASP B 199 20.94 37.49 28.30
CA ASP B 199 20.49 37.43 26.91
C ASP B 199 19.69 36.14 26.63
N ALA B 200 18.37 36.17 26.87
CA ALA B 200 17.54 34.96 26.88
C ALA B 200 17.59 34.09 25.59
N PRO B 201 17.63 34.64 24.35
CA PRO B 201 17.90 33.86 23.14
C PRO B 201 19.26 33.15 23.13
N MET B 202 20.28 33.66 23.82
CA MET B 202 21.54 32.96 23.97
C MET B 202 21.42 31.75 24.92
N LEU B 203 20.54 31.82 25.94
CA LEU B 203 20.20 30.64 26.77
C LEU B 203 19.51 29.56 25.94
N GLN B 204 18.45 29.91 25.21
CA GLN B 204 17.74 28.98 24.33
C GLN B 204 18.70 28.29 23.34
N SER B 205 19.72 29.01 22.87
CA SER B 205 20.76 28.47 21.99
C SER B 205 21.69 27.46 22.65
N TYR B 206 21.84 27.45 23.98
CA TYR B 206 22.59 26.44 24.76
C TYR B 206 21.71 25.29 25.26
N ILE B 207 20.44 25.53 25.59
CA ILE B 207 19.47 24.47 25.93
C ILE B 207 18.98 23.81 24.63
N ASN B 208 19.81 22.95 24.03
CA ASN B 208 19.61 22.36 22.69
C ASN B 208 19.94 20.86 22.65
N ASN B 209 19.78 20.19 21.49
CA ASN B 209 20.01 18.75 21.30
C ASN B 209 21.38 18.23 21.74
N ARG B 210 22.43 19.05 21.68
CA ARG B 210 23.80 18.71 22.13
C ARG B 210 23.89 18.50 23.65
N LEU B 211 23.16 19.31 24.43
CA LEU B 211 23.04 19.13 25.88
C LEU B 211 22.31 17.82 26.20
N MET B 212 21.21 17.53 25.51
CA MET B 212 20.45 16.30 25.74
C MET B 212 21.20 15.03 25.32
N TYR B 213 21.85 15.01 24.16
CA TYR B 213 22.65 13.88 23.70
C TYR B 213 23.84 13.59 24.64
N GLY B 214 24.43 14.61 25.26
CA GLY B 214 25.44 14.40 26.30
C GLY B 214 24.93 13.61 27.50
N LEU B 215 23.72 13.87 27.99
CA LEU B 215 23.14 13.08 29.08
C LEU B 215 22.84 11.64 28.63
N ALA B 216 22.31 11.46 27.42
CA ALA B 216 22.07 10.14 26.84
C ALA B 216 23.36 9.30 26.68
N LEU B 217 24.52 9.93 26.50
CA LEU B 217 25.84 9.30 26.48
C LEU B 217 26.40 9.05 27.88
N LYS B 218 26.06 9.89 28.85
CA LYS B 218 26.46 9.77 30.26
C LYS B 218 25.77 8.59 30.94
N GLU B 219 24.45 8.44 30.76
CA GLU B 219 23.69 7.32 31.35
C GLU B 219 24.03 5.99 30.70
N GLU B 220 24.36 5.97 29.42
CA GLU B 220 24.74 4.77 28.68
C GLU B 220 26.00 4.09 29.25
N GLY B 221 26.91 4.84 29.88
CA GLY B 221 28.06 4.27 30.58
C GLY B 221 27.71 3.61 31.92
N GLN B 222 26.69 4.12 32.62
CA GLN B 222 26.18 3.56 33.87
C GLN B 222 25.32 2.32 33.64
N LEU B 223 24.36 2.36 32.71
CA LEU B 223 23.51 1.22 32.38
C LEU B 223 24.31 0.02 31.86
N LEU B 224 25.40 0.27 31.13
CA LEU B 224 26.21 -0.79 30.52
C LEU B 224 27.30 -1.32 31.48
N ASN B 225 28.15 -0.46 32.06
CA ASN B 225 29.32 -0.87 32.86
C ASN B 225 29.24 -0.59 34.37
N GLY B 226 28.18 0.03 34.88
CA GLY B 226 28.14 0.44 36.29
C GLY B 226 28.30 -0.74 37.27
N ASP B 227 29.03 -0.53 38.37
CA ASP B 227 29.04 -1.41 39.54
C ASP B 227 27.98 -0.95 40.56
N GLY B 228 27.45 -1.83 41.40
CA GLY B 228 26.35 -1.50 42.32
C GLY B 228 26.71 -0.67 43.56
N THR B 229 27.90 -0.05 43.58
CA THR B 229 28.57 0.50 44.77
C THR B 229 28.51 2.03 44.84
N GLY B 230 28.20 2.59 46.02
CA GLY B 230 28.06 4.03 46.21
C GLY B 230 26.95 4.64 45.35
N ASP B 231 27.27 5.71 44.63
CA ASP B 231 26.34 6.49 43.81
C ASP B 231 26.23 5.97 42.35
N ASN B 232 26.37 4.65 42.13
CA ASN B 232 26.38 3.98 40.82
C ASN B 232 25.22 2.98 40.62
N LEU B 233 24.76 2.81 39.38
CA LEU B 233 23.83 1.74 38.97
C LEU B 233 24.57 0.41 38.78
N GLU B 234 23.91 -0.71 39.05
CA GLU B 234 24.37 -2.04 38.65
C GLU B 234 24.10 -2.27 37.15
N GLY B 235 25.15 -2.40 36.34
CA GLY B 235 25.03 -2.43 34.88
C GLY B 235 24.92 -3.83 34.29
N LEU B 236 24.44 -3.90 33.05
CA LEU B 236 24.16 -5.16 32.35
C LEU B 236 25.39 -6.07 32.27
N ASN B 237 26.59 -5.55 32.05
CA ASN B 237 27.81 -6.35 31.99
C ASN B 237 28.22 -6.99 33.33
N LYS B 238 27.76 -6.50 34.47
CA LYS B 238 28.01 -7.15 35.77
C LYS B 238 27.19 -8.44 35.92
N VAL B 239 25.87 -8.36 35.67
CA VAL B 239 24.94 -9.48 35.85
C VAL B 239 24.98 -10.51 34.72
N ALA B 240 25.50 -10.16 33.54
CA ALA B 240 25.51 -11.02 32.36
C ALA B 240 26.12 -12.41 32.60
N THR B 241 25.52 -13.42 31.99
CA THR B 241 26.04 -14.79 31.93
C THR B 241 27.24 -14.87 30.98
N ALA B 242 28.27 -15.61 31.35
CA ALA B 242 29.44 -15.77 30.50
C ALA B 242 29.11 -16.55 29.21
N TYR B 243 29.70 -16.12 28.10
CA TYR B 243 29.60 -16.81 26.83
C TYR B 243 30.15 -18.24 26.96
N ASP B 244 29.36 -19.24 26.57
CA ASP B 244 29.78 -20.63 26.60
C ASP B 244 30.72 -20.93 25.43
N THR B 245 32.00 -20.65 25.62
CA THR B 245 33.05 -20.81 24.62
C THR B 245 33.21 -22.23 24.08
N SER B 246 32.58 -23.24 24.69
CA SER B 246 32.52 -24.59 24.13
C SER B 246 31.82 -24.64 22.77
N LEU B 247 31.00 -23.64 22.44
CA LEU B 247 30.30 -23.51 21.16
C LEU B 247 31.23 -23.17 19.98
N ASN B 248 32.45 -22.68 20.24
CA ASN B 248 33.38 -22.27 19.19
C ASN B 248 33.90 -23.46 18.36
N ALA B 249 34.27 -23.18 17.11
CA ALA B 249 35.03 -24.06 16.23
C ALA B 249 36.26 -23.35 15.66
N THR B 250 37.30 -24.10 15.31
CA THR B 250 38.42 -23.60 14.50
C THR B 250 37.89 -23.17 13.13
N GLY B 251 38.08 -21.90 12.78
CA GLY B 251 37.54 -21.31 11.54
C GLY B 251 36.26 -20.50 11.70
N ASP B 252 35.75 -20.32 12.93
CA ASP B 252 34.74 -19.29 13.21
C ASP B 252 35.31 -17.88 13.06
N THR B 253 34.55 -17.01 12.40
CA THR B 253 34.79 -15.56 12.36
C THR B 253 34.17 -14.91 13.60
N ARG B 254 34.45 -13.63 13.81
CA ARG B 254 33.80 -12.85 14.88
C ARG B 254 32.27 -12.76 14.73
N ALA B 255 31.75 -12.82 13.52
CA ALA B 255 30.31 -12.92 13.29
C ALA B 255 29.76 -14.30 13.69
N ASP B 256 30.47 -15.41 13.40
CA ASP B 256 30.06 -16.72 13.91
C ASP B 256 30.00 -16.77 15.45
N ILE B 257 30.95 -16.16 16.16
CA ILE B 257 30.90 -16.07 17.63
C ILE B 257 29.64 -15.33 18.11
N ILE B 258 29.23 -14.24 17.46
CA ILE B 258 27.96 -13.57 17.74
C ILE B 258 26.76 -14.49 17.46
N ALA B 259 26.76 -15.28 16.38
CA ALA B 259 25.69 -16.23 16.11
C ALA B 259 25.56 -17.29 17.22
N HIS B 260 26.66 -17.85 17.70
CA HIS B 260 26.67 -18.75 18.85
C HIS B 260 26.14 -18.08 20.12
N ALA B 261 26.52 -16.84 20.40
CA ALA B 261 26.01 -16.10 21.54
C ALA B 261 24.50 -15.81 21.43
N ILE B 262 23.96 -15.55 20.23
CA ILE B 262 22.51 -15.40 19.99
C ILE B 262 21.78 -16.72 20.27
N TYR B 263 22.37 -17.86 19.89
CA TYR B 263 21.82 -19.16 20.27
C TYR B 263 21.78 -19.35 21.80
N GLN B 264 22.86 -19.05 22.53
CA GLN B 264 22.90 -19.24 23.98
C GLN B 264 21.84 -18.45 24.73
N VAL B 265 21.39 -17.28 24.25
CA VAL B 265 20.29 -16.53 24.90
C VAL B 265 19.03 -17.37 25.05
N THR B 266 18.74 -18.28 24.11
CA THR B 266 17.51 -19.09 24.11
C THR B 266 17.42 -20.05 25.31
N GLU B 267 18.53 -20.38 25.95
CA GLU B 267 18.59 -21.25 27.13
C GLU B 267 17.98 -20.59 28.38
N SER B 268 17.77 -19.28 28.35
CA SER B 268 16.98 -18.50 29.32
C SER B 268 15.46 -18.54 29.08
N GLU B 269 15.03 -19.14 27.96
CA GLU B 269 13.67 -19.12 27.40
C GLU B 269 13.21 -17.79 26.77
N PHE B 270 14.02 -16.73 26.84
CA PHE B 270 13.85 -15.50 26.04
C PHE B 270 14.69 -15.55 24.75
N SER B 271 14.45 -14.63 23.82
CA SER B 271 15.22 -14.49 22.56
C SER B 271 15.87 -13.11 22.44
N ALA B 272 16.99 -13.01 21.72
CA ALA B 272 17.78 -11.79 21.60
C ALA B 272 17.02 -10.62 20.95
N SER B 273 17.29 -9.39 21.39
CA SER B 273 16.66 -8.15 20.90
C SER B 273 17.65 -7.03 20.58
N GLY B 274 18.95 -7.28 20.64
CA GLY B 274 19.98 -6.29 20.37
C GLY B 274 21.36 -6.84 20.59
N ILE B 275 22.37 -6.14 20.07
CA ILE B 275 23.79 -6.50 20.17
C ILE B 275 24.58 -5.23 20.53
N VAL B 276 25.51 -5.29 21.48
CA VAL B 276 26.32 -4.15 21.92
C VAL B 276 27.79 -4.39 21.62
N LEU B 277 28.42 -3.47 20.88
CA LEU B 277 29.78 -3.59 20.34
C LEU B 277 30.59 -2.31 20.53
N ASN B 278 31.91 -2.39 20.50
CA ASN B 278 32.76 -1.22 20.31
C ASN B 278 32.81 -0.82 18.82
N PRO B 279 32.90 0.47 18.43
CA PRO B 279 32.85 0.84 17.02
C PRO B 279 33.99 0.28 16.16
N ARG B 280 35.18 0.03 16.73
CA ARG B 280 36.28 -0.68 16.04
C ARG B 280 35.86 -2.09 15.64
N ASP B 281 35.08 -2.74 16.50
CA ASP B 281 34.66 -4.13 16.32
C ASP B 281 33.49 -4.27 15.37
N TRP B 282 32.51 -3.38 15.43
CA TRP B 282 31.45 -3.31 14.43
C TRP B 282 31.99 -2.98 13.04
N HIS B 283 32.93 -2.04 12.92
CA HIS B 283 33.62 -1.73 11.68
C HIS B 283 34.31 -2.95 11.07
N ASN B 284 35.02 -3.75 11.86
CA ASN B 284 35.68 -4.96 11.37
C ASN B 284 34.73 -6.15 11.14
N ILE B 285 33.53 -6.20 11.73
CA ILE B 285 32.50 -7.18 11.33
C ILE B 285 31.86 -6.76 10.01
N ALA B 286 31.37 -5.53 9.90
CA ALA B 286 30.60 -5.05 8.76
C ALA B 286 31.45 -4.94 7.49
N LEU B 287 32.57 -4.20 7.51
CA LEU B 287 33.43 -3.97 6.34
C LEU B 287 34.28 -5.20 5.96
N LEU B 288 33.97 -6.41 6.43
CA LEU B 288 34.81 -7.59 6.23
C LEU B 288 34.89 -8.02 4.76
N LYS B 289 36.11 -8.05 4.22
CA LYS B 289 36.42 -8.40 2.82
C LYS B 289 36.77 -9.88 2.67
N ASP B 290 36.29 -10.51 1.61
CA ASP B 290 36.54 -11.91 1.26
C ASP B 290 37.87 -12.10 0.50
N ASN B 291 38.25 -13.35 0.26
CA ASN B 291 39.43 -13.75 -0.51
C ASN B 291 39.41 -13.24 -1.96
N GLU B 292 38.25 -13.10 -2.60
CA GLU B 292 38.11 -12.50 -3.94
C GLU B 292 38.01 -10.96 -3.92
N GLY B 293 38.06 -10.32 -2.75
CA GLY B 293 37.99 -8.86 -2.61
C GLY B 293 36.57 -8.25 -2.56
N ARG B 294 35.51 -9.06 -2.52
CA ARG B 294 34.12 -8.64 -2.26
C ARG B 294 33.84 -8.41 -0.76
N TYR B 295 32.79 -7.66 -0.41
CA TYR B 295 32.28 -7.56 0.97
C TYR B 295 31.37 -8.75 1.34
N ILE B 296 31.48 -9.24 2.58
CA ILE B 296 30.70 -10.38 3.10
C ILE B 296 29.42 -9.96 3.84
N PHE B 297 29.52 -9.34 5.02
CA PHE B 297 28.39 -9.09 5.93
C PHE B 297 27.58 -7.83 5.57
N GLY B 298 27.37 -7.62 4.27
CA GLY B 298 27.06 -6.30 3.70
C GLY B 298 28.32 -5.44 3.59
N GLY B 299 28.24 -4.35 2.83
CA GLY B 299 29.33 -3.37 2.75
C GLY B 299 29.20 -2.26 3.80
N PRO B 300 29.69 -1.04 3.53
CA PRO B 300 29.45 0.14 4.35
C PRO B 300 27.98 0.57 4.50
N GLN B 301 27.07 0.02 3.69
CA GLN B 301 25.63 0.18 3.89
C GLN B 301 25.10 -0.61 5.11
N ALA B 302 25.85 -1.60 5.63
CA ALA B 302 25.57 -2.26 6.89
C ALA B 302 26.15 -1.49 8.08
N PHE B 303 27.35 -0.90 7.95
CA PHE B 303 27.98 -0.18 9.05
C PHE B 303 27.18 1.06 9.44
N THR B 304 26.74 1.85 8.46
CA THR B 304 25.70 2.86 8.64
C THR B 304 24.33 2.18 8.68
N SER B 305 23.31 2.74 9.36
CA SER B 305 22.01 2.06 9.56
C SER B 305 22.18 0.65 10.18
N ASN B 306 22.56 0.64 11.46
CA ASN B 306 23.15 -0.45 12.24
C ASN B 306 22.23 -1.66 12.48
N ILE B 307 22.28 -2.65 11.60
CA ILE B 307 21.56 -3.92 11.74
C ILE B 307 22.51 -5.08 11.42
N MET B 308 22.55 -6.10 12.26
CA MET B 308 23.15 -7.40 11.97
C MET B 308 22.09 -8.48 12.21
N TRP B 309 21.79 -9.30 11.19
CA TRP B 309 20.78 -10.37 11.22
C TRP B 309 19.38 -9.95 11.72
N GLY B 310 18.91 -8.79 11.31
CA GLY B 310 17.61 -8.26 11.69
C GLY B 310 17.51 -7.76 13.14
N LEU B 311 18.62 -7.72 13.89
CA LEU B 311 18.70 -7.23 15.27
C LEU B 311 19.38 -5.86 15.34
N PRO B 312 18.89 -4.89 16.13
CA PRO B 312 19.57 -3.62 16.34
C PRO B 312 20.98 -3.81 16.91
N VAL B 313 21.97 -3.14 16.30
CA VAL B 313 23.33 -3.06 16.85
C VAL B 313 23.50 -1.68 17.48
N VAL B 314 24.03 -1.62 18.70
CA VAL B 314 24.38 -0.38 19.41
C VAL B 314 25.91 -0.30 19.49
N PRO B 315 26.59 0.34 18.52
CA PRO B 315 28.02 0.51 18.57
C PRO B 315 28.32 1.71 19.46
N THR B 316 28.94 1.48 20.61
CA THR B 316 29.09 2.50 21.66
C THR B 316 30.50 2.46 22.24
N LYS B 317 31.11 3.63 22.45
CA LYS B 317 32.48 3.74 22.97
C LYS B 317 32.57 3.38 24.46
N ALA B 318 31.43 3.28 25.16
CA ALA B 318 31.35 2.68 26.50
C ALA B 318 31.71 1.18 26.51
N GLN B 319 31.37 0.43 25.46
CA GLN B 319 31.74 -0.97 25.36
C GLN B 319 33.25 -1.09 25.08
N ALA B 320 33.98 -1.84 25.89
CA ALA B 320 35.41 -2.03 25.69
C ALA B 320 35.72 -2.75 24.38
N ALA B 321 36.85 -2.45 23.74
CA ALA B 321 37.26 -3.14 22.53
C ALA B 321 37.58 -4.61 22.82
N GLY B 322 37.13 -5.52 21.96
CA GLY B 322 37.23 -6.97 22.15
C GLY B 322 36.07 -7.59 22.92
N THR B 323 35.13 -6.80 23.47
CA THR B 323 34.00 -7.25 24.28
C THR B 323 32.69 -7.11 23.54
N PHE B 324 31.84 -8.14 23.57
CA PHE B 324 30.50 -8.12 23.01
C PHE B 324 29.45 -8.38 24.09
N THR B 325 28.21 -7.96 23.87
CA THR B 325 27.08 -8.30 24.73
C THR B 325 25.83 -8.47 23.88
N VAL B 326 25.03 -9.49 24.13
CA VAL B 326 23.78 -9.75 23.40
C VAL B 326 22.75 -10.30 24.37
N GLY B 327 21.48 -9.94 24.25
CA GLY B 327 20.49 -10.45 25.19
C GLY B 327 19.05 -10.12 24.87
N GLY B 328 18.14 -10.65 25.67
CA GLY B 328 16.70 -10.36 25.62
C GLY B 328 16.35 -9.05 26.30
N PHE B 329 17.05 -7.97 25.99
CA PHE B 329 16.99 -6.69 26.70
C PHE B 329 15.57 -6.12 26.84
N ASP B 330 14.72 -6.33 25.84
CA ASP B 330 13.34 -5.83 25.84
C ASP B 330 12.44 -6.51 26.88
N MET B 331 12.88 -7.63 27.46
CA MET B 331 12.09 -8.54 28.28
C MET B 331 12.74 -8.84 29.64
N ALA B 332 14.08 -8.87 29.68
CA ALA B 332 14.90 -9.25 30.83
C ALA B 332 15.28 -8.12 31.78
N SER B 333 15.15 -6.84 31.41
CA SER B 333 15.58 -5.69 32.22
C SER B 333 14.70 -4.47 31.99
N GLN B 334 14.62 -3.56 32.96
CA GLN B 334 13.78 -2.35 32.87
C GLN B 334 14.43 -1.16 33.56
N VAL B 335 14.36 0.02 32.94
CA VAL B 335 14.83 1.29 33.51
C VAL B 335 13.63 1.98 34.14
N TRP B 336 13.75 2.34 35.42
CA TRP B 336 12.73 3.02 36.20
C TRP B 336 13.15 4.46 36.46
N ASP B 337 12.31 5.42 36.09
CA ASP B 337 12.60 6.84 36.16
C ASP B 337 11.75 7.52 37.23
N ARG B 338 12.36 8.28 38.15
CA ARG B 338 11.66 8.95 39.24
C ARG B 338 10.75 10.10 38.82
N MET B 339 10.82 10.56 37.57
CA MET B 339 10.46 11.93 37.20
C MET B 339 11.30 12.91 38.06
N ASP B 340 10.85 14.14 38.35
CA ASP B 340 11.60 15.07 39.21
C ASP B 340 13.06 15.37 38.72
N ALA B 341 13.30 15.33 37.40
CA ALA B 341 14.56 15.75 36.77
C ALA B 341 14.63 17.29 36.70
N THR B 342 15.83 17.85 36.59
CA THR B 342 16.05 19.31 36.66
C THR B 342 17.08 19.79 35.65
N VAL B 343 16.84 20.99 35.14
CA VAL B 343 17.84 21.84 34.47
C VAL B 343 18.24 22.94 35.46
N GLU B 344 19.51 23.09 35.72
CA GLU B 344 20.05 23.97 36.76
C GLU B 344 21.20 24.81 36.22
N VAL B 345 21.32 26.05 36.69
CA VAL B 345 22.37 26.97 36.26
C VAL B 345 23.03 27.61 37.46
N SER B 346 24.36 27.71 37.46
CA SER B 346 25.15 28.08 38.63
C SER B 346 26.43 28.86 38.30
N ARG B 347 26.81 29.81 39.17
CA ARG B 347 28.20 30.31 39.29
C ARG B 347 29.05 29.31 40.03
N GLU B 348 30.12 28.81 39.41
CA GLU B 348 30.94 27.71 39.96
C GLU B 348 32.42 27.85 39.58
N ASP B 349 33.27 27.17 40.33
CA ASP B 349 34.72 27.08 40.08
C ASP B 349 35.27 25.70 40.55
N ARG B 350 34.47 24.65 40.33
CA ARG B 350 34.85 23.24 40.57
C ARG B 350 35.41 22.60 39.28
N ASP B 351 36.05 21.44 39.43
CA ASP B 351 36.98 20.81 38.44
C ASP B 351 38.25 21.62 38.12
N ASN B 352 38.24 22.95 38.29
CA ASN B 352 39.38 23.85 38.14
C ASN B 352 39.98 23.89 36.71
N PHE B 353 39.16 23.69 35.68
CA PHE B 353 39.57 23.89 34.28
C PHE B 353 39.52 25.39 33.89
N VAL B 354 38.32 25.95 33.80
CA VAL B 354 38.00 27.24 33.17
C VAL B 354 37.44 28.21 34.21
N LYS B 355 38.05 29.40 34.34
CA LYS B 355 37.66 30.48 35.26
C LYS B 355 36.56 31.40 34.70
N ASN B 356 35.90 32.15 35.58
CA ASN B 356 34.94 33.21 35.27
C ASN B 356 33.66 32.77 34.49
N MET B 357 33.38 31.48 34.45
CA MET B 357 32.39 30.83 33.56
C MET B 357 31.06 30.55 34.27
N LEU B 358 30.02 30.23 33.50
CA LEU B 358 28.70 29.80 33.96
C LEU B 358 28.52 28.31 33.71
N THR B 359 27.96 27.54 34.64
CA THR B 359 27.67 26.11 34.41
C THR B 359 26.19 25.87 34.23
N ILE B 360 25.82 25.17 33.15
CA ILE B 360 24.48 24.70 32.82
C ILE B 360 24.48 23.18 33.00
N LEU B 361 23.57 22.64 33.78
CA LEU B 361 23.57 21.24 34.23
C LEU B 361 22.18 20.64 34.03
N CYS B 362 22.09 19.44 33.44
CA CYS B 362 20.85 18.67 33.41
C CYS B 362 21.05 17.30 34.08
N GLU B 363 20.15 16.93 34.98
CA GLU B 363 20.27 15.71 35.78
C GLU B 363 18.94 14.99 36.00
N GLU B 364 19.02 13.67 36.11
CA GLU B 364 17.88 12.76 36.24
C GLU B 364 18.18 11.62 37.21
N ARG B 365 17.14 11.01 37.78
CA ARG B 365 17.24 9.96 38.81
C ARG B 365 16.63 8.64 38.33
N LEU B 366 17.44 7.60 38.26
CA LEU B 366 17.09 6.32 37.63
C LEU B 366 17.41 5.12 38.51
N ALA B 367 16.69 4.02 38.32
CA ALA B 367 17.05 2.68 38.80
C ALA B 367 16.99 1.67 37.65
N LEU B 368 17.79 0.62 37.69
CA LEU B 368 17.78 -0.46 36.69
C LEU B 368 17.50 -1.81 37.37
N ALA B 369 16.44 -2.50 36.96
CA ALA B 369 16.00 -3.78 37.53
C ALA B 369 16.22 -4.92 36.52
N HIS B 370 16.99 -5.96 36.87
CA HIS B 370 17.25 -7.12 36.01
C HIS B 370 16.43 -8.32 36.47
N TYR B 371 15.43 -8.71 35.68
CA TYR B 371 14.51 -9.78 36.03
C TYR B 371 15.01 -11.17 35.65
N ARG B 372 15.86 -11.32 34.63
CA ARG B 372 16.39 -12.63 34.20
C ARG B 372 17.83 -12.55 33.67
N PRO B 373 18.87 -12.43 34.53
CA PRO B 373 20.27 -12.33 34.09
C PRO B 373 20.82 -13.47 33.23
N THR B 374 20.12 -14.60 33.18
CA THR B 374 20.39 -15.73 32.29
C THR B 374 20.18 -15.37 30.80
N ALA B 375 19.38 -14.34 30.50
CA ALA B 375 19.06 -13.88 29.15
C ALA B 375 20.06 -12.88 28.54
N ILE B 376 21.10 -12.47 29.27
CA ILE B 376 22.14 -11.53 28.83
C ILE B 376 23.45 -12.31 28.76
N ILE B 377 24.07 -12.37 27.60
CA ILE B 377 25.33 -13.08 27.37
C ILE B 377 26.44 -12.05 27.14
N LYS B 378 27.57 -12.19 27.83
CA LYS B 378 28.79 -11.36 27.65
C LYS B 378 29.97 -12.27 27.34
N GLY B 379 30.85 -11.84 26.43
CA GLY B 379 32.05 -12.58 26.08
C GLY B 379 33.08 -11.69 25.41
N THR B 380 34.20 -12.29 25.00
CA THR B 380 35.26 -11.60 24.25
C THR B 380 35.61 -12.33 22.96
N PHE B 381 36.02 -11.59 21.94
CA PHE B 381 36.47 -12.14 20.66
C PHE B 381 37.86 -12.81 20.76
N SER B 382 38.16 -13.71 19.81
CA SER B 382 39.49 -14.34 19.67
C SER B 382 40.60 -13.36 19.24
N SER B 383 40.21 -12.25 18.60
CA SER B 383 41.07 -11.38 17.80
C SER B 383 40.50 -9.98 17.60
N SER C 76 4.73 39.28 1.77
CA SER C 76 5.92 38.83 1.00
C SER C 76 7.18 39.58 1.42
N PHE C 77 8.34 38.92 1.43
CA PHE C 77 9.62 39.56 1.76
C PHE C 77 10.02 40.62 0.73
N SER C 78 9.87 40.34 -0.56
CA SER C 78 10.23 41.27 -1.65
C SER C 78 9.30 42.48 -1.72
N GLU C 79 8.01 42.30 -1.39
CA GLU C 79 7.04 43.39 -1.18
C GLU C 79 7.56 44.38 -0.12
N ARG C 80 7.90 43.87 1.07
CA ARG C 80 8.38 44.69 2.19
C ARG C 80 9.75 45.30 1.92
N ALA C 81 10.70 44.53 1.40
CA ALA C 81 12.03 45.03 1.10
C ALA C 81 11.98 46.17 0.08
N ALA C 82 11.23 46.03 -1.02
CA ALA C 82 11.09 47.09 -2.01
C ALA C 82 10.35 48.31 -1.43
N GLU C 83 9.23 48.10 -0.75
CA GLU C 83 8.40 49.18 -0.21
C GLU C 83 9.13 50.03 0.83
N GLU C 84 10.10 49.48 1.56
CA GLU C 84 10.95 50.24 2.49
C GLU C 84 12.21 50.82 1.84
N LEU C 85 12.82 50.17 0.84
CA LEU C 85 13.91 50.77 0.06
C LEU C 85 13.44 52.05 -0.63
N ILE C 86 12.32 52.04 -1.38
CA ILE C 86 11.84 53.24 -2.08
C ILE C 86 11.46 54.37 -1.10
N LYS C 87 10.98 54.02 0.09
CA LYS C 87 10.58 54.97 1.14
C LYS C 87 11.76 55.59 1.88
N SER C 88 12.80 54.80 2.16
CA SER C 88 14.03 55.26 2.85
C SER C 88 15.08 55.86 1.90
N TRP C 89 15.02 55.61 0.59
CA TRP C 89 15.87 56.23 -0.41
C TRP C 89 15.58 57.73 -0.54
N ASP C 90 16.44 58.54 0.08
CA ASP C 90 16.53 59.98 -0.17
C ASP C 90 17.87 60.26 -0.86
N GLY C 91 17.82 60.80 -2.07
CA GLY C 91 19.01 61.13 -2.87
C GLY C 91 19.75 59.91 -3.42
N LYS C 92 20.60 59.28 -2.60
CA LYS C 92 21.72 58.45 -3.06
C LYS C 92 22.00 57.13 -2.32
N GLN C 93 21.30 56.86 -1.21
CA GLN C 93 21.30 55.54 -0.59
C GLN C 93 20.00 55.29 0.21
N GLY C 94 19.67 54.02 0.44
CA GLY C 94 18.47 53.59 1.17
C GLY C 94 18.62 52.18 1.77
N THR C 95 17.80 51.82 2.76
CA THR C 95 17.98 50.58 3.55
C THR C 95 16.69 49.94 4.07
N PHE C 96 16.68 48.61 4.16
CA PHE C 96 15.68 47.78 4.83
C PHE C 96 16.37 46.85 5.82
N GLY C 97 15.86 46.78 7.05
CA GLY C 97 16.36 45.89 8.09
C GLY C 97 15.65 44.54 8.09
N ALA C 98 16.42 43.46 8.22
CA ALA C 98 15.94 42.08 8.24
C ALA C 98 16.63 41.28 9.36
N LYS C 99 16.08 40.11 9.70
CA LYS C 99 16.75 39.15 10.59
C LYS C 99 17.18 37.91 9.79
N THR C 100 18.45 37.53 9.87
CA THR C 100 19.04 36.25 9.38
C THR C 100 18.99 35.93 7.88
N PHE C 101 18.12 36.52 7.09
CA PHE C 101 17.69 35.94 5.80
C PHE C 101 17.11 34.53 5.96
N ASN C 102 16.11 34.44 6.86
CA ASN C 102 15.21 33.30 7.14
C ASN C 102 15.80 31.96 7.61
N LYS C 103 16.99 31.94 8.22
CA LYS C 103 17.47 30.73 8.93
C LYS C 103 16.80 30.49 10.30
N SER C 104 16.41 31.56 11.00
CA SER C 104 15.77 31.54 12.34
C SER C 104 14.52 32.44 12.36
N LEU C 105 13.66 32.36 11.35
CA LEU C 105 12.60 33.34 11.09
C LEU C 105 11.65 33.56 12.29
N ARG C 131 19.98 21.01 -3.50
CA ARG C 131 21.10 20.68 -2.62
C ARG C 131 21.05 21.41 -1.27
N LEU C 132 21.65 20.82 -0.25
CA LEU C 132 21.96 21.46 1.03
C LEU C 132 23.16 22.42 0.88
N THR C 133 23.17 23.48 1.67
CA THR C 133 24.35 24.34 1.88
C THR C 133 25.13 23.90 3.11
N ILE C 134 26.39 24.30 3.23
CA ILE C 134 27.19 24.02 4.44
C ILE C 134 26.50 24.51 5.72
N ARG C 135 25.79 25.64 5.68
CA ARG C 135 25.08 26.15 6.85
C ARG C 135 23.88 25.29 7.26
N ASP C 136 23.32 24.49 6.36
CA ASP C 136 22.24 23.56 6.72
C ASP C 136 22.72 22.35 7.55
N LEU C 137 24.01 22.00 7.47
CA LEU C 137 24.61 20.91 8.24
C LEU C 137 24.91 21.26 9.70
N LEU C 138 25.10 22.55 10.02
CA LEU C 138 25.55 23.06 11.32
C LEU C 138 24.39 23.27 12.31
N ALA C 139 24.68 23.42 13.60
CA ALA C 139 23.71 23.88 14.58
C ALA C 139 23.54 25.41 14.51
N GLN C 140 22.33 25.93 14.74
CA GLN C 140 22.05 27.36 14.78
C GLN C 140 22.00 27.91 16.21
N GLY C 141 22.38 29.16 16.40
CA GLY C 141 22.29 29.88 17.66
C GLY C 141 22.18 31.39 17.44
N ARG C 142 21.67 32.12 18.42
CA ARG C 142 21.26 33.52 18.30
C ARG C 142 21.80 34.33 19.48
N THR C 143 22.37 35.49 19.21
CA THR C 143 23.18 36.25 20.17
C THR C 143 22.98 37.75 20.01
N SER C 144 23.00 38.49 21.13
CA SER C 144 22.94 39.95 21.15
C SER C 144 24.31 40.62 21.35
N SER C 145 25.41 39.86 21.39
CA SER C 145 26.78 40.39 21.61
C SER C 145 27.69 40.17 20.41
N ASN C 146 28.63 41.10 20.17
CA ASN C 146 29.55 41.03 19.02
C ASN C 146 30.77 40.12 19.25
N ALA C 147 31.04 39.74 20.49
CA ALA C 147 31.98 38.69 20.87
C ALA C 147 31.27 37.61 21.69
N LEU C 148 31.67 36.36 21.49
CA LEU C 148 31.18 35.20 22.21
C LEU C 148 32.38 34.44 22.81
N GLU C 149 32.19 33.84 23.97
CA GLU C 149 33.22 33.05 24.67
C GLU C 149 32.65 31.68 25.04
N TYR C 150 33.43 30.63 24.82
CA TYR C 150 32.97 29.25 24.92
C TYR C 150 34.13 28.32 25.27
N VAL C 151 33.81 27.09 25.66
CA VAL C 151 34.80 26.05 25.97
C VAL C 151 34.87 25.05 24.82
N ARG C 152 36.09 24.64 24.44
CA ARG C 152 36.34 23.58 23.47
C ARG C 152 36.77 22.31 24.16
N GLU C 153 36.22 21.17 23.77
CA GLU C 153 36.54 19.84 24.27
C GLU C 153 37.63 19.19 23.41
N GLU C 154 38.67 18.62 23.99
CA GLU C 154 39.64 17.82 23.24
C GLU C 154 39.71 16.37 23.74
N VAL C 155 40.00 15.44 22.84
CA VAL C 155 39.83 13.99 23.06
C VAL C 155 41.08 13.23 22.62
N PHE C 156 41.51 12.24 23.39
CA PHE C 156 42.62 11.33 23.05
C PHE C 156 42.12 10.19 22.14
N THR C 157 42.77 9.95 21.00
CA THR C 157 42.26 9.01 19.96
C THR C 157 43.36 8.20 19.26
N ASP C 173 40.63 10.82 28.57
CA ASP C 173 39.63 11.66 29.22
C ASP C 173 39.44 13.00 28.48
N ILE C 174 38.28 13.64 28.61
CA ILE C 174 37.96 14.90 27.93
C ILE C 174 38.71 16.05 28.62
N THR C 175 39.60 16.71 27.90
CA THR C 175 40.30 17.94 28.30
C THR C 175 39.56 19.17 27.75
N PHE C 176 39.86 20.36 28.26
CA PHE C 176 39.12 21.59 27.97
C PHE C 176 40.05 22.81 27.87
N SER C 177 39.67 23.77 27.05
CA SER C 177 40.31 25.09 26.96
C SER C 177 39.29 26.17 26.62
N LYS C 178 39.46 27.41 27.09
CA LYS C 178 38.57 28.52 26.74
C LYS C 178 38.95 29.15 25.41
N GLN C 179 37.95 29.64 24.68
CA GLN C 179 38.06 30.22 23.34
C GLN C 179 37.17 31.47 23.25
N THR C 180 37.48 32.34 22.28
CA THR C 180 36.60 33.46 21.91
C THR C 180 36.41 33.51 20.40
N ALA C 181 35.22 33.88 19.97
CA ALA C 181 34.86 34.05 18.57
C ALA C 181 34.26 35.43 18.36
N ASN C 182 34.67 36.09 17.28
CA ASN C 182 34.31 37.45 16.96
C ASN C 182 33.37 37.45 15.76
N VAL C 183 32.26 38.17 15.85
CA VAL C 183 31.31 38.30 14.75
C VAL C 183 31.95 39.01 13.55
N LYS C 184 31.85 38.42 12.36
CA LYS C 184 32.36 38.90 11.08
C LYS C 184 31.22 39.13 10.10
N THR C 185 31.36 40.06 9.15
CA THR C 185 30.32 40.35 8.15
C THR C 185 30.52 39.54 6.87
N ILE C 186 29.44 38.92 6.39
CA ILE C 186 29.36 38.28 5.08
C ILE C 186 28.47 39.16 4.21
N ALA C 187 28.92 39.59 3.05
CA ALA C 187 28.20 40.52 2.19
C ALA C 187 28.25 40.12 0.71
N HIS C 188 27.16 40.29 -0.01
CA HIS C 188 27.04 40.02 -1.45
C HIS C 188 26.24 41.12 -2.14
N TRP C 189 26.64 41.51 -3.35
CA TRP C 189 26.03 42.58 -4.13
C TRP C 189 25.63 42.14 -5.54
N VAL C 190 24.59 42.80 -6.05
CA VAL C 190 24.12 42.76 -7.44
C VAL C 190 24.10 44.19 -7.97
N GLN C 191 24.51 44.41 -9.23
CA GLN C 191 24.37 45.71 -9.88
C GLN C 191 23.11 45.75 -10.76
N ALA C 192 22.39 46.87 -10.67
CA ALA C 192 21.13 47.13 -11.34
C ALA C 192 21.17 48.51 -12.04
N SER C 193 20.29 48.80 -12.99
CA SER C 193 20.25 50.14 -13.59
C SER C 193 19.65 51.18 -12.65
N ARG C 194 20.00 52.47 -12.83
CA ARG C 194 19.43 53.58 -12.03
C ARG C 194 17.91 53.75 -12.20
N GLN C 195 17.29 53.12 -13.20
CA GLN C 195 15.83 53.06 -13.39
C GLN C 195 15.10 52.37 -12.23
N VAL C 196 15.78 51.45 -11.53
CA VAL C 196 15.12 50.45 -10.68
C VAL C 196 14.44 51.05 -9.45
N MET C 197 14.95 52.18 -8.92
CA MET C 197 14.29 52.93 -7.84
C MET C 197 13.06 53.73 -8.29
N ASP C 198 12.88 53.96 -9.59
CA ASP C 198 11.73 54.73 -10.13
C ASP C 198 10.50 53.84 -10.41
N ASP C 199 10.65 52.52 -10.35
CA ASP C 199 9.63 51.55 -10.74
C ASP C 199 9.60 50.39 -9.74
N ALA C 200 8.80 50.50 -8.68
CA ALA C 200 8.83 49.53 -7.56
C ALA C 200 8.67 48.05 -7.97
N PRO C 201 7.81 47.66 -8.93
CA PRO C 201 7.80 46.33 -9.50
C PRO C 201 9.12 45.87 -10.12
N MET C 202 9.93 46.78 -10.68
CA MET C 202 11.27 46.45 -11.16
C MET C 202 12.24 46.21 -9.99
N LEU C 203 12.10 46.93 -8.87
CA LEU C 203 12.88 46.68 -7.66
C LEU C 203 12.52 45.33 -7.05
N GLN C 204 11.24 45.02 -6.88
CA GLN C 204 10.79 43.70 -6.42
C GLN C 204 11.35 42.59 -7.32
N SER C 205 11.31 42.78 -8.64
CA SER C 205 11.88 41.84 -9.60
C SER C 205 13.40 41.62 -9.42
N TYR C 206 14.12 42.48 -8.72
CA TYR C 206 15.55 42.34 -8.38
C TYR C 206 15.81 41.78 -6.97
N ILE C 207 14.91 41.98 -6.00
CA ILE C 207 14.97 41.32 -4.69
C ILE C 207 14.30 39.93 -4.81
N ASN C 208 15.08 38.93 -5.23
CA ASN C 208 14.62 37.58 -5.58
C ASN C 208 15.68 36.50 -5.24
N ASN C 209 15.35 35.21 -5.39
CA ASN C 209 16.19 34.07 -5.01
C ASN C 209 17.62 34.04 -5.59
N ARG C 210 17.90 34.64 -6.75
CA ARG C 210 19.28 34.78 -7.29
C ARG C 210 20.18 35.59 -6.34
N LEU C 211 19.61 36.54 -5.59
CA LEU C 211 20.30 37.32 -4.57
C LEU C 211 20.60 36.49 -3.31
N MET C 212 19.58 35.83 -2.74
CA MET C 212 19.73 35.01 -1.54
C MET C 212 20.63 33.79 -1.74
N TYR C 213 20.52 33.07 -2.87
CA TYR C 213 21.43 31.97 -3.20
C TYR C 213 22.88 32.46 -3.39
N GLY C 214 23.08 33.69 -3.87
CA GLY C 214 24.37 34.34 -3.89
C GLY C 214 24.98 34.49 -2.49
N LEU C 215 24.22 34.99 -1.53
CA LEU C 215 24.67 35.09 -0.13
C LEU C 215 24.97 33.71 0.47
N ALA C 216 24.13 32.70 0.23
CA ALA C 216 24.40 31.33 0.67
C ALA C 216 25.75 30.79 0.15
N LEU C 217 26.08 30.99 -1.13
CA LEU C 217 27.37 30.57 -1.70
C LEU C 217 28.55 31.35 -1.12
N LYS C 218 28.33 32.61 -0.74
CA LYS C 218 29.30 33.46 -0.04
C LYS C 218 29.60 32.94 1.36
N GLU C 219 28.60 32.71 2.22
CA GLU C 219 28.83 32.19 3.57
C GLU C 219 29.40 30.78 3.58
N GLU C 220 29.00 29.93 2.64
CA GLU C 220 29.55 28.59 2.43
C GLU C 220 31.06 28.57 2.15
N GLY C 221 31.60 29.57 1.45
CA GLY C 221 33.04 29.70 1.23
C GLY C 221 33.83 30.17 2.45
N GLN C 222 33.22 30.94 3.36
CA GLN C 222 33.83 31.30 4.64
C GLN C 222 33.77 30.15 5.66
N LEU C 223 32.60 29.57 5.89
CA LEU C 223 32.41 28.50 6.88
C LEU C 223 33.25 27.26 6.59
N LEU C 224 33.49 26.90 5.32
CA LEU C 224 34.29 25.73 4.95
C LEU C 224 35.80 26.02 4.97
N ASN C 225 36.29 27.06 4.29
CA ASN C 225 37.73 27.26 4.03
C ASN C 225 38.42 28.37 4.85
N GLY C 226 37.71 29.19 5.62
CA GLY C 226 38.27 30.39 6.26
C GLY C 226 39.43 30.10 7.23
N ASP C 227 40.36 31.05 7.35
CA ASP C 227 41.39 31.09 8.40
C ASP C 227 41.02 32.19 9.41
N GLY C 228 41.16 32.01 10.72
CA GLY C 228 40.71 32.99 11.73
C GLY C 228 41.40 34.38 11.76
N THR C 229 42.09 34.76 10.69
CA THR C 229 42.97 35.93 10.54
C THR C 229 42.30 37.01 9.71
N GLY C 230 42.34 38.27 10.18
CA GLY C 230 41.69 39.39 9.52
C GLY C 230 40.16 39.33 9.59
N ASP C 231 39.47 39.66 8.50
CA ASP C 231 38.01 39.70 8.42
C ASP C 231 37.35 38.33 8.21
N ASN C 232 38.13 37.27 8.01
CA ASN C 232 37.67 35.91 7.81
C ASN C 232 37.12 35.22 9.08
N LEU C 233 36.31 34.18 8.91
CA LEU C 233 35.95 33.22 9.96
C LEU C 233 37.04 32.14 10.09
N GLU C 234 37.12 31.47 11.24
CA GLU C 234 37.77 30.16 11.33
C GLU C 234 36.89 29.10 10.65
N GLY C 235 37.38 28.42 9.61
CA GLY C 235 36.62 27.44 8.85
C GLY C 235 36.68 26.02 9.39
N LEU C 236 35.76 25.15 8.97
CA LEU C 236 35.73 23.73 9.34
C LEU C 236 37.01 22.98 8.94
N ASN C 237 37.59 23.26 7.77
CA ASN C 237 38.79 22.56 7.29
C ASN C 237 40.09 22.94 8.02
N LYS C 238 40.13 24.07 8.73
CA LYS C 238 41.31 24.48 9.51
C LYS C 238 41.37 23.76 10.86
N VAL C 239 40.24 23.65 11.56
CA VAL C 239 40.16 22.92 12.84
C VAL C 239 40.15 21.38 12.69
N ALA C 240 39.70 20.85 11.56
CA ALA C 240 39.46 19.42 11.36
C ALA C 240 40.67 18.53 11.68
N THR C 241 40.37 17.30 12.11
CA THR C 241 41.32 16.22 12.35
C THR C 241 41.76 15.59 11.03
N ALA C 242 43.00 15.15 10.89
CA ALA C 242 43.45 14.47 9.68
C ALA C 242 42.90 13.04 9.55
N TYR C 243 42.63 12.60 8.33
CA TYR C 243 42.23 11.23 8.05
C TYR C 243 43.38 10.27 8.37
N ASP C 244 43.10 9.22 9.14
CA ASP C 244 44.07 8.19 9.49
C ASP C 244 44.19 7.15 8.37
N THR C 245 45.20 7.30 7.52
CA THR C 245 45.44 6.42 6.37
C THR C 245 45.77 4.96 6.73
N SER C 246 45.97 4.62 8.01
CA SER C 246 46.12 3.22 8.43
C SER C 246 44.84 2.39 8.26
N LEU C 247 43.69 3.06 8.18
CA LEU C 247 42.38 2.42 7.97
C LEU C 247 42.24 1.82 6.57
N ASN C 248 42.89 2.40 5.55
CA ASN C 248 42.76 1.99 4.14
C ASN C 248 43.10 0.52 3.93
N ALA C 249 42.29 -0.22 3.17
CA ALA C 249 42.50 -1.62 2.84
C ALA C 249 42.80 -1.84 1.35
N THR C 250 43.31 -3.02 0.99
CA THR C 250 43.67 -3.37 -0.40
C THR C 250 42.42 -3.46 -1.28
N GLY C 251 42.43 -2.78 -2.44
CA GLY C 251 41.33 -2.81 -3.41
C GLY C 251 40.22 -1.79 -3.17
N ASP C 252 40.35 -0.92 -2.16
CA ASP C 252 39.37 0.11 -1.83
C ASP C 252 39.26 1.18 -2.93
N THR C 253 38.03 1.51 -3.29
CA THR C 253 37.66 2.65 -4.14
C THR C 253 37.69 3.95 -3.33
N ARG C 254 37.54 5.10 -4.01
CA ARG C 254 37.33 6.39 -3.33
C ARG C 254 36.08 6.42 -2.46
N ALA C 255 35.03 5.69 -2.82
CA ALA C 255 33.86 5.53 -1.97
C ALA C 255 34.19 4.76 -0.68
N ASP C 256 35.00 3.70 -0.76
CA ASP C 256 35.38 2.91 0.41
C ASP C 256 36.25 3.69 1.42
N ILE C 257 37.06 4.65 0.96
CA ILE C 257 37.77 5.59 1.83
C ILE C 257 36.79 6.46 2.64
N ILE C 258 35.71 6.97 2.02
CA ILE C 258 34.71 7.76 2.73
C ILE C 258 34.03 6.95 3.84
N ALA C 259 33.80 5.65 3.65
CA ALA C 259 33.29 4.79 4.71
C ALA C 259 34.25 4.66 5.90
N HIS C 260 35.56 4.54 5.68
CA HIS C 260 36.54 4.55 6.77
C HIS C 260 36.56 5.88 7.53
N ALA C 261 36.42 7.00 6.84
CA ALA C 261 36.31 8.30 7.50
C ALA C 261 35.01 8.47 8.29
N ILE C 262 33.87 7.93 7.84
CA ILE C 262 32.62 7.83 8.61
C ILE C 262 32.82 7.01 9.89
N TYR C 263 33.61 5.94 9.87
CA TYR C 263 34.03 5.24 11.08
C TYR C 263 34.90 6.13 11.99
N GLN C 264 35.98 6.74 11.47
CA GLN C 264 36.89 7.55 12.29
C GLN C 264 36.20 8.66 13.07
N VAL C 265 35.10 9.24 12.58
CA VAL C 265 34.31 10.24 13.33
C VAL C 265 33.80 9.70 14.66
N THR C 266 33.44 8.42 14.76
CA THR C 266 32.85 7.80 15.96
C THR C 266 33.76 7.80 17.17
N GLU C 267 35.08 7.89 16.96
CA GLU C 267 36.08 8.04 18.02
C GLU C 267 35.93 9.35 18.81
N SER C 268 35.15 10.31 18.32
CA SER C 268 34.81 11.56 19.01
C SER C 268 33.63 11.45 19.99
N GLU C 269 32.98 10.29 20.12
CA GLU C 269 31.67 10.05 20.76
C GLU C 269 30.44 10.48 19.93
N PHE C 270 30.60 11.01 18.72
CA PHE C 270 29.53 11.45 17.82
C PHE C 270 29.51 10.61 16.53
N SER C 271 28.35 10.40 15.93
CA SER C 271 28.23 9.81 14.58
C SER C 271 28.31 10.87 13.48
N ALA C 272 28.72 10.49 12.26
CA ALA C 272 28.73 11.37 11.10
C ALA C 272 27.31 11.77 10.65
N SER C 273 27.16 12.99 10.12
CA SER C 273 25.87 13.55 9.71
C SER C 273 25.85 14.14 8.29
N GLY C 274 26.97 14.14 7.56
CA GLY C 274 27.05 14.61 6.19
C GLY C 274 28.46 14.58 5.63
N ILE C 275 28.60 14.72 4.33
CA ILE C 275 29.88 14.65 3.60
C ILE C 275 29.99 15.85 2.65
N VAL C 276 31.14 16.51 2.58
CA VAL C 276 31.39 17.64 1.67
C VAL C 276 32.40 17.25 0.60
N LEU C 277 32.05 17.40 -0.67
CA LEU C 277 32.86 16.99 -1.84
C LEU C 277 32.95 18.10 -2.88
N ASN C 278 33.98 18.08 -3.73
CA ASN C 278 34.01 18.86 -4.95
C ASN C 278 33.06 18.23 -5.99
N PRO C 279 32.33 18.99 -6.85
CA PRO C 279 31.40 18.39 -7.79
C PRO C 279 32.03 17.41 -8.80
N ARG C 280 33.31 17.58 -9.17
CA ARG C 280 34.01 16.59 -10.01
C ARG C 280 34.09 15.23 -9.32
N ASP C 281 34.46 15.24 -8.05
CA ASP C 281 34.68 14.04 -7.26
C ASP C 281 33.38 13.30 -6.99
N TRP C 282 32.28 14.01 -6.77
CA TRP C 282 30.96 13.39 -6.65
C TRP C 282 30.47 12.77 -7.94
N HIS C 283 30.64 13.43 -9.09
CA HIS C 283 30.36 12.84 -10.41
C HIS C 283 31.20 11.59 -10.67
N ASN C 284 32.50 11.61 -10.38
CA ASN C 284 33.37 10.44 -10.53
C ASN C 284 33.02 9.28 -9.57
N ILE C 285 32.53 9.55 -8.36
CA ILE C 285 32.11 8.52 -7.39
C ILE C 285 30.75 7.92 -7.78
N ALA C 286 29.74 8.73 -8.10
CA ALA C 286 28.39 8.25 -8.40
C ALA C 286 28.29 7.55 -9.76
N LEU C 287 28.92 8.08 -10.80
CA LEU C 287 28.91 7.51 -12.16
C LEU C 287 30.07 6.50 -12.37
N LEU C 288 30.52 5.82 -11.32
CA LEU C 288 31.57 4.81 -11.41
C LEU C 288 31.07 3.56 -12.13
N LYS C 289 31.78 3.11 -13.16
CA LYS C 289 31.38 2.01 -14.06
C LYS C 289 32.25 0.76 -13.85
N ASP C 290 31.62 -0.39 -13.69
CA ASP C 290 32.27 -1.70 -13.54
C ASP C 290 32.92 -2.20 -14.84
N ASN C 291 33.75 -3.23 -14.72
CA ASN C 291 34.31 -3.99 -15.85
C ASN C 291 33.23 -4.50 -16.83
N GLU C 292 32.04 -4.81 -16.32
CA GLU C 292 30.85 -5.25 -17.06
C GLU C 292 30.13 -4.11 -17.80
N GLY C 293 30.55 -2.86 -17.62
CA GLY C 293 29.94 -1.67 -18.25
C GLY C 293 28.66 -1.19 -17.58
N ARG C 294 28.53 -1.37 -16.25
CA ARG C 294 27.35 -1.01 -15.45
C ARG C 294 27.70 -0.27 -14.16
N TYR C 295 26.79 0.52 -13.61
CA TYR C 295 27.10 1.38 -12.47
C TYR C 295 27.30 0.61 -11.16
N ILE C 296 28.45 0.83 -10.51
CA ILE C 296 28.81 0.17 -9.24
C ILE C 296 27.97 0.75 -8.07
N PHE C 297 27.85 2.08 -8.02
CA PHE C 297 27.17 2.81 -6.94
C PHE C 297 25.66 2.99 -7.17
N GLY C 298 25.15 2.61 -8.35
CA GLY C 298 23.92 3.17 -8.92
C GLY C 298 24.19 4.57 -9.47
N GLY C 299 23.85 4.83 -10.74
CA GLY C 299 24.44 5.91 -11.51
C GLY C 299 23.75 7.27 -11.38
N PRO C 300 23.18 7.81 -12.46
CA PRO C 300 22.74 9.22 -12.51
C PRO C 300 21.57 9.55 -11.57
N GLN C 301 20.77 8.56 -11.18
CA GLN C 301 19.73 8.71 -10.18
C GLN C 301 20.29 8.92 -8.76
N ALA C 302 21.56 8.57 -8.51
CA ALA C 302 22.28 8.84 -7.26
C ALA C 302 23.15 10.12 -7.30
N PHE C 303 23.59 10.59 -8.47
CA PHE C 303 24.24 11.89 -8.60
C PHE C 303 23.24 13.03 -8.38
N THR C 304 22.07 12.95 -9.02
CA THR C 304 20.87 13.68 -8.57
C THR C 304 20.40 13.04 -7.25
N SER C 305 19.63 13.73 -6.39
CA SER C 305 19.29 13.23 -5.03
C SER C 305 20.53 12.85 -4.21
N ASN C 306 21.23 13.86 -3.68
CA ASN C 306 22.57 13.77 -3.09
C ASN C 306 22.66 13.00 -1.77
N ILE C 307 22.59 11.67 -1.81
CA ILE C 307 22.67 10.77 -0.66
C ILE C 307 23.77 9.73 -0.93
N MET C 308 24.71 9.57 0.01
CA MET C 308 25.72 8.50 0.02
C MET C 308 25.58 7.70 1.31
N TRP C 309 25.17 6.44 1.21
CA TRP C 309 24.87 5.55 2.35
C TRP C 309 23.96 6.16 3.41
N GLY C 310 22.88 6.82 3.00
CA GLY C 310 21.95 7.50 3.90
C GLY C 310 22.44 8.84 4.46
N LEU C 311 23.72 9.19 4.35
CA LEU C 311 24.21 10.53 4.71
C LEU C 311 24.04 11.50 3.55
N PRO C 312 23.67 12.78 3.80
CA PRO C 312 23.68 13.83 2.79
C PRO C 312 25.07 14.08 2.22
N VAL C 313 25.17 14.32 0.92
CA VAL C 313 26.35 14.88 0.26
C VAL C 313 26.09 16.35 -0.05
N VAL C 314 27.04 17.22 0.24
CA VAL C 314 27.07 18.62 -0.21
C VAL C 314 28.16 18.76 -1.27
N PRO C 315 27.83 18.81 -2.57
CA PRO C 315 28.80 19.08 -3.62
C PRO C 315 28.96 20.60 -3.73
N THR C 316 30.16 21.13 -3.52
CA THR C 316 30.38 22.58 -3.55
C THR C 316 31.70 22.96 -4.21
N LYS C 317 31.69 24.04 -4.99
CA LYS C 317 32.90 24.62 -5.60
C LYS C 317 33.86 25.23 -4.57
N ALA C 318 33.41 25.39 -3.32
CA ALA C 318 34.27 25.73 -2.18
C ALA C 318 35.26 24.61 -1.80
N GLN C 319 34.91 23.34 -1.98
CA GLN C 319 35.80 22.22 -1.66
C GLN C 319 36.85 22.04 -2.75
N ALA C 320 38.15 22.02 -2.44
CA ALA C 320 39.19 21.76 -3.44
C ALA C 320 39.06 20.34 -4.03
N ALA C 321 39.38 20.16 -5.32
CA ALA C 321 39.33 18.84 -5.93
C ALA C 321 40.33 17.88 -5.27
N GLY C 322 39.90 16.66 -4.97
CA GLY C 322 40.71 15.66 -4.28
C GLY C 322 40.56 15.66 -2.75
N THR C 323 39.99 16.71 -2.14
CA THR C 323 39.74 16.79 -0.69
C THR C 323 38.32 16.33 -0.35
N PHE C 324 38.15 15.62 0.77
CA PHE C 324 36.85 15.34 1.37
C PHE C 324 36.78 15.88 2.79
N THR C 325 35.58 16.13 3.30
CA THR C 325 35.36 16.43 4.71
C THR C 325 34.11 15.73 5.18
N VAL C 326 34.18 14.98 6.26
CA VAL C 326 33.04 14.25 6.83
C VAL C 326 33.08 14.37 8.34
N GLY C 327 31.93 14.61 8.96
CA GLY C 327 31.89 14.88 10.38
C GLY C 327 30.49 14.83 10.96
N GLY C 328 30.41 14.94 12.28
CA GLY C 328 29.17 15.07 13.04
C GLY C 328 28.77 16.54 13.16
N PHE C 329 28.60 17.22 12.03
CA PHE C 329 28.54 18.68 11.94
C PHE C 329 27.48 19.31 12.84
N ASP C 330 26.31 18.69 13.01
CA ASP C 330 25.22 19.24 13.82
C ASP C 330 25.43 19.10 15.35
N MET C 331 26.50 18.43 15.78
CA MET C 331 26.82 18.14 17.17
C MET C 331 28.20 18.69 17.56
N ALA C 332 28.95 19.26 16.63
CA ALA C 332 30.36 19.65 16.80
C ALA C 332 30.69 21.12 16.49
N SER C 333 29.81 21.88 15.85
CA SER C 333 30.00 23.30 15.56
C SER C 333 28.67 24.05 15.53
N GLN C 334 28.66 25.33 15.87
CA GLN C 334 27.44 26.14 15.89
C GLN C 334 27.66 27.51 15.24
N VAL C 335 26.77 27.91 14.33
CA VAL C 335 26.75 29.26 13.79
C VAL C 335 25.96 30.15 14.72
N TRP C 336 26.58 31.21 15.20
CA TRP C 336 25.98 32.25 16.02
C TRP C 336 25.66 33.46 15.16
N ASP C 337 24.39 33.84 15.09
CA ASP C 337 23.88 34.90 14.22
C ASP C 337 23.45 36.11 15.05
N ARG C 338 23.97 37.30 14.74
CA ARG C 338 23.69 38.54 15.51
C ARG C 338 22.27 39.10 15.34
N MET C 339 21.46 38.57 14.43
CA MET C 339 20.33 39.29 13.84
C MET C 339 20.82 40.62 13.24
N ASP C 340 19.94 41.62 13.05
CA ASP C 340 20.35 42.93 12.53
C ASP C 340 21.10 42.84 11.17
N ALA C 341 20.55 42.05 10.23
CA ALA C 341 20.98 41.98 8.83
C ALA C 341 20.32 43.10 8.01
N THR C 342 20.90 43.47 6.87
CA THR C 342 20.39 44.59 6.06
C THR C 342 20.39 44.29 4.57
N VAL C 343 19.39 44.83 3.89
CA VAL C 343 19.34 45.03 2.42
C VAL C 343 19.50 46.52 2.17
N GLU C 344 20.41 46.91 1.27
CA GLU C 344 20.85 48.29 1.11
C GLU C 344 21.05 48.62 -0.38
N VAL C 345 20.84 49.87 -0.76
CA VAL C 345 21.03 50.32 -2.15
C VAL C 345 21.84 51.61 -2.17
N SER C 346 22.83 51.71 -3.04
CA SER C 346 23.79 52.82 -3.09
C SER C 346 24.27 53.13 -4.52
N ARG C 347 24.55 54.40 -4.80
CA ARG C 347 25.41 54.83 -5.91
C ARG C 347 26.87 54.50 -5.61
N GLU C 348 27.57 53.79 -6.50
CA GLU C 348 28.97 53.37 -6.28
C GLU C 348 29.79 53.36 -7.58
N ASP C 349 31.11 53.43 -7.42
CA ASP C 349 32.11 53.23 -8.47
C ASP C 349 33.42 52.74 -7.80
N ARG C 350 33.74 51.44 -7.96
CA ARG C 350 34.92 50.78 -7.39
C ARG C 350 35.27 49.48 -8.11
N ASP C 351 36.48 48.98 -7.90
CA ASP C 351 37.05 47.76 -8.53
C ASP C 351 37.18 47.80 -10.07
N ASN C 352 36.93 48.96 -10.70
CA ASN C 352 37.09 49.25 -12.12
C ASN C 352 36.31 48.32 -13.09
N PHE C 353 35.29 47.59 -12.61
CA PHE C 353 34.46 46.76 -13.48
C PHE C 353 33.50 47.62 -14.33
N VAL C 354 32.50 48.23 -13.69
CA VAL C 354 31.25 48.73 -14.34
C VAL C 354 30.90 50.13 -13.84
N LYS C 355 30.45 51.01 -14.74
CA LYS C 355 30.20 52.45 -14.53
C LYS C 355 28.72 52.82 -14.70
N ASN C 356 28.31 53.96 -14.14
CA ASN C 356 26.97 54.55 -14.27
C ASN C 356 25.83 53.61 -13.85
N MET C 357 26.08 52.78 -12.83
CA MET C 357 25.22 51.64 -12.43
C MET C 357 24.92 51.67 -10.92
N LEU C 358 23.75 51.22 -10.52
CA LEU C 358 23.32 51.17 -9.11
C LEU C 358 23.81 49.87 -8.43
N THR C 359 24.12 49.88 -7.13
CA THR C 359 24.48 48.66 -6.38
C THR C 359 23.44 48.30 -5.33
N ILE C 360 22.97 47.05 -5.35
CA ILE C 360 22.06 46.46 -4.35
C ILE C 360 22.85 45.43 -3.53
N LEU C 361 22.94 45.62 -2.22
CA LEU C 361 23.80 44.88 -1.30
C LEU C 361 22.96 44.22 -0.20
N CYS C 362 23.25 42.97 0.16
CA CYS C 362 22.75 42.39 1.39
C CYS C 362 23.85 41.72 2.20
N GLU C 363 23.80 41.87 3.52
CA GLU C 363 24.86 41.43 4.43
C GLU C 363 24.33 40.96 5.79
N GLU C 364 25.06 40.03 6.41
CA GLU C 364 24.71 39.42 7.70
C GLU C 364 25.96 39.20 8.55
N ARG C 365 25.79 39.16 9.88
CA ARG C 365 26.87 39.10 10.86
C ARG C 365 26.86 37.77 11.62
N LEU C 366 27.94 36.99 11.48
CA LEU C 366 28.03 35.61 11.94
C LEU C 366 29.32 35.33 12.73
N ALA C 367 29.29 34.33 13.60
CA ALA C 367 30.47 33.70 14.22
C ALA C 367 30.31 32.17 14.21
N LEU C 368 31.39 31.41 14.08
CA LEU C 368 31.37 29.95 14.09
C LEU C 368 32.14 29.42 15.30
N ALA C 369 31.47 28.67 16.19
CA ALA C 369 32.07 28.09 17.38
C ALA C 369 32.31 26.59 17.19
N HIS C 370 33.53 26.09 17.36
CA HIS C 370 33.89 24.68 17.18
C HIS C 370 34.10 23.99 18.52
N TYR C 371 33.09 23.26 19.00
CA TYR C 371 33.10 22.69 20.34
C TYR C 371 33.88 21.39 20.45
N ARG C 372 34.02 20.59 19.38
CA ARG C 372 34.78 19.33 19.41
C ARG C 372 35.42 19.00 18.06
N PRO C 373 36.57 19.59 17.70
CA PRO C 373 37.19 19.39 16.39
C PRO C 373 37.56 17.94 16.02
N THR C 374 37.65 17.04 17.00
CA THR C 374 37.85 15.60 16.79
C THR C 374 36.71 14.93 16.02
N ALA C 375 35.52 15.54 16.00
CA ALA C 375 34.36 15.04 15.26
C ALA C 375 34.34 15.42 13.77
N ILE C 376 35.23 16.29 13.28
CA ILE C 376 35.35 16.68 11.86
C ILE C 376 36.62 16.06 11.30
N ILE C 377 36.53 15.28 10.23
CA ILE C 377 37.66 14.57 9.58
C ILE C 377 37.90 15.17 8.20
N LYS C 378 39.15 15.50 7.87
CA LYS C 378 39.57 15.98 6.54
C LYS C 378 40.63 15.06 5.96
N GLY C 379 40.56 14.76 4.67
CA GLY C 379 41.54 13.91 4.00
C GLY C 379 41.61 14.17 2.51
N THR C 380 42.45 13.42 1.80
CA THR C 380 42.59 13.52 0.34
C THR C 380 42.59 12.14 -0.33
N PHE C 381 41.96 12.06 -1.49
CA PHE C 381 41.96 10.87 -2.34
C PHE C 381 43.35 10.62 -2.97
N SER C 382 43.70 9.35 -3.19
CA SER C 382 45.06 8.96 -3.62
C SER C 382 45.41 9.40 -5.04
N SER C 383 44.41 9.54 -5.91
CA SER C 383 44.52 9.68 -7.37
C SER C 383 43.22 10.20 -8.01
N SER D 76 -12.88 34.63 -19.08
CA SER D 76 -11.64 34.37 -19.85
C SER D 76 -11.20 35.61 -20.63
N PHE D 77 -9.99 35.62 -21.17
CA PHE D 77 -9.53 36.72 -22.03
C PHE D 77 -10.38 36.87 -23.29
N SER D 78 -10.55 35.79 -24.06
CA SER D 78 -11.23 35.84 -25.37
C SER D 78 -12.73 36.11 -25.29
N GLU D 79 -13.38 35.84 -24.15
CA GLU D 79 -14.71 36.36 -23.80
C GLU D 79 -14.73 37.89 -23.79
N ARG D 80 -13.83 38.53 -23.01
CA ARG D 80 -13.79 39.99 -22.85
C ARG D 80 -13.26 40.70 -24.09
N ALA D 81 -12.28 40.10 -24.75
CA ALA D 81 -11.73 40.60 -26.00
C ALA D 81 -12.78 40.65 -27.10
N ALA D 82 -13.60 39.60 -27.28
CA ALA D 82 -14.56 39.56 -28.37
C ALA D 82 -15.68 40.59 -28.18
N GLU D 83 -16.24 40.74 -26.97
CA GLU D 83 -17.26 41.77 -26.73
C GLU D 83 -16.68 43.20 -26.85
N GLU D 84 -15.45 43.43 -26.41
CA GLU D 84 -14.83 44.75 -26.55
C GLU D 84 -14.38 45.06 -27.98
N LEU D 85 -13.99 44.07 -28.79
CA LEU D 85 -13.77 44.26 -30.21
C LEU D 85 -15.08 44.60 -30.91
N ILE D 86 -16.15 43.80 -30.81
CA ILE D 86 -17.41 44.13 -31.51
C ILE D 86 -18.03 45.45 -31.02
N LYS D 87 -17.71 45.90 -29.79
CA LYS D 87 -18.14 47.20 -29.26
C LYS D 87 -17.26 48.36 -29.74
N SER D 88 -15.94 48.26 -29.63
CA SER D 88 -14.99 49.31 -30.05
C SER D 88 -14.92 49.47 -31.57
N TRP D 89 -15.29 48.43 -32.31
CA TRP D 89 -15.43 48.44 -33.77
C TRP D 89 -16.36 49.56 -34.24
N ASP D 90 -15.83 50.39 -35.14
CA ASP D 90 -16.60 51.38 -35.89
C ASP D 90 -16.12 51.32 -37.34
N GLY D 91 -16.74 50.43 -38.12
CA GLY D 91 -16.56 50.25 -39.56
C GLY D 91 -15.25 49.62 -40.01
N LYS D 92 -14.09 50.08 -39.50
CA LYS D 92 -12.76 49.75 -40.04
C LYS D 92 -11.66 49.50 -39.01
N GLN D 93 -11.84 49.97 -37.79
CA GLN D 93 -10.88 49.85 -36.68
C GLN D 93 -11.63 49.45 -35.41
N GLY D 94 -11.01 48.57 -34.61
CA GLY D 94 -11.46 48.16 -33.28
C GLY D 94 -10.30 47.50 -32.55
N THR D 95 -10.19 47.68 -31.23
CA THR D 95 -8.98 47.34 -30.49
C THR D 95 -9.23 47.10 -29.00
N PHE D 96 -8.51 46.13 -28.42
CA PHE D 96 -8.54 45.79 -27.00
C PHE D 96 -7.12 45.66 -26.46
N GLY D 97 -6.87 46.11 -25.24
CA GLY D 97 -5.59 45.95 -24.55
C GLY D 97 -5.78 45.41 -23.13
N ALA D 98 -4.91 44.48 -22.73
CA ALA D 98 -4.95 43.83 -21.43
C ALA D 98 -3.55 43.69 -20.79
N LYS D 99 -3.51 43.60 -19.47
CA LYS D 99 -2.30 43.40 -18.67
C LYS D 99 -1.88 41.91 -18.71
N THR D 100 -1.38 41.49 -19.87
CA THR D 100 -1.01 40.11 -20.29
C THR D 100 -2.21 39.18 -20.58
N PHE D 101 -2.05 38.30 -21.57
CA PHE D 101 -3.08 37.33 -21.98
C PHE D 101 -3.32 36.22 -20.94
N ASN D 102 -2.25 35.72 -20.34
CA ASN D 102 -2.24 34.63 -19.37
C ASN D 102 -2.20 35.15 -17.92
N ARG D 131 1.81 20.12 -20.75
CA ARG D 131 3.24 20.39 -20.67
C ARG D 131 3.56 21.83 -20.22
N LEU D 132 4.74 22.03 -19.63
CA LEU D 132 5.33 23.34 -19.36
C LEU D 132 5.85 24.00 -20.65
N THR D 133 5.93 25.32 -20.65
CA THR D 133 6.58 26.12 -21.69
C THR D 133 8.01 26.48 -21.32
N ILE D 134 8.83 26.85 -22.30
CA ILE D 134 10.17 27.41 -22.05
C ILE D 134 10.09 28.62 -21.12
N ARG D 135 9.06 29.47 -21.24
CA ARG D 135 8.86 30.65 -20.37
C ARG D 135 8.71 30.29 -18.89
N ASP D 136 8.02 29.21 -18.55
CA ASP D 136 7.86 28.74 -17.16
C ASP D 136 9.15 28.20 -16.52
N LEU D 137 10.20 27.88 -17.27
CA LEU D 137 11.50 27.52 -16.69
C LEU D 137 12.26 28.73 -16.12
N LEU D 138 12.06 29.92 -16.69
CA LEU D 138 12.86 31.12 -16.47
C LEU D 138 12.35 31.91 -15.25
N ALA D 139 13.17 32.82 -14.71
CA ALA D 139 12.70 33.78 -13.71
C ALA D 139 11.80 34.85 -14.33
N GLN D 140 10.89 35.43 -13.56
CA GLN D 140 9.94 36.45 -14.01
C GLN D 140 10.30 37.85 -13.49
N GLY D 141 10.08 38.90 -14.28
CA GLY D 141 10.12 40.28 -13.81
C GLY D 141 9.14 41.19 -14.54
N ARG D 142 8.66 42.23 -13.87
CA ARG D 142 7.76 43.26 -14.42
C ARG D 142 8.51 44.57 -14.63
N THR D 143 8.39 45.18 -15.80
CA THR D 143 9.07 46.44 -16.15
C THR D 143 8.12 47.44 -16.81
N SER D 144 8.25 48.72 -16.50
CA SER D 144 7.52 49.81 -17.16
C SER D 144 8.45 50.68 -18.03
N SER D 145 9.46 50.08 -18.66
CA SER D 145 10.40 50.75 -19.57
C SER D 145 10.65 49.93 -20.84
N ASN D 146 10.86 50.60 -21.97
CA ASN D 146 11.05 49.97 -23.28
C ASN D 146 12.50 49.50 -23.53
N ALA D 147 13.42 49.80 -22.63
CA ALA D 147 14.75 49.22 -22.54
C ALA D 147 15.21 49.10 -21.09
N LEU D 148 16.19 48.24 -20.84
CA LEU D 148 16.70 47.90 -19.52
C LEU D 148 18.20 47.59 -19.61
N GLU D 149 18.98 48.01 -18.62
CA GLU D 149 20.43 47.77 -18.53
C GLU D 149 20.71 46.73 -17.44
N TYR D 150 21.60 45.78 -17.73
CA TYR D 150 21.94 44.72 -16.79
C TYR D 150 23.42 44.33 -16.90
N VAL D 151 23.93 43.69 -15.85
CA VAL D 151 25.31 43.20 -15.81
C VAL D 151 25.33 41.69 -15.95
N ARG D 152 26.09 41.17 -16.90
CA ARG D 152 26.32 39.75 -17.11
C ARG D 152 27.58 39.31 -16.37
N GLU D 153 27.56 38.10 -15.85
CA GLU D 153 28.65 37.45 -15.14
C GLU D 153 29.30 36.41 -16.04
N GLU D 154 30.58 36.54 -16.33
CA GLU D 154 31.34 35.49 -17.04
C GLU D 154 32.22 34.76 -16.04
N VAL D 155 32.09 33.44 -15.96
CA VAL D 155 32.80 32.59 -14.99
C VAL D 155 33.94 31.86 -15.70
N PHE D 156 35.16 31.93 -15.15
CA PHE D 156 36.29 31.15 -15.67
C PHE D 156 36.17 29.69 -15.25
N THR D 157 36.23 28.77 -16.21
CA THR D 157 36.03 27.32 -16.01
C THR D 157 37.13 26.53 -16.71
N ASP D 173 37.57 32.41 -11.09
CA ASP D 173 37.23 33.83 -10.89
C ASP D 173 36.05 34.26 -11.79
N ILE D 174 35.50 35.45 -11.54
CA ILE D 174 34.33 36.02 -12.23
C ILE D 174 34.69 37.40 -12.81
N THR D 175 34.18 37.68 -14.00
CA THR D 175 34.28 38.96 -14.71
C THR D 175 32.88 39.47 -15.06
N PHE D 176 32.76 40.78 -15.29
CA PHE D 176 31.48 41.46 -15.48
C PHE D 176 31.46 42.32 -16.74
N SER D 177 30.31 42.42 -17.40
CA SER D 177 30.11 43.31 -18.55
C SER D 177 28.69 43.87 -18.63
N LYS D 178 28.53 45.08 -19.18
CA LYS D 178 27.24 45.75 -19.40
C LYS D 178 26.53 45.19 -20.63
N GLN D 179 25.22 45.05 -20.53
CA GLN D 179 24.31 44.52 -21.54
C GLN D 179 23.00 45.30 -21.54
N THR D 180 22.23 45.23 -22.62
CA THR D 180 20.89 45.82 -22.67
C THR D 180 19.84 44.83 -23.15
N ALA D 181 18.69 44.84 -22.50
CA ALA D 181 17.52 44.04 -22.83
C ALA D 181 16.47 44.98 -23.44
N ASN D 182 16.51 45.17 -24.75
CA ASN D 182 15.51 45.95 -25.48
C ASN D 182 14.18 45.19 -25.49
N VAL D 183 13.06 45.84 -25.18
CA VAL D 183 11.74 45.23 -25.26
C VAL D 183 11.32 45.06 -26.72
N LYS D 184 10.99 43.84 -27.14
CA LYS D 184 10.52 43.48 -28.48
C LYS D 184 9.06 43.04 -28.43
N THR D 185 8.27 43.35 -29.45
CA THR D 185 6.91 42.80 -29.61
C THR D 185 6.95 41.44 -30.31
N ILE D 186 6.26 40.45 -29.74
CA ILE D 186 6.01 39.15 -30.35
C ILE D 186 4.57 39.21 -30.87
N ALA D 187 4.37 38.99 -32.17
CA ALA D 187 3.10 39.27 -32.85
C ALA D 187 2.68 38.17 -33.81
N HIS D 188 1.38 37.86 -33.85
CA HIS D 188 0.77 36.90 -34.77
C HIS D 188 -0.51 37.51 -35.34
N TRP D 189 -0.76 37.29 -36.64
CA TRP D 189 -1.92 37.85 -37.34
C TRP D 189 -2.55 36.82 -38.29
N VAL D 190 -3.85 37.00 -38.54
CA VAL D 190 -4.69 36.09 -39.32
C VAL D 190 -5.70 36.86 -40.16
N GLN D 191 -6.08 36.29 -41.30
CA GLN D 191 -7.08 36.85 -42.21
C GLN D 191 -8.47 36.25 -41.93
N ALA D 192 -9.50 37.08 -41.89
CA ALA D 192 -10.89 36.66 -41.68
C ALA D 192 -11.86 37.45 -42.56
N SER D 193 -13.00 36.88 -42.91
CA SER D 193 -14.09 37.58 -43.60
C SER D 193 -14.79 38.57 -42.68
N ARG D 194 -15.25 39.70 -43.21
CA ARG D 194 -15.78 40.84 -42.44
C ARG D 194 -16.87 40.46 -41.44
N GLN D 195 -17.72 39.49 -41.77
CA GLN D 195 -18.84 39.07 -40.89
C GLN D 195 -18.44 38.30 -39.61
N VAL D 196 -17.16 38.04 -39.30
CA VAL D 196 -16.78 37.63 -37.92
C VAL D 196 -17.12 38.70 -36.88
N MET D 197 -17.17 39.97 -37.26
CA MET D 197 -17.57 41.05 -36.35
C MET D 197 -19.07 41.05 -36.03
N ASP D 198 -19.88 40.30 -36.78
CA ASP D 198 -21.31 40.15 -36.54
C ASP D 198 -21.64 38.99 -35.58
N ASP D 199 -20.66 38.16 -35.21
CA ASP D 199 -20.87 36.89 -34.52
C ASP D 199 -19.84 36.68 -33.40
N ALA D 200 -20.13 37.20 -32.20
CA ALA D 200 -19.20 37.20 -31.07
C ALA D 200 -18.55 35.84 -30.71
N PRO D 201 -19.26 34.69 -30.63
CA PRO D 201 -18.62 33.39 -30.37
C PRO D 201 -17.70 32.93 -31.51
N MET D 202 -17.90 33.38 -32.73
CA MET D 202 -17.00 33.11 -33.85
C MET D 202 -15.75 33.98 -33.77
N LEU D 203 -15.86 35.28 -33.48
CA LEU D 203 -14.67 36.12 -33.24
C LEU D 203 -13.86 35.57 -32.06
N GLN D 204 -14.51 35.19 -30.97
CA GLN D 204 -13.90 34.53 -29.83
C GLN D 204 -13.16 33.24 -30.20
N SER D 205 -13.70 32.44 -31.11
CA SER D 205 -13.06 31.22 -31.62
C SER D 205 -11.81 31.53 -32.42
N TYR D 206 -11.79 32.59 -33.22
CA TYR D 206 -10.58 33.09 -33.87
C TYR D 206 -9.53 33.52 -32.84
N ILE D 207 -9.88 34.42 -31.94
CA ILE D 207 -8.95 35.00 -30.96
C ILE D 207 -8.66 34.10 -29.75
N ASN D 208 -8.86 32.78 -29.87
CA ASN D 208 -8.13 31.81 -29.07
C ASN D 208 -7.68 30.50 -29.79
N ASN D 209 -8.50 29.86 -30.62
CA ASN D 209 -8.10 28.61 -31.29
C ASN D 209 -7.21 28.81 -32.53
N ARG D 210 -7.37 29.89 -33.29
CA ARG D 210 -6.46 30.29 -34.39
C ARG D 210 -5.29 31.11 -33.86
N LEU D 211 -5.60 32.23 -33.22
CA LEU D 211 -4.65 33.33 -33.04
C LEU D 211 -3.77 33.19 -31.79
N MET D 212 -4.37 32.93 -30.63
CA MET D 212 -3.64 32.87 -29.35
C MET D 212 -2.78 31.62 -29.21
N TYR D 213 -3.19 30.50 -29.81
CA TYR D 213 -2.42 29.27 -29.87
C TYR D 213 -1.12 29.44 -30.66
N GLY D 214 -1.18 30.06 -31.84
CA GLY D 214 -0.03 30.34 -32.68
C GLY D 214 0.96 31.33 -32.05
N LEU D 215 0.50 32.32 -31.28
CA LEU D 215 1.39 33.22 -30.55
C LEU D 215 2.23 32.47 -29.50
N ALA D 216 1.64 31.54 -28.74
CA ALA D 216 2.37 30.74 -27.76
C ALA D 216 3.42 29.81 -28.41
N LEU D 217 3.14 29.26 -29.59
CA LEU D 217 4.13 28.55 -30.40
C LEU D 217 5.24 29.49 -30.92
N LYS D 218 4.98 30.79 -31.04
CA LYS D 218 5.91 31.81 -31.56
C LYS D 218 6.78 32.48 -30.50
N GLU D 219 6.28 32.74 -29.28
CA GLU D 219 7.15 33.16 -28.17
C GLU D 219 8.17 32.06 -27.84
N GLU D 220 7.77 30.79 -27.91
CA GLU D 220 8.63 29.67 -27.54
C GLU D 220 9.82 29.51 -28.48
N GLY D 221 9.67 29.73 -29.78
CA GLY D 221 10.80 29.76 -30.71
C GLY D 221 11.71 30.98 -30.55
N GLN D 222 11.17 32.15 -30.21
CA GLN D 222 12.01 33.31 -29.88
C GLN D 222 12.86 33.08 -28.63
N LEU D 223 12.25 32.65 -27.52
CA LEU D 223 12.94 32.40 -26.25
C LEU D 223 13.97 31.27 -26.37
N LEU D 224 13.68 30.21 -27.12
CA LEU D 224 14.63 29.12 -27.33
C LEU D 224 15.78 29.54 -28.25
N ASN D 225 15.52 30.04 -29.46
CA ASN D 225 16.55 30.17 -30.50
C ASN D 225 16.48 31.42 -31.42
N GLY D 226 16.00 32.55 -30.93
CA GLY D 226 16.20 33.85 -31.58
C GLY D 226 17.62 34.43 -31.48
N ASP D 227 17.87 35.59 -32.08
CA ASP D 227 19.13 36.35 -32.10
C ASP D 227 18.91 37.81 -31.65
N GLY D 228 19.96 38.52 -31.25
CA GLY D 228 19.82 39.94 -30.86
C GLY D 228 19.46 40.91 -32.01
N THR D 229 19.54 40.45 -33.26
CA THR D 229 19.40 41.24 -34.49
C THR D 229 17.95 41.64 -34.82
N GLY D 230 17.72 42.90 -35.17
CA GLY D 230 16.41 43.39 -35.61
C GLY D 230 15.40 43.44 -34.47
N ASP D 231 14.17 42.99 -34.72
CA ASP D 231 13.13 42.88 -33.67
C ASP D 231 13.06 41.50 -33.00
N ASN D 232 14.06 40.64 -33.18
CA ASN D 232 14.20 39.38 -32.45
C ASN D 232 14.67 39.57 -30.99
N LEU D 233 14.32 38.62 -30.11
CA LEU D 233 15.00 38.37 -28.83
C LEU D 233 16.23 37.48 -29.06
N GLU D 234 17.31 37.65 -28.30
CA GLU D 234 18.40 36.67 -28.29
C GLU D 234 18.01 35.45 -27.42
N GLY D 235 17.99 34.25 -28.00
CA GLY D 235 17.44 33.07 -27.33
C GLY D 235 18.45 32.30 -26.49
N LEU D 236 17.97 31.37 -25.66
CA LEU D 236 18.80 30.53 -24.78
C LEU D 236 19.89 29.77 -25.52
N ASN D 237 19.58 29.17 -26.67
CA ASN D 237 20.56 28.41 -27.46
C ASN D 237 21.66 29.27 -28.10
N LYS D 238 21.40 30.57 -28.28
CA LYS D 238 22.37 31.50 -28.86
C LYS D 238 23.46 31.89 -27.84
N VAL D 239 23.09 32.15 -26.59
CA VAL D 239 24.05 32.42 -25.50
C VAL D 239 24.74 31.18 -24.92
N ALA D 240 24.09 30.01 -24.94
CA ALA D 240 24.52 28.78 -24.28
C ALA D 240 25.95 28.33 -24.60
N THR D 241 26.58 27.64 -23.65
CA THR D 241 27.95 27.09 -23.77
C THR D 241 27.94 25.63 -24.21
N ALA D 242 28.93 25.19 -24.97
CA ALA D 242 28.96 23.87 -25.57
C ALA D 242 29.12 22.74 -24.55
N TYR D 243 28.41 21.63 -24.76
CA TYR D 243 28.63 20.37 -24.03
C TYR D 243 30.05 19.84 -24.25
N ASP D 244 30.73 19.47 -23.18
CA ASP D 244 32.10 18.94 -23.23
C ASP D 244 32.12 17.44 -23.57
N THR D 245 32.38 17.10 -24.83
CA THR D 245 32.38 15.71 -25.31
C THR D 245 33.42 14.82 -24.64
N SER D 246 34.39 15.37 -23.90
CA SER D 246 35.34 14.57 -23.11
C SER D 246 34.73 13.94 -21.85
N LEU D 247 33.52 14.34 -21.44
CA LEU D 247 32.79 13.73 -20.32
C LEU D 247 32.27 12.33 -20.67
N ASN D 248 32.02 12.03 -21.96
CA ASN D 248 31.52 10.74 -22.42
C ASN D 248 32.45 9.59 -22.03
N ALA D 249 31.93 8.55 -21.38
CA ALA D 249 32.64 7.28 -21.17
C ALA D 249 32.25 6.26 -22.26
N THR D 250 33.03 5.19 -22.43
CA THR D 250 32.70 4.13 -23.40
C THR D 250 31.42 3.38 -22.99
N GLY D 251 30.54 3.09 -23.95
CA GLY D 251 29.25 2.43 -23.73
C GLY D 251 28.12 3.30 -23.15
N ASP D 252 28.30 4.61 -23.05
CA ASP D 252 27.25 5.53 -22.59
C ASP D 252 26.09 5.67 -23.59
N THR D 253 24.87 5.65 -23.08
CA THR D 253 23.62 5.91 -23.81
C THR D 253 23.33 7.41 -23.93
N ARG D 254 22.29 7.77 -24.70
CA ARG D 254 21.75 9.14 -24.75
C ARG D 254 21.23 9.62 -23.39
N ALA D 255 20.71 8.75 -22.54
CA ALA D 255 20.36 9.08 -21.17
C ALA D 255 21.60 9.47 -20.35
N ASP D 256 22.70 8.74 -20.51
CA ASP D 256 23.96 9.02 -19.80
C ASP D 256 24.61 10.35 -20.25
N ILE D 257 24.45 10.76 -21.51
CA ILE D 257 24.89 12.09 -22.00
C ILE D 257 24.13 13.22 -21.30
N ILE D 258 22.85 13.05 -20.98
CA ILE D 258 22.12 14.03 -20.17
C ILE D 258 22.72 14.15 -18.77
N ALA D 259 23.10 13.03 -18.13
CA ALA D 259 23.68 13.07 -16.80
C ALA D 259 25.01 13.85 -16.74
N HIS D 260 25.88 13.65 -17.73
CA HIS D 260 27.10 14.45 -17.86
C HIS D 260 26.84 15.93 -18.05
N ALA D 261 25.82 16.31 -18.81
CA ALA D 261 25.44 17.69 -19.00
C ALA D 261 24.82 18.32 -17.74
N ILE D 262 24.03 17.57 -16.95
CA ILE D 262 23.56 17.98 -15.62
C ILE D 262 24.74 18.27 -14.69
N TYR D 263 25.76 17.42 -14.70
CA TYR D 263 27.02 17.71 -14.01
C TYR D 263 27.68 19.01 -14.49
N GLN D 264 27.83 19.22 -15.80
CA GLN D 264 28.57 20.36 -16.35
C GLN D 264 27.96 21.71 -15.97
N VAL D 265 26.65 21.80 -15.69
CA VAL D 265 26.02 23.01 -15.13
C VAL D 265 26.65 23.44 -13.80
N THR D 266 27.09 22.51 -12.95
CA THR D 266 27.60 22.80 -11.60
C THR D 266 28.90 23.59 -11.59
N GLU D 267 29.68 23.54 -12.68
CA GLU D 267 30.89 24.34 -12.85
C GLU D 267 30.63 25.85 -12.86
N SER D 268 29.38 26.28 -13.06
CA SER D 268 28.91 27.67 -12.99
C SER D 268 28.54 28.19 -11.60
N GLU D 269 28.66 27.38 -10.53
CA GLU D 269 28.08 27.56 -9.18
C GLU D 269 26.54 27.44 -9.07
N PHE D 270 25.77 27.37 -10.16
CA PHE D 270 24.34 27.05 -10.13
C PHE D 270 24.08 25.54 -10.28
N SER D 271 22.84 25.10 -10.07
CA SER D 271 22.38 23.71 -10.23
C SER D 271 21.40 23.58 -11.39
N ALA D 272 21.36 22.45 -12.08
CA ALA D 272 20.41 22.20 -13.16
C ALA D 272 18.96 22.24 -12.68
N SER D 273 18.02 22.58 -13.58
CA SER D 273 16.60 22.79 -13.22
C SER D 273 15.60 22.39 -14.31
N GLY D 274 16.04 21.93 -15.49
CA GLY D 274 15.14 21.42 -16.53
C GLY D 274 15.93 20.95 -17.75
N ILE D 275 15.34 20.09 -18.58
CA ILE D 275 15.90 19.61 -19.84
C ILE D 275 14.93 19.95 -20.97
N VAL D 276 15.41 20.53 -22.07
CA VAL D 276 14.60 20.89 -23.25
C VAL D 276 14.96 19.95 -24.39
N LEU D 277 13.96 19.28 -24.97
CA LEU D 277 14.13 18.24 -25.98
C LEU D 277 13.16 18.43 -27.15
N ASN D 278 13.44 17.78 -28.27
CA ASN D 278 12.44 17.55 -29.29
C ASN D 278 11.56 16.34 -28.88
N PRO D 279 10.25 16.29 -29.19
CA PRO D 279 9.42 15.14 -28.89
C PRO D 279 9.90 13.79 -29.45
N ARG D 280 10.63 13.76 -30.57
CA ARG D 280 11.27 12.54 -31.09
C ARG D 280 12.29 11.98 -30.11
N ASP D 281 13.20 12.85 -29.66
CA ASP D 281 14.27 12.50 -28.73
C ASP D 281 13.75 12.11 -27.35
N TRP D 282 12.71 12.78 -26.85
CA TRP D 282 12.08 12.37 -25.60
C TRP D 282 11.36 11.03 -25.71
N HIS D 283 10.66 10.73 -26.81
CA HIS D 283 10.10 9.40 -27.04
C HIS D 283 11.15 8.30 -27.09
N ASN D 284 12.34 8.53 -27.68
CA ASN D 284 13.45 7.58 -27.62
C ASN D 284 13.96 7.36 -26.17
N ILE D 285 14.20 8.42 -25.40
CA ILE D 285 14.79 8.33 -24.06
C ILE D 285 13.80 7.75 -23.03
N ALA D 286 12.53 8.15 -23.05
CA ALA D 286 11.57 7.74 -22.05
C ALA D 286 11.34 6.21 -22.08
N LEU D 287 11.07 5.63 -23.25
CA LEU D 287 10.90 4.19 -23.47
C LEU D 287 12.26 3.51 -23.73
N LEU D 288 13.25 3.73 -22.87
CA LEU D 288 14.58 3.12 -22.94
C LEU D 288 14.74 2.06 -21.84
N LYS D 289 15.14 0.83 -22.23
CA LYS D 289 15.26 -0.33 -21.33
C LYS D 289 16.73 -0.68 -21.08
N ASP D 290 17.05 -1.01 -19.83
CA ASP D 290 18.37 -1.56 -19.48
C ASP D 290 18.47 -3.05 -19.85
N ASN D 291 19.65 -3.64 -19.74
CA ASN D 291 19.94 -5.01 -20.14
C ASN D 291 19.27 -6.11 -19.27
N GLU D 292 18.64 -5.78 -18.15
CA GLU D 292 17.65 -6.66 -17.48
C GLU D 292 16.27 -6.70 -18.18
N GLY D 293 15.99 -5.80 -19.12
CA GLY D 293 14.68 -5.64 -19.76
C GLY D 293 13.67 -4.77 -19.00
N ARG D 294 14.03 -4.24 -17.81
CA ARG D 294 13.28 -3.17 -17.12
C ARG D 294 13.49 -1.81 -17.79
N TYR D 295 12.50 -0.93 -17.72
CA TYR D 295 12.65 0.47 -18.14
C TYR D 295 13.56 1.25 -17.19
N ILE D 296 14.39 2.14 -17.73
CA ILE D 296 15.26 3.05 -16.97
C ILE D 296 14.46 4.16 -16.27
N PHE D 297 13.32 4.58 -16.85
CA PHE D 297 12.45 5.62 -16.29
C PHE D 297 11.04 5.11 -15.96
N GLY D 298 10.43 4.35 -16.89
CA GLY D 298 9.10 3.73 -16.76
C GLY D 298 8.43 3.54 -18.13
N GLY D 299 7.21 3.02 -18.15
CA GLY D 299 6.39 2.91 -19.36
C GLY D 299 5.69 4.25 -19.70
N PRO D 300 4.37 4.30 -19.84
CA PRO D 300 3.67 5.54 -20.21
C PRO D 300 3.83 6.66 -19.18
N GLN D 301 4.15 6.36 -17.92
CA GLN D 301 4.47 7.35 -16.88
C GLN D 301 5.89 7.93 -16.94
N ALA D 302 6.72 7.50 -17.90
CA ALA D 302 7.94 8.21 -18.24
C ALA D 302 7.66 9.27 -19.30
N PHE D 303 7.00 8.90 -20.40
CA PHE D 303 6.81 9.79 -21.54
C PHE D 303 5.75 10.86 -21.26
N THR D 304 4.59 10.47 -20.74
CA THR D 304 3.69 11.42 -20.04
C THR D 304 4.25 11.67 -18.64
N SER D 305 3.80 12.71 -17.93
CA SER D 305 4.40 13.12 -16.65
C SER D 305 5.90 13.43 -16.84
N ASN D 306 6.17 14.55 -17.51
CA ASN D 306 7.47 14.90 -18.11
C ASN D 306 8.59 15.17 -17.08
N ILE D 307 9.15 14.12 -16.49
CA ILE D 307 10.17 14.18 -15.44
C ILE D 307 11.30 13.23 -15.80
N MET D 308 12.55 13.69 -15.67
CA MET D 308 13.76 12.89 -15.83
C MET D 308 14.67 13.17 -14.64
N TRP D 309 14.88 12.18 -13.76
CA TRP D 309 15.64 12.31 -12.51
C TRP D 309 15.21 13.48 -11.60
N GLY D 310 13.90 13.69 -11.49
CA GLY D 310 13.30 14.76 -10.71
C GLY D 310 13.32 16.15 -11.36
N LEU D 311 14.00 16.31 -12.49
CA LEU D 311 14.04 17.57 -13.25
C LEU D 311 12.92 17.58 -14.30
N PRO D 312 12.19 18.70 -14.49
CA PRO D 312 11.21 18.87 -15.56
C PRO D 312 11.80 18.69 -16.96
N VAL D 313 11.08 18.01 -17.84
CA VAL D 313 11.34 17.99 -19.28
C VAL D 313 10.35 18.90 -19.99
N VAL D 314 10.81 19.75 -20.90
CA VAL D 314 9.98 20.51 -21.83
C VAL D 314 10.19 19.96 -23.24
N PRO D 315 9.29 19.09 -23.76
CA PRO D 315 9.39 18.60 -25.12
C PRO D 315 8.69 19.60 -26.05
N THR D 316 9.45 20.28 -26.91
CA THR D 316 8.93 21.38 -27.75
C THR D 316 9.36 21.22 -29.20
N LYS D 317 8.48 21.55 -30.15
CA LYS D 317 8.76 21.50 -31.60
C LYS D 317 9.86 22.48 -32.02
N ALA D 318 10.08 23.55 -31.25
CA ALA D 318 11.10 24.56 -31.50
C ALA D 318 12.55 24.03 -31.36
N GLN D 319 12.76 22.89 -30.70
CA GLN D 319 14.07 22.29 -30.51
C GLN D 319 14.40 21.37 -31.70
N ALA D 320 15.54 21.56 -32.37
CA ALA D 320 15.91 20.71 -33.49
C ALA D 320 16.16 19.26 -33.06
N ALA D 321 15.70 18.29 -33.83
CA ALA D 321 15.89 16.88 -33.49
C ALA D 321 17.39 16.53 -33.42
N GLY D 322 17.81 15.85 -32.35
CA GLY D 322 19.22 15.58 -32.04
C GLY D 322 19.92 16.65 -31.19
N THR D 323 19.29 17.79 -30.90
CA THR D 323 19.81 18.84 -30.01
C THR D 323 19.14 18.77 -28.64
N PHE D 324 19.91 18.96 -27.57
CA PHE D 324 19.41 19.07 -26.19
C PHE D 324 19.89 20.36 -25.54
N THR D 325 19.19 20.83 -24.52
CA THR D 325 19.62 21.97 -23.68
C THR D 325 19.27 21.69 -22.23
N VAL D 326 20.21 21.89 -21.32
CA VAL D 326 19.99 21.73 -19.87
C VAL D 326 20.65 22.89 -19.15
N GLY D 327 20.02 23.43 -18.11
CA GLY D 327 20.59 24.59 -17.43
C GLY D 327 19.92 24.98 -16.12
N GLY D 328 20.47 26.01 -15.49
CA GLY D 328 19.95 26.64 -14.28
C GLY D 328 18.96 27.76 -14.58
N PHE D 329 17.98 27.49 -15.45
CA PHE D 329 17.13 28.50 -16.09
C PHE D 329 16.46 29.50 -15.14
N ASP D 330 16.07 29.08 -13.93
CA ASP D 330 15.42 29.92 -12.93
C ASP D 330 16.36 30.91 -12.20
N MET D 331 17.64 30.89 -12.55
CA MET D 331 18.69 31.68 -11.89
C MET D 331 19.69 32.26 -12.90
N ALA D 332 19.89 31.59 -14.04
CA ALA D 332 20.72 32.04 -15.14
C ALA D 332 20.10 33.13 -16.02
N SER D 333 18.77 33.30 -16.04
CA SER D 333 18.04 34.16 -17.00
C SER D 333 16.70 34.65 -16.46
N GLN D 334 16.18 35.78 -16.97
CA GLN D 334 14.92 36.37 -16.54
C GLN D 334 14.14 37.01 -17.70
N VAL D 335 12.83 36.74 -17.78
CA VAL D 335 11.93 37.38 -18.74
C VAL D 335 11.35 38.62 -18.09
N TRP D 336 11.65 39.78 -18.66
CA TRP D 336 11.13 41.08 -18.25
C TRP D 336 9.91 41.40 -19.11
N ASP D 337 8.75 41.45 -18.50
CA ASP D 337 7.46 41.59 -19.16
C ASP D 337 6.98 43.04 -19.08
N ARG D 338 6.69 43.65 -20.23
CA ARG D 338 6.31 45.07 -20.30
C ARG D 338 4.85 45.31 -19.89
N MET D 339 4.02 44.28 -19.73
CA MET D 339 2.56 44.43 -19.70
C MET D 339 2.03 45.03 -21.03
N ASP D 340 0.74 45.38 -21.09
CA ASP D 340 0.09 45.93 -22.30
C ASP D 340 0.24 45.05 -23.55
N ALA D 341 -0.29 43.82 -23.49
CA ALA D 341 -0.53 42.96 -24.65
C ALA D 341 -1.89 43.28 -25.30
N THR D 342 -2.03 43.19 -26.63
CA THR D 342 -3.17 43.79 -27.35
C THR D 342 -3.76 42.90 -28.44
N VAL D 343 -5.01 43.21 -28.86
CA VAL D 343 -5.63 42.74 -30.10
C VAL D 343 -6.12 43.95 -30.91
N GLU D 344 -5.81 43.99 -32.20
CA GLU D 344 -6.35 44.97 -33.14
C GLU D 344 -7.05 44.25 -34.29
N VAL D 345 -8.16 44.82 -34.75
CA VAL D 345 -8.86 44.40 -35.99
C VAL D 345 -8.73 45.52 -37.02
N SER D 346 -8.24 45.18 -38.22
CA SER D 346 -7.97 46.11 -39.30
C SER D 346 -8.75 45.76 -40.56
N ARG D 347 -9.20 46.79 -41.28
CA ARG D 347 -9.89 46.70 -42.57
C ARG D 347 -9.15 47.42 -43.70
N GLU D 348 -8.04 48.11 -43.41
CA GLU D 348 -7.58 49.26 -44.19
C GLU D 348 -7.28 49.04 -45.69
N ASP D 349 -6.42 48.10 -46.08
CA ASP D 349 -5.90 48.03 -47.46
C ASP D 349 -6.78 47.21 -48.44
N ARG D 350 -6.16 46.65 -49.50
CA ARG D 350 -6.72 45.63 -50.42
C ARG D 350 -7.32 44.37 -49.76
N ASP D 351 -7.33 44.24 -48.44
CA ASP D 351 -8.30 43.39 -47.74
C ASP D 351 -9.72 43.63 -48.24
N ASN D 352 -10.23 44.85 -48.07
CA ASN D 352 -11.65 45.09 -48.24
C ASN D 352 -11.99 45.48 -49.69
N PHE D 353 -11.29 46.46 -50.25
CA PHE D 353 -11.59 47.01 -51.58
C PHE D 353 -11.03 46.20 -52.77
N VAL D 354 -11.11 44.87 -52.63
CA VAL D 354 -11.19 43.89 -53.73
C VAL D 354 -11.78 42.58 -53.22
N LYS D 355 -11.45 42.15 -51.98
CA LYS D 355 -11.79 40.81 -51.45
C LYS D 355 -12.65 40.78 -50.17
N ASN D 356 -13.17 41.90 -49.67
CA ASN D 356 -14.05 41.98 -48.50
C ASN D 356 -13.52 41.34 -47.19
N MET D 357 -12.19 41.21 -47.03
CA MET D 357 -11.50 40.66 -45.86
C MET D 357 -11.33 41.68 -44.72
N LEU D 358 -10.83 41.21 -43.58
CA LEU D 358 -10.19 41.99 -42.53
C LEU D 358 -9.02 41.20 -41.90
N THR D 359 -8.11 41.86 -41.19
CA THR D 359 -7.00 41.22 -40.47
C THR D 359 -7.21 41.33 -38.96
N ILE D 360 -6.96 40.25 -38.23
CA ILE D 360 -6.89 40.27 -36.76
C ILE D 360 -5.43 40.03 -36.35
N LEU D 361 -4.88 40.92 -35.53
CA LEU D 361 -3.51 40.91 -35.04
C LEU D 361 -3.51 40.89 -33.51
N CYS D 362 -2.78 39.98 -32.86
CA CYS D 362 -2.53 40.09 -31.42
C CYS D 362 -1.06 39.91 -31.06
N GLU D 363 -0.62 40.62 -30.02
CA GLU D 363 0.80 40.81 -29.76
C GLU D 363 1.14 41.18 -28.30
N GLU D 364 2.34 40.85 -27.84
CA GLU D 364 2.82 41.10 -26.47
C GLU D 364 4.29 41.55 -26.45
N ARG D 365 4.71 42.32 -25.45
CA ARG D 365 6.05 42.93 -25.36
C ARG D 365 6.91 42.29 -24.26
N LEU D 366 8.06 41.73 -24.63
CA LEU D 366 8.99 41.02 -23.76
C LEU D 366 10.43 41.50 -23.94
N ALA D 367 11.25 41.38 -22.91
CA ALA D 367 12.69 41.30 -23.04
C ALA D 367 13.22 40.08 -22.26
N LEU D 368 14.35 39.51 -22.68
CA LEU D 368 15.02 38.40 -22.00
C LEU D 368 16.45 38.82 -21.62
N ALA D 369 16.80 38.73 -20.34
CA ALA D 369 18.13 39.07 -19.81
C ALA D 369 18.87 37.81 -19.32
N HIS D 370 20.07 37.52 -19.85
CA HIS D 370 20.87 36.35 -19.47
C HIS D 370 22.02 36.75 -18.56
N TYR D 371 21.86 36.54 -17.25
CA TYR D 371 22.82 36.96 -16.24
C TYR D 371 24.07 36.10 -16.16
N ARG D 372 24.00 34.80 -16.49
CA ARG D 372 25.15 33.89 -16.42
C ARG D 372 25.07 32.74 -17.43
N PRO D 373 25.51 32.94 -18.69
CA PRO D 373 25.39 31.93 -19.75
C PRO D 373 26.11 30.60 -19.49
N THR D 374 27.12 30.57 -18.63
CA THR D 374 27.86 29.34 -18.24
C THR D 374 26.98 28.30 -17.55
N ALA D 375 25.83 28.72 -17.00
CA ALA D 375 24.84 27.83 -16.42
C ALA D 375 23.87 27.20 -17.44
N ILE D 376 24.01 27.47 -18.75
CA ILE D 376 23.21 26.85 -19.83
C ILE D 376 24.14 26.05 -20.76
N ILE D 377 23.86 24.75 -20.90
CA ILE D 377 24.64 23.81 -21.69
C ILE D 377 23.83 23.41 -22.91
N LYS D 378 24.35 23.62 -24.12
CA LYS D 378 23.76 23.12 -25.39
C LYS D 378 24.64 22.03 -25.97
N GLY D 379 24.05 20.95 -26.46
CA GLY D 379 24.80 19.89 -27.13
C GLY D 379 23.96 19.14 -28.15
N THR D 380 24.60 18.24 -28.88
CA THR D 380 23.92 17.31 -29.80
C THR D 380 24.24 15.87 -29.40
N PHE D 381 23.29 14.97 -29.60
CA PHE D 381 23.46 13.56 -29.26
C PHE D 381 24.49 12.87 -30.17
N SER D 382 25.19 11.85 -29.66
CA SER D 382 26.24 11.13 -30.41
C SER D 382 25.71 10.34 -31.61
N SER D 383 24.41 10.03 -31.61
CA SER D 383 23.74 9.03 -32.46
C SER D 383 22.22 9.20 -32.44
N SER E 76 -25.95 15.44 -13.38
CA SER E 76 -25.38 14.55 -14.42
C SER E 76 -26.06 14.72 -15.78
N PHE E 77 -25.35 14.57 -16.89
CA PHE E 77 -25.91 14.62 -18.24
C PHE E 77 -27.01 13.57 -18.48
N SER E 78 -26.77 12.31 -18.13
CA SER E 78 -27.74 11.22 -18.35
C SER E 78 -29.01 11.38 -17.53
N GLU E 79 -28.89 11.91 -16.30
CA GLU E 79 -30.01 12.32 -15.46
C GLU E 79 -30.83 13.44 -16.11
N ARG E 80 -30.20 14.54 -16.55
CA ARG E 80 -30.90 15.63 -17.23
C ARG E 80 -31.54 15.21 -18.56
N ALA E 81 -30.84 14.44 -19.38
CA ALA E 81 -31.38 13.98 -20.66
C ALA E 81 -32.60 13.08 -20.49
N ALA E 82 -32.55 12.09 -19.59
CA ALA E 82 -33.69 11.19 -19.38
C ALA E 82 -34.90 11.91 -18.78
N GLU E 83 -34.70 12.80 -17.81
CA GLU E 83 -35.80 13.54 -17.17
C GLU E 83 -36.55 14.43 -18.17
N GLU E 84 -35.85 15.12 -19.07
CA GLU E 84 -36.51 15.94 -20.09
C GLU E 84 -37.17 15.11 -21.22
N LEU E 85 -36.55 14.00 -21.64
CA LEU E 85 -37.19 13.06 -22.55
C LEU E 85 -38.52 12.51 -21.99
N ILE E 86 -38.61 12.07 -20.73
CA ILE E 86 -39.91 11.59 -20.19
C ILE E 86 -40.89 12.73 -19.94
N LYS E 87 -40.43 13.94 -19.61
CA LYS E 87 -41.28 15.12 -19.40
C LYS E 87 -41.96 15.58 -20.70
N SER E 88 -41.21 15.60 -21.80
CA SER E 88 -41.67 16.05 -23.12
C SER E 88 -42.38 14.98 -23.97
N TRP E 89 -42.32 13.70 -23.60
CA TRP E 89 -42.63 12.56 -24.47
C TRP E 89 -43.97 12.58 -25.23
N ASP E 90 -45.08 12.92 -24.57
CA ASP E 90 -46.40 13.08 -25.20
C ASP E 90 -46.79 11.94 -26.18
N GLY E 91 -46.50 10.69 -25.82
CA GLY E 91 -46.91 9.48 -26.53
C GLY E 91 -46.20 9.16 -27.85
N LYS E 92 -45.38 10.05 -28.41
CA LYS E 92 -44.73 9.81 -29.72
C LYS E 92 -43.45 10.60 -30.04
N GLN E 93 -43.12 11.68 -29.35
CA GLN E 93 -41.88 12.43 -29.59
C GLN E 93 -41.36 13.09 -28.31
N GLY E 94 -40.12 12.77 -27.92
CA GLY E 94 -39.42 13.42 -26.81
C GLY E 94 -38.18 14.15 -27.31
N THR E 95 -37.80 15.26 -26.67
CA THR E 95 -36.65 16.10 -27.09
C THR E 95 -35.85 16.59 -25.88
N PHE E 96 -34.53 16.64 -25.99
CA PHE E 96 -33.61 17.32 -25.07
C PHE E 96 -32.56 18.14 -25.83
N GLY E 97 -32.31 19.37 -25.39
CA GLY E 97 -31.31 20.26 -25.97
C GLY E 97 -29.96 20.13 -25.29
N ALA E 98 -29.15 19.18 -25.75
CA ALA E 98 -27.73 19.10 -25.43
C ALA E 98 -26.97 20.13 -26.27
N LYS E 99 -26.43 21.20 -25.68
CA LYS E 99 -25.71 22.24 -26.45
C LYS E 99 -24.28 21.77 -26.79
N THR E 100 -24.18 20.99 -27.87
CA THR E 100 -23.05 20.11 -28.26
C THR E 100 -22.67 19.02 -27.26
N PHE E 101 -22.07 17.94 -27.75
CA PHE E 101 -21.66 16.78 -26.95
C PHE E 101 -20.19 16.94 -26.52
N ASN E 102 -20.00 17.43 -25.29
CA ASN E 102 -18.73 17.65 -24.59
C ASN E 102 -17.73 18.64 -25.23
N LYS E 103 -17.81 18.98 -26.52
CA LYS E 103 -16.92 19.95 -27.19
C LYS E 103 -17.24 21.44 -26.92
N SER E 104 -17.58 21.75 -25.65
CA SER E 104 -17.54 23.11 -25.07
C SER E 104 -16.14 23.72 -25.10
N LEU E 105 -15.11 22.87 -25.25
CA LEU E 105 -13.70 23.19 -25.21
C LEU E 105 -13.28 24.29 -26.21
N ARG E 131 -7.74 5.61 -27.41
CA ARG E 131 -7.30 6.33 -28.60
C ARG E 131 -7.93 7.72 -28.74
N LEU E 132 -7.27 8.60 -29.49
CA LEU E 132 -7.85 9.83 -30.03
C LEU E 132 -8.70 9.55 -31.28
N THR E 133 -9.49 10.54 -31.65
CA THR E 133 -10.26 10.61 -32.90
C THR E 133 -9.74 11.70 -33.82
N ILE E 134 -10.16 11.72 -35.09
CA ILE E 134 -9.84 12.81 -36.02
C ILE E 134 -10.26 14.17 -35.45
N ARG E 135 -11.40 14.26 -34.77
CA ARG E 135 -11.87 15.51 -34.15
C ARG E 135 -11.00 15.96 -32.97
N ASP E 136 -10.20 15.10 -32.38
CA ASP E 136 -9.23 15.47 -31.35
C ASP E 136 -7.92 16.01 -31.92
N LEU E 137 -7.57 15.67 -33.18
CA LEU E 137 -6.39 16.19 -33.87
C LEU E 137 -6.55 17.62 -34.36
N LEU E 138 -7.75 17.97 -34.84
CA LEU E 138 -8.12 19.26 -35.43
C LEU E 138 -8.36 20.35 -34.37
N ALA E 139 -8.39 21.63 -34.77
CA ALA E 139 -8.87 22.72 -33.91
C ALA E 139 -10.40 22.78 -33.87
N GLN E 140 -10.96 23.46 -32.87
CA GLN E 140 -12.42 23.59 -32.63
C GLN E 140 -12.87 25.05 -32.67
N GLY E 141 -14.13 25.31 -33.01
CA GLY E 141 -14.72 26.64 -32.97
C GLY E 141 -16.25 26.61 -32.96
N ARG E 142 -16.86 27.74 -32.62
CA ARG E 142 -18.27 27.89 -32.26
C ARG E 142 -18.94 28.91 -33.19
N THR E 143 -20.03 28.57 -33.88
CA THR E 143 -20.63 29.41 -34.93
C THR E 143 -22.12 29.66 -34.72
N SER E 144 -22.63 30.83 -35.12
CA SER E 144 -24.06 31.18 -35.03
C SER E 144 -24.78 31.25 -36.38
N SER E 145 -24.19 30.70 -37.44
CA SER E 145 -24.75 30.72 -38.80
C SER E 145 -24.45 29.41 -39.54
N ASN E 146 -25.32 29.03 -40.49
CA ASN E 146 -25.25 27.75 -41.19
C ASN E 146 -24.38 27.80 -42.46
N ALA E 147 -24.21 28.98 -43.05
CA ALA E 147 -23.16 29.30 -43.99
C ALA E 147 -22.02 30.01 -43.26
N LEU E 148 -20.78 29.78 -43.71
CA LEU E 148 -19.57 30.24 -43.03
C LEU E 148 -18.53 30.65 -44.06
N GLU E 149 -18.23 31.94 -44.14
CA GLU E 149 -17.12 32.49 -44.93
C GLU E 149 -15.78 32.28 -44.22
N TYR E 150 -14.70 32.01 -44.96
CA TYR E 150 -13.34 32.00 -44.43
C TYR E 150 -12.29 32.27 -45.51
N VAL E 151 -11.06 32.60 -45.10
CA VAL E 151 -9.94 32.87 -45.99
C VAL E 151 -8.94 31.71 -45.95
N ARG E 152 -8.61 31.13 -47.10
CA ARG E 152 -7.57 30.11 -47.27
C ARG E 152 -6.24 30.75 -47.63
N GLU E 153 -5.16 30.05 -47.33
CA GLU E 153 -3.76 30.41 -47.53
C GLU E 153 -3.16 29.44 -48.56
N GLU E 154 -2.65 29.91 -49.70
CA GLU E 154 -1.84 29.06 -50.60
C GLU E 154 -0.35 29.40 -50.49
N VAL E 155 0.50 28.39 -50.59
CA VAL E 155 1.96 28.48 -50.47
C VAL E 155 2.62 28.04 -51.79
N PHE E 156 3.53 28.85 -52.35
CA PHE E 156 4.34 28.48 -53.52
C PHE E 156 5.50 27.55 -53.14
N THR E 157 5.77 26.51 -53.93
CA THR E 157 6.85 25.53 -53.70
C THR E 157 7.59 25.13 -54.98
N ASP E 173 5.90 33.39 -51.15
CA ASP E 173 5.07 34.13 -50.20
C ASP E 173 3.63 33.56 -50.12
N ILE E 174 2.89 33.91 -49.07
CA ILE E 174 1.51 33.50 -48.87
C ILE E 174 0.56 34.30 -49.79
N THR E 175 -0.41 33.62 -50.40
CA THR E 175 -1.54 34.21 -51.11
C THR E 175 -2.85 33.83 -50.42
N PHE E 176 -3.85 34.72 -50.46
CA PHE E 176 -5.13 34.56 -49.78
C PHE E 176 -6.31 34.42 -50.75
N SER E 177 -7.28 33.55 -50.45
CA SER E 177 -8.51 33.41 -51.25
C SER E 177 -9.75 33.15 -50.40
N LYS E 178 -10.90 33.68 -50.84
CA LYS E 178 -12.20 33.44 -50.19
C LYS E 178 -12.67 32.01 -50.45
N GLN E 179 -13.17 31.38 -49.41
CA GLN E 179 -13.74 30.03 -49.37
C GLN E 179 -14.97 30.05 -48.47
N THR E 180 -15.81 29.01 -48.56
CA THR E 180 -16.96 28.87 -47.66
C THR E 180 -17.25 27.41 -47.33
N ALA E 181 -17.80 27.19 -46.14
CA ALA E 181 -18.29 25.89 -45.66
C ALA E 181 -19.75 26.02 -45.25
N ASN E 182 -20.53 24.98 -45.50
CA ASN E 182 -21.92 24.86 -45.11
C ASN E 182 -22.04 23.83 -44.02
N VAL E 183 -22.76 24.15 -42.95
CA VAL E 183 -22.97 23.28 -41.79
C VAL E 183 -23.89 22.11 -42.15
N LYS E 184 -23.36 20.88 -42.10
CA LYS E 184 -24.09 19.63 -42.36
C LYS E 184 -24.48 18.93 -41.06
N THR E 185 -25.35 17.93 -41.13
CA THR E 185 -25.86 17.18 -39.97
C THR E 185 -25.23 15.78 -39.88
N ILE E 186 -24.79 15.41 -38.68
CA ILE E 186 -24.27 14.09 -38.34
C ILE E 186 -25.22 13.47 -37.32
N ALA E 187 -25.65 12.23 -37.52
CA ALA E 187 -26.63 11.58 -36.64
C ALA E 187 -26.32 10.11 -36.41
N HIS E 188 -26.48 9.65 -35.17
CA HIS E 188 -26.39 8.24 -34.76
C HIS E 188 -27.61 7.86 -33.93
N TRP E 189 -28.07 6.62 -34.06
CA TRP E 189 -29.24 6.12 -33.35
C TRP E 189 -29.05 4.72 -32.76
N VAL E 190 -29.86 4.45 -31.74
CA VAL E 190 -29.99 3.19 -31.02
C VAL E 190 -31.46 2.79 -31.01
N GLN E 191 -31.75 1.50 -31.14
CA GLN E 191 -33.09 0.96 -30.92
C GLN E 191 -33.19 0.28 -29.55
N ALA E 192 -34.27 0.57 -28.84
CA ALA E 192 -34.53 0.10 -27.48
C ALA E 192 -35.98 -0.40 -27.35
N SER E 193 -36.29 -1.20 -26.34
CA SER E 193 -37.66 -1.66 -26.14
C SER E 193 -38.58 -0.54 -25.67
N ARG E 194 -39.89 -0.65 -25.93
CA ARG E 194 -40.88 0.39 -25.63
C ARG E 194 -40.98 0.76 -24.14
N GLN E 195 -40.67 -0.17 -23.23
CA GLN E 195 -40.69 0.06 -21.78
C GLN E 195 -39.73 1.15 -21.30
N VAL E 196 -38.70 1.48 -22.09
CA VAL E 196 -37.69 2.49 -21.75
C VAL E 196 -38.31 3.87 -21.48
N MET E 197 -39.46 4.20 -22.08
CA MET E 197 -40.18 5.46 -21.81
C MET E 197 -41.07 5.42 -20.57
N ASP E 198 -41.20 4.26 -19.90
CA ASP E 198 -41.97 4.06 -18.67
C ASP E 198 -41.09 3.85 -17.43
N ASP E 199 -39.77 3.93 -17.56
CA ASP E 199 -38.79 3.69 -16.47
C ASP E 199 -37.54 4.56 -16.67
N ALA E 200 -37.48 5.72 -16.03
CA ALA E 200 -36.37 6.66 -16.23
C ALA E 200 -34.96 6.09 -15.94
N PRO E 201 -34.72 5.28 -14.89
CA PRO E 201 -33.47 4.53 -14.73
C PRO E 201 -33.07 3.65 -15.91
N MET E 202 -34.03 3.05 -16.60
CA MET E 202 -33.76 2.26 -17.80
C MET E 202 -33.42 3.15 -19.00
N LEU E 203 -34.04 4.33 -19.12
CA LEU E 203 -33.66 5.34 -20.11
C LEU E 203 -32.24 5.84 -19.88
N GLN E 204 -31.87 6.21 -18.65
CA GLN E 204 -30.49 6.59 -18.31
C GLN E 204 -29.48 5.48 -18.64
N SER E 205 -29.87 4.22 -18.55
CA SER E 205 -29.01 3.09 -18.88
C SER E 205 -28.74 2.95 -20.39
N TYR E 206 -29.50 3.64 -21.24
CA TYR E 206 -29.24 3.80 -22.69
C TYR E 206 -28.62 5.15 -23.07
N ILE E 207 -28.86 6.25 -22.35
CA ILE E 207 -28.17 7.53 -22.58
C ILE E 207 -26.80 7.51 -21.87
N ASN E 208 -25.80 6.87 -22.48
CA ASN E 208 -24.50 6.56 -21.86
C ASN E 208 -23.30 6.72 -22.84
N ASN E 209 -22.10 6.30 -22.45
CA ASN E 209 -20.88 6.35 -23.27
C ASN E 209 -20.94 5.55 -24.59
N ARG E 210 -21.73 4.47 -24.68
CA ARG E 210 -21.92 3.72 -25.93
C ARG E 210 -22.67 4.53 -26.98
N LEU E 211 -23.60 5.38 -26.56
CA LEU E 211 -24.30 6.32 -27.44
C LEU E 211 -23.34 7.40 -27.98
N MET E 212 -22.56 8.04 -27.11
CA MET E 212 -21.65 9.12 -27.49
C MET E 212 -20.48 8.65 -28.37
N TYR E 213 -19.91 7.47 -28.09
CA TYR E 213 -18.87 6.87 -28.92
C TYR E 213 -19.36 6.53 -30.33
N GLY E 214 -20.66 6.30 -30.52
CA GLY E 214 -21.25 6.09 -31.84
C GLY E 214 -21.19 7.32 -32.74
N LEU E 215 -21.56 8.51 -32.24
CA LEU E 215 -21.38 9.76 -32.98
C LEU E 215 -19.90 10.01 -33.33
N ALA E 216 -18.97 9.72 -32.42
CA ALA E 216 -17.54 9.87 -32.67
C ALA E 216 -17.06 9.02 -33.86
N LEU E 217 -17.58 7.81 -34.03
CA LEU E 217 -17.31 6.95 -35.19
C LEU E 217 -18.00 7.46 -36.45
N LYS E 218 -19.21 8.02 -36.33
CA LYS E 218 -19.99 8.58 -37.44
C LYS E 218 -19.36 9.86 -38.01
N GLU E 219 -18.93 10.79 -37.16
CA GLU E 219 -18.30 12.05 -37.60
C GLU E 219 -16.91 11.79 -38.18
N GLU E 220 -16.17 10.82 -37.66
CA GLU E 220 -14.81 10.53 -38.09
C GLU E 220 -14.71 10.10 -39.56
N GLY E 221 -15.69 9.35 -40.08
CA GLY E 221 -15.76 9.07 -41.51
C GLY E 221 -16.16 10.25 -42.39
N GLN E 222 -16.92 11.21 -41.87
CA GLN E 222 -17.23 12.45 -42.58
C GLN E 222 -16.02 13.38 -42.65
N LEU E 223 -15.34 13.63 -41.53
CA LEU E 223 -14.15 14.48 -41.46
C LEU E 223 -12.98 13.93 -42.30
N LEU E 224 -12.78 12.61 -42.33
CA LEU E 224 -11.67 11.99 -43.05
C LEU E 224 -11.94 11.79 -44.54
N ASN E 225 -13.05 11.14 -44.93
CA ASN E 225 -13.31 10.73 -46.33
C ASN E 225 -14.32 11.59 -47.11
N GLY E 226 -15.06 12.50 -46.48
CA GLY E 226 -16.27 13.07 -47.07
C GLY E 226 -16.07 13.91 -48.36
N ASP E 227 -17.06 13.90 -49.24
CA ASP E 227 -17.14 14.73 -50.45
C ASP E 227 -17.76 16.12 -50.17
N GLY E 228 -17.55 17.08 -51.06
CA GLY E 228 -18.30 18.34 -51.00
C GLY E 228 -19.77 18.20 -51.41
N THR E 229 -20.11 17.14 -52.14
CA THR E 229 -21.42 16.89 -52.74
C THR E 229 -22.46 16.38 -51.73
N GLY E 230 -23.71 16.81 -51.88
CA GLY E 230 -24.86 16.31 -51.13
C GLY E 230 -24.88 16.71 -49.66
N ASP E 231 -25.28 15.79 -48.77
CA ASP E 231 -25.29 15.97 -47.31
C ASP E 231 -23.91 15.72 -46.64
N ASN E 232 -22.83 15.51 -47.40
CA ASN E 232 -21.49 15.27 -46.85
C ASN E 232 -20.72 16.55 -46.46
N LEU E 233 -19.76 16.41 -45.53
CA LEU E 233 -18.69 17.39 -45.31
C LEU E 233 -17.55 17.17 -46.30
N GLU E 234 -16.90 18.22 -46.79
CA GLU E 234 -15.66 18.05 -47.56
C GLU E 234 -14.49 17.64 -46.65
N GLY E 235 -13.91 16.46 -46.85
CA GLY E 235 -13.00 15.82 -45.91
C GLY E 235 -11.51 16.02 -46.18
N LEU E 236 -10.68 15.70 -45.18
CA LEU E 236 -9.22 15.89 -45.23
C LEU E 236 -8.57 15.19 -46.43
N ASN E 237 -8.98 13.98 -46.78
CA ASN E 237 -8.43 13.26 -47.94
C ASN E 237 -8.74 13.90 -49.30
N LYS E 238 -9.69 14.84 -49.38
CA LYS E 238 -9.97 15.59 -50.61
C LYS E 238 -9.06 16.80 -50.79
N VAL E 239 -8.87 17.61 -49.75
CA VAL E 239 -7.95 18.78 -49.82
C VAL E 239 -6.48 18.40 -49.79
N ALA E 240 -6.11 17.25 -49.20
CA ALA E 240 -4.73 16.83 -48.98
C ALA E 240 -3.87 16.85 -50.25
N THR E 241 -2.62 17.29 -50.10
CA THR E 241 -1.58 17.27 -51.13
C THR E 241 -1.02 15.86 -51.31
N ALA E 242 -0.71 15.44 -52.53
CA ALA E 242 -0.15 14.11 -52.77
C ALA E 242 1.29 13.97 -52.23
N TYR E 243 1.59 12.81 -51.63
CA TYR E 243 2.94 12.45 -51.23
C TYR E 243 3.90 12.42 -52.42
N ASP E 244 5.04 13.09 -52.29
CA ASP E 244 6.08 13.13 -53.31
C ASP E 244 6.91 11.84 -53.30
N THR E 245 6.62 10.94 -54.23
CA THR E 245 7.32 9.66 -54.36
C THR E 245 8.81 9.79 -54.67
N SER E 246 9.31 10.96 -55.10
CA SER E 246 10.74 11.16 -55.33
C SER E 246 11.57 11.07 -54.04
N LEU E 247 10.93 11.19 -52.87
CA LEU E 247 11.58 11.07 -51.57
C LEU E 247 11.92 9.61 -51.21
N ASN E 248 11.24 8.61 -51.79
CA ASN E 248 11.47 7.20 -51.50
C ASN E 248 12.91 6.74 -51.83
N ALA E 249 13.42 5.74 -51.11
CA ALA E 249 14.70 5.09 -51.36
C ALA E 249 14.57 3.55 -51.27
N THR E 250 15.55 2.84 -51.84
CA THR E 250 15.50 1.37 -52.05
C THR E 250 15.40 0.59 -50.73
N GLY E 251 14.39 -0.27 -50.62
CA GLY E 251 14.17 -1.08 -49.42
C GLY E 251 13.58 -0.33 -48.22
N ASP E 252 13.07 0.90 -48.41
CA ASP E 252 12.37 1.65 -47.34
C ASP E 252 11.19 0.86 -46.77
N THR E 253 11.06 0.89 -45.45
CA THR E 253 9.91 0.37 -44.71
C THR E 253 8.72 1.32 -44.83
N ARG E 254 7.53 0.85 -44.48
CA ARG E 254 6.33 1.71 -44.36
C ARG E 254 6.52 2.84 -43.34
N ALA E 255 7.33 2.64 -42.30
CA ALA E 255 7.70 3.70 -41.39
C ALA E 255 8.60 4.75 -42.06
N ASP E 256 9.61 4.36 -42.84
CA ASP E 256 10.44 5.32 -43.59
C ASP E 256 9.63 6.20 -44.55
N ILE E 257 8.60 5.65 -45.20
CA ILE E 257 7.65 6.43 -46.00
C ILE E 257 6.93 7.47 -45.13
N ILE E 258 6.41 7.09 -43.97
CA ILE E 258 5.82 8.03 -43.02
C ILE E 258 6.82 9.12 -42.61
N ALA E 259 8.11 8.82 -42.41
CA ALA E 259 9.12 9.83 -42.10
C ALA E 259 9.34 10.82 -43.25
N HIS E 260 9.43 10.36 -44.50
CA HIS E 260 9.48 11.25 -45.66
C HIS E 260 8.24 12.14 -45.75
N ALA E 261 7.06 11.60 -45.48
CA ALA E 261 5.81 12.36 -45.49
C ALA E 261 5.73 13.39 -44.35
N ILE E 262 6.19 13.08 -43.13
CA ILE E 262 6.33 14.05 -42.03
C ILE E 262 7.26 15.20 -42.46
N TYR E 263 8.38 14.88 -43.12
CA TYR E 263 9.29 15.90 -43.65
C TYR E 263 8.60 16.77 -44.72
N GLN E 264 7.89 16.17 -45.68
CA GLN E 264 7.20 16.93 -46.72
C GLN E 264 6.21 17.97 -46.17
N VAL E 265 5.58 17.75 -45.00
CA VAL E 265 4.71 18.76 -44.38
C VAL E 265 5.45 20.08 -44.14
N THR E 266 6.75 20.07 -43.83
CA THR E 266 7.54 21.28 -43.55
C THR E 266 7.63 22.25 -44.73
N GLU E 267 7.40 21.80 -45.96
CA GLU E 267 7.33 22.63 -47.16
C GLU E 267 6.12 23.60 -47.14
N SER E 268 5.16 23.38 -46.24
CA SER E 268 4.03 24.28 -45.96
C SER E 268 4.32 25.34 -44.89
N GLU E 269 5.54 25.41 -44.36
CA GLU E 269 5.99 26.09 -43.13
C GLU E 269 5.54 25.45 -41.80
N PHE E 270 4.36 24.84 -41.72
CA PHE E 270 3.91 24.11 -40.54
C PHE E 270 4.66 22.77 -40.35
N SER E 271 4.46 22.11 -39.21
CA SER E 271 5.00 20.77 -38.91
C SER E 271 3.89 19.79 -38.51
N ALA E 272 4.09 18.50 -38.74
CA ALA E 272 3.07 17.47 -38.47
C ALA E 272 2.65 17.41 -36.99
N SER E 273 1.37 17.11 -36.74
CA SER E 273 0.80 17.03 -35.39
C SER E 273 0.03 15.73 -35.10
N GLY E 274 0.03 14.77 -36.02
CA GLY E 274 -0.69 13.50 -35.91
C GLY E 274 -0.60 12.70 -37.20
N ILE E 275 -0.80 11.39 -37.12
CA ILE E 275 -0.69 10.43 -38.24
C ILE E 275 -1.95 9.56 -38.26
N VAL E 276 -2.57 9.34 -39.43
CA VAL E 276 -3.83 8.58 -39.57
C VAL E 276 -3.61 7.33 -40.42
N LEU E 277 -3.91 6.15 -39.87
CA LEU E 277 -3.65 4.83 -40.46
C LEU E 277 -4.86 3.91 -40.33
N ASN E 278 -4.94 2.85 -41.13
CA ASN E 278 -5.83 1.72 -40.89
C ASN E 278 -5.25 0.82 -39.77
N PRO E 279 -6.05 0.14 -38.92
CA PRO E 279 -5.52 -0.69 -37.86
C PRO E 279 -4.60 -1.83 -38.33
N ARG E 280 -4.80 -2.43 -39.51
CA ARG E 280 -3.86 -3.41 -40.07
C ARG E 280 -2.50 -2.77 -40.33
N ASP E 281 -2.50 -1.58 -40.92
CA ASP E 281 -1.27 -0.89 -41.26
C ASP E 281 -0.49 -0.45 -40.02
N TRP E 282 -1.17 0.02 -38.98
CA TRP E 282 -0.53 0.29 -37.70
C TRP E 282 -0.03 -0.97 -37.01
N HIS E 283 -0.80 -2.06 -37.01
CA HIS E 283 -0.37 -3.36 -36.50
C HIS E 283 0.91 -3.85 -37.19
N ASN E 284 0.95 -3.86 -38.53
CA ASN E 284 2.12 -4.26 -39.30
C ASN E 284 3.28 -3.25 -39.29
N ILE E 285 3.10 -2.00 -38.84
CA ILE E 285 4.19 -1.05 -38.55
C ILE E 285 4.76 -1.29 -37.15
N ALA E 286 3.92 -1.41 -36.12
CA ALA E 286 4.35 -1.55 -34.73
C ALA E 286 4.90 -2.94 -34.37
N LEU E 287 4.23 -4.03 -34.78
CA LEU E 287 4.66 -5.42 -34.54
C LEU E 287 5.74 -5.87 -35.55
N LEU E 288 6.46 -4.94 -36.18
CA LEU E 288 7.47 -5.22 -37.20
C LEU E 288 8.70 -5.90 -36.60
N LYS E 289 8.91 -7.17 -36.91
CA LYS E 289 9.96 -8.05 -36.37
C LYS E 289 11.01 -8.39 -37.42
N ASP E 290 12.28 -8.19 -37.07
CA ASP E 290 13.48 -8.43 -37.89
C ASP E 290 13.76 -9.94 -38.08
N ASN E 291 14.57 -10.29 -39.08
CA ASN E 291 15.07 -11.65 -39.36
C ASN E 291 15.85 -12.26 -38.18
N GLU E 292 16.41 -11.42 -37.31
CA GLU E 292 17.02 -11.78 -36.03
C GLU E 292 16.03 -12.41 -35.03
N GLY E 293 14.71 -12.23 -35.23
CA GLY E 293 13.65 -12.73 -34.35
C GLY E 293 13.20 -11.77 -33.25
N ARG E 294 13.33 -10.45 -33.44
CA ARG E 294 13.03 -9.40 -32.44
C ARG E 294 12.43 -8.13 -33.04
N TYR E 295 11.66 -7.38 -32.26
CA TYR E 295 10.92 -6.18 -32.71
C TYR E 295 11.83 -4.98 -33.02
N ILE E 296 11.56 -4.29 -34.12
CA ILE E 296 12.28 -3.08 -34.56
C ILE E 296 11.69 -1.80 -33.94
N PHE E 297 10.36 -1.68 -33.89
CA PHE E 297 9.62 -0.46 -33.50
C PHE E 297 9.08 -0.44 -32.06
N GLY E 298 9.44 -1.41 -31.22
CA GLY E 298 8.96 -1.51 -29.84
C GLY E 298 7.77 -2.46 -29.61
N GLY E 299 7.25 -3.08 -30.66
CA GLY E 299 6.35 -4.23 -30.56
C GLY E 299 4.99 -3.91 -29.93
N PRO E 300 4.36 -4.85 -29.19
CA PRO E 300 2.99 -4.71 -28.70
C PRO E 300 2.77 -3.57 -27.70
N GLN E 301 3.81 -3.16 -26.97
CA GLN E 301 3.74 -1.98 -26.10
C GLN E 301 3.66 -0.68 -26.91
N ALA E 302 4.29 -0.61 -28.08
CA ALA E 302 4.20 0.52 -28.99
C ALA E 302 2.86 0.55 -29.74
N PHE E 303 2.33 -0.62 -30.12
CA PHE E 303 1.06 -0.75 -30.80
C PHE E 303 -0.12 -0.24 -29.96
N THR E 304 -0.26 -0.71 -28.72
CA THR E 304 -1.22 -0.14 -27.75
C THR E 304 -0.74 1.25 -27.28
N SER E 305 -1.62 2.15 -26.82
CA SER E 305 -1.23 3.54 -26.45
C SER E 305 -0.36 4.23 -27.50
N ASN E 306 -1.03 4.62 -28.59
CA ASN E 306 -0.47 4.76 -29.93
C ASN E 306 0.38 6.03 -30.12
N ILE E 307 1.71 5.89 -30.09
CA ILE E 307 2.66 6.97 -30.37
C ILE E 307 3.71 6.45 -31.37
N MET E 308 3.99 7.19 -32.43
CA MET E 308 5.11 6.94 -33.34
C MET E 308 5.90 8.23 -33.49
N TRP E 309 7.21 8.22 -33.21
CA TRP E 309 8.09 9.40 -33.30
C TRP E 309 7.60 10.63 -32.55
N GLY E 310 6.99 10.43 -31.39
CA GLY E 310 6.44 11.51 -30.57
C GLY E 310 5.20 12.19 -31.16
N LEU E 311 4.52 11.56 -32.12
CA LEU E 311 3.27 11.99 -32.73
C LEU E 311 2.14 11.00 -32.41
N PRO E 312 0.90 11.47 -32.17
CA PRO E 312 -0.27 10.60 -32.04
C PRO E 312 -0.58 9.85 -33.34
N VAL E 313 -0.59 8.52 -33.30
CA VAL E 313 -1.27 7.73 -34.33
C VAL E 313 -2.77 7.67 -34.00
N VAL E 314 -3.64 7.87 -34.98
CA VAL E 314 -5.08 7.60 -34.89
C VAL E 314 -5.39 6.40 -35.79
N PRO E 315 -5.42 5.16 -35.26
CA PRO E 315 -5.75 3.99 -36.05
C PRO E 315 -7.27 3.89 -36.20
N THR E 316 -7.79 3.93 -37.43
CA THR E 316 -9.23 4.09 -37.67
C THR E 316 -9.71 3.32 -38.90
N LYS E 317 -10.92 2.79 -38.86
CA LYS E 317 -11.55 2.06 -39.98
C LYS E 317 -11.92 2.96 -41.16
N ALA E 318 -12.09 4.25 -40.91
CA ALA E 318 -12.33 5.25 -41.95
C ALA E 318 -11.15 5.38 -42.93
N GLN E 319 -9.92 5.10 -42.50
CA GLN E 319 -8.76 5.08 -43.38
C GLN E 319 -8.70 3.74 -44.13
N ALA E 320 -8.71 3.79 -45.46
CA ALA E 320 -8.60 2.58 -46.28
C ALA E 320 -7.27 1.86 -46.07
N ALA E 321 -7.27 0.52 -46.15
CA ALA E 321 -6.05 -0.26 -46.05
C ALA E 321 -5.07 0.11 -47.18
N GLY E 322 -3.80 0.30 -46.84
CA GLY E 322 -2.75 0.74 -47.77
C GLY E 322 -2.56 2.26 -47.87
N THR E 323 -3.40 3.06 -47.23
CA THR E 323 -3.42 4.53 -47.33
C THR E 323 -3.03 5.19 -46.00
N PHE E 324 -2.32 6.32 -46.06
CA PHE E 324 -1.98 7.12 -44.89
C PHE E 324 -2.30 8.60 -45.09
N THR E 325 -2.41 9.34 -44.00
CA THR E 325 -2.54 10.80 -44.01
C THR E 325 -1.71 11.38 -42.86
N VAL E 326 -0.96 12.45 -43.10
CA VAL E 326 -0.13 13.10 -42.08
C VAL E 326 -0.16 14.61 -42.29
N GLY E 327 -0.28 15.41 -41.25
CA GLY E 327 -0.41 16.85 -41.43
C GLY E 327 -0.38 17.66 -40.17
N GLY E 328 -0.28 18.98 -40.32
CA GLY E 328 -0.38 19.95 -39.22
C GLY E 328 -1.82 20.24 -38.84
N PHE E 329 -2.59 19.19 -38.49
CA PHE E 329 -4.04 19.24 -38.30
C PHE E 329 -4.49 20.31 -37.30
N ASP E 330 -3.74 20.53 -36.22
CA ASP E 330 -4.06 21.49 -35.17
C ASP E 330 -3.95 22.96 -35.59
N MET E 331 -3.29 23.24 -36.71
CA MET E 331 -2.97 24.58 -37.20
C MET E 331 -3.66 24.87 -38.54
N ALA E 332 -3.71 23.86 -39.42
CA ALA E 332 -4.20 23.96 -40.79
C ALA E 332 -5.71 23.76 -40.98
N SER E 333 -6.45 23.26 -39.99
CA SER E 333 -7.87 22.91 -40.13
C SER E 333 -8.66 23.13 -38.85
N GLN E 334 -9.95 23.39 -38.97
CA GLN E 334 -10.82 23.68 -37.83
C GLN E 334 -12.24 23.17 -38.05
N VAL E 335 -12.76 22.41 -37.09
CA VAL E 335 -14.15 21.99 -37.01
C VAL E 335 -14.98 23.11 -36.40
N TRP E 336 -16.03 23.55 -37.06
CA TRP E 336 -16.96 24.59 -36.55
C TRP E 336 -18.28 23.95 -36.15
N ASP E 337 -18.69 24.14 -34.90
CA ASP E 337 -19.84 23.52 -34.27
C ASP E 337 -20.95 24.56 -34.07
N ARG E 338 -22.18 24.28 -34.53
CA ARG E 338 -23.30 25.23 -34.48
C ARG E 338 -23.88 25.47 -33.09
N MET E 339 -23.44 24.76 -32.05
CA MET E 339 -24.29 24.46 -30.90
C MET E 339 -25.49 23.62 -31.40
N ASP E 340 -26.69 23.69 -30.81
CA ASP E 340 -27.91 23.16 -31.44
C ASP E 340 -27.88 21.68 -31.86
N ALA E 341 -27.15 20.85 -31.10
CA ALA E 341 -27.32 19.41 -31.09
C ALA E 341 -28.56 19.02 -30.29
N THR E 342 -29.04 17.78 -30.46
CA THR E 342 -30.21 17.27 -29.76
C THR E 342 -30.09 15.80 -29.44
N VAL E 343 -30.72 15.39 -28.35
CA VAL E 343 -31.11 14.00 -28.10
C VAL E 343 -32.62 13.93 -28.27
N GLU E 344 -33.13 12.98 -29.04
CA GLU E 344 -34.55 12.83 -29.36
C GLU E 344 -35.00 11.38 -29.30
N VAL E 345 -36.29 11.15 -29.08
CA VAL E 345 -36.89 9.80 -29.03
C VAL E 345 -38.18 9.75 -29.84
N SER E 346 -38.36 8.69 -30.63
CA SER E 346 -39.54 8.49 -31.48
C SER E 346 -39.90 7.01 -31.66
N ARG E 347 -41.18 6.69 -31.88
CA ARG E 347 -41.61 5.46 -32.56
C ARG E 347 -41.38 5.57 -34.07
N GLU E 348 -40.72 4.60 -34.70
CA GLU E 348 -40.21 4.69 -36.08
C GLU E 348 -40.21 3.35 -36.84
N ASP E 349 -40.25 3.39 -38.18
CA ASP E 349 -40.11 2.19 -39.03
C ASP E 349 -39.39 2.47 -40.37
N ARG E 350 -38.44 3.42 -40.40
CA ARG E 350 -37.51 3.62 -41.53
C ARG E 350 -36.50 2.46 -41.66
N ASP E 351 -35.92 2.28 -42.84
CA ASP E 351 -34.91 1.24 -43.18
C ASP E 351 -35.34 -0.23 -42.98
N ASN E 352 -36.57 -0.48 -42.51
CA ASN E 352 -37.23 -1.78 -42.36
C ASN E 352 -36.52 -2.83 -41.45
N PHE E 353 -35.48 -2.48 -40.70
CA PHE E 353 -34.65 -3.45 -39.97
C PHE E 353 -35.41 -4.26 -38.91
N VAL E 354 -36.04 -3.57 -37.94
CA VAL E 354 -36.61 -4.15 -36.70
C VAL E 354 -37.93 -3.47 -36.37
N LYS E 355 -38.88 -4.23 -35.82
CA LYS E 355 -40.27 -3.81 -35.58
C LYS E 355 -40.61 -3.66 -34.09
N ASN E 356 -41.59 -2.83 -33.78
CA ASN E 356 -42.19 -2.66 -32.45
C ASN E 356 -41.18 -2.15 -31.40
N MET E 357 -40.33 -1.23 -31.84
CA MET E 357 -39.13 -0.76 -31.16
C MET E 357 -39.15 0.77 -31.05
N LEU E 358 -38.59 1.30 -29.96
CA LEU E 358 -38.35 2.72 -29.76
C LEU E 358 -37.01 3.10 -30.42
N THR E 359 -36.89 4.28 -31.02
CA THR E 359 -35.59 4.78 -31.52
C THR E 359 -35.13 6.00 -30.74
N ILE E 360 -33.88 5.98 -30.28
CA ILE E 360 -33.17 7.07 -29.60
C ILE E 360 -32.14 7.64 -30.57
N LEU E 361 -32.20 8.94 -30.83
CA LEU E 361 -31.38 9.66 -31.80
C LEU E 361 -30.54 10.74 -31.13
N CYS E 362 -29.23 10.76 -31.34
CA CYS E 362 -28.42 11.95 -31.09
C CYS E 362 -27.86 12.50 -32.41
N GLU E 363 -28.04 13.80 -32.64
CA GLU E 363 -27.58 14.47 -33.84
C GLU E 363 -26.92 15.82 -33.55
N GLU E 364 -25.93 16.19 -34.35
CA GLU E 364 -25.18 17.45 -34.24
C GLU E 364 -24.92 18.09 -35.60
N ARG E 365 -24.66 19.40 -35.61
CA ARG E 365 -24.44 20.21 -36.82
C ARG E 365 -23.02 20.77 -36.86
N LEU E 366 -22.24 20.38 -37.86
CA LEU E 366 -20.81 20.69 -37.99
C LEU E 366 -20.43 21.23 -39.37
N ALA E 367 -19.33 21.98 -39.47
CA ALA E 367 -18.64 22.36 -40.71
C ALA E 367 -17.13 22.15 -40.56
N LEU E 368 -16.40 22.04 -41.67
CA LEU E 368 -14.94 21.92 -41.66
C LEU E 368 -14.28 23.01 -42.52
N ALA E 369 -13.39 23.80 -41.92
CA ALA E 369 -12.62 24.86 -42.58
C ALA E 369 -11.17 24.42 -42.77
N HIS E 370 -10.63 24.52 -43.98
CA HIS E 370 -9.24 24.18 -44.29
C HIS E 370 -8.47 25.43 -44.68
N TYR E 371 -7.51 25.82 -43.86
CA TYR E 371 -6.82 27.08 -44.00
C TYR E 371 -5.53 26.98 -44.80
N ARG E 372 -4.82 25.85 -44.74
CA ARG E 372 -3.58 25.63 -45.50
C ARG E 372 -3.46 24.18 -45.94
N PRO E 373 -4.11 23.76 -47.05
CA PRO E 373 -4.09 22.38 -47.54
C PRO E 373 -2.70 21.78 -47.84
N THR E 374 -1.70 22.63 -48.07
CA THR E 374 -0.30 22.22 -48.30
C THR E 374 0.30 21.52 -47.08
N ALA E 375 -0.23 21.79 -45.88
CA ALA E 375 0.18 21.20 -44.62
C ALA E 375 -0.34 19.77 -44.38
N ILE E 376 -1.18 19.23 -45.26
CA ILE E 376 -1.78 17.89 -45.13
C ILE E 376 -1.35 17.05 -46.32
N ILE E 377 -0.72 15.90 -46.08
CA ILE E 377 -0.15 15.01 -47.07
C ILE E 377 -0.91 13.68 -47.06
N LYS E 378 -1.28 13.16 -48.23
CA LYS E 378 -1.87 11.82 -48.38
C LYS E 378 -1.01 10.96 -49.31
N GLY E 379 -0.81 9.70 -48.97
CA GLY E 379 -0.09 8.74 -49.81
C GLY E 379 -0.58 7.31 -49.64
N THR E 380 0.05 6.38 -50.34
CA THR E 380 -0.17 4.93 -50.18
C THR E 380 1.15 4.19 -50.09
N PHE E 381 1.18 3.06 -49.39
CA PHE E 381 2.40 2.29 -49.15
C PHE E 381 2.86 1.48 -50.37
N SER E 382 4.16 1.22 -50.48
CA SER E 382 4.75 0.46 -51.59
C SER E 382 4.53 -1.06 -51.50
N SER E 383 4.42 -1.58 -50.28
CA SER E 383 4.62 -3.00 -49.93
C SER E 383 4.05 -3.37 -48.55
N SER F 76 -24.00 0.55 9.13
CA SER F 76 -23.26 -0.68 8.77
C SER F 76 -24.20 -1.73 8.20
N PHE F 77 -23.93 -2.25 7.00
CA PHE F 77 -24.77 -3.25 6.33
C PHE F 77 -24.94 -4.53 7.14
N SER F 78 -23.85 -5.05 7.70
CA SER F 78 -23.82 -6.25 8.55
C SER F 78 -24.68 -6.11 9.80
N GLU F 79 -24.67 -4.93 10.43
CA GLU F 79 -25.43 -4.64 11.65
C GLU F 79 -26.93 -4.48 11.39
N ARG F 80 -27.33 -3.85 10.28
CA ARG F 80 -28.74 -3.80 9.83
C ARG F 80 -29.26 -5.16 9.39
N ALA F 81 -28.49 -5.90 8.60
CA ALA F 81 -28.87 -7.23 8.15
C ALA F 81 -29.09 -8.18 9.34
N ALA F 82 -28.24 -8.14 10.37
CA ALA F 82 -28.47 -8.91 11.59
C ALA F 82 -29.77 -8.52 12.31
N GLU F 83 -30.06 -7.22 12.47
CA GLU F 83 -31.28 -6.73 13.12
C GLU F 83 -32.56 -7.25 12.44
N GLU F 84 -32.64 -7.18 11.12
CA GLU F 84 -33.82 -7.62 10.39
C GLU F 84 -33.91 -9.14 10.24
N LEU F 85 -32.78 -9.85 10.14
CA LEU F 85 -32.77 -11.31 10.25
C LEU F 85 -33.32 -11.79 11.59
N ILE F 86 -32.94 -11.23 12.74
CA ILE F 86 -33.52 -11.67 14.03
C ILE F 86 -34.97 -11.20 14.20
N LYS F 87 -35.33 -10.00 13.72
CA LYS F 87 -36.68 -9.45 13.83
C LYS F 87 -37.70 -10.18 12.96
N SER F 88 -37.32 -10.58 11.74
CA SER F 88 -38.18 -11.35 10.84
C SER F 88 -38.24 -12.86 11.13
N TRP F 89 -37.38 -13.38 12.01
CA TRP F 89 -37.21 -14.84 12.22
C TRP F 89 -38.47 -15.52 12.77
N ASP F 90 -39.01 -16.49 12.03
CA ASP F 90 -40.16 -17.32 12.40
C ASP F 90 -39.80 -18.62 13.16
N GLY F 91 -38.53 -18.87 13.45
CA GLY F 91 -38.06 -20.21 13.84
C GLY F 91 -37.95 -21.20 12.66
N LYS F 92 -38.07 -20.70 11.43
CA LYS F 92 -37.96 -21.48 10.18
C LYS F 92 -37.30 -20.71 9.03
N GLN F 93 -37.65 -19.43 8.85
CA GLN F 93 -37.07 -18.50 7.88
C GLN F 93 -36.94 -17.09 8.46
N GLY F 94 -36.07 -16.26 7.88
CA GLY F 94 -35.96 -14.82 8.09
C GLY F 94 -35.37 -14.15 6.86
N THR F 95 -35.69 -12.89 6.58
CA THR F 95 -35.35 -12.21 5.31
C THR F 95 -34.98 -10.73 5.51
N PHE F 96 -33.99 -10.24 4.75
CA PHE F 96 -33.61 -8.83 4.66
C PHE F 96 -33.46 -8.41 3.19
N GLY F 97 -33.97 -7.23 2.84
CA GLY F 97 -33.88 -6.67 1.49
C GLY F 97 -32.68 -5.73 1.33
N ALA F 98 -31.73 -6.12 0.49
CA ALA F 98 -30.69 -5.23 -0.01
C ALA F 98 -31.12 -4.66 -1.38
N LYS F 99 -31.37 -3.36 -1.49
CA LYS F 99 -31.51 -2.72 -2.80
C LYS F 99 -30.11 -2.61 -3.38
N THR F 100 -29.69 -3.66 -4.11
CA THR F 100 -28.32 -3.94 -4.61
C THR F 100 -27.24 -4.19 -3.54
N PHE F 101 -26.35 -5.16 -3.74
CA PHE F 101 -25.24 -5.42 -2.80
C PHE F 101 -24.15 -4.33 -2.91
N ASN F 102 -23.52 -4.22 -4.08
CA ASN F 102 -22.85 -2.99 -4.53
C ASN F 102 -23.19 -2.77 -6.02
N LYS F 103 -22.24 -2.91 -6.94
CA LYS F 103 -22.37 -3.14 -8.40
C LYS F 103 -23.20 -2.20 -9.31
N SER F 104 -24.23 -1.53 -8.81
CA SER F 104 -25.01 -0.45 -9.47
C SER F 104 -25.26 0.76 -8.55
N LEU F 105 -24.60 0.83 -7.40
CA LEU F 105 -24.37 2.09 -6.71
C LEU F 105 -23.36 2.95 -7.49
N ARG F 131 -7.63 -7.67 -7.08
CA ARG F 131 -8.02 -7.94 -8.46
C ARG F 131 -9.43 -7.43 -8.80
N LEU F 132 -9.66 -7.14 -10.07
CA LEU F 132 -11.00 -6.92 -10.65
C LEU F 132 -11.74 -8.23 -10.88
N THR F 133 -13.06 -8.18 -10.96
CA THR F 133 -13.93 -9.27 -11.38
C THR F 133 -14.46 -9.03 -12.79
N ILE F 134 -15.00 -10.06 -13.45
CA ILE F 134 -15.57 -9.93 -14.81
C ILE F 134 -16.58 -8.79 -14.90
N ARG F 135 -17.36 -8.57 -13.85
CA ARG F 135 -18.37 -7.53 -13.80
C ARG F 135 -17.80 -6.11 -13.80
N ASP F 136 -16.57 -5.91 -13.38
CA ASP F 136 -15.91 -4.61 -13.47
C ASP F 136 -15.54 -4.23 -14.92
N LEU F 137 -15.33 -5.22 -15.81
CA LEU F 137 -15.01 -4.98 -17.21
C LEU F 137 -16.23 -4.49 -18.02
N LEU F 138 -17.41 -5.03 -17.71
CA LEU F 138 -18.68 -4.82 -18.41
C LEU F 138 -19.35 -3.49 -18.06
N ALA F 139 -20.28 -3.02 -18.90
CA ALA F 139 -21.12 -1.86 -18.57
C ALA F 139 -22.29 -2.25 -17.64
N GLN F 140 -22.84 -1.28 -16.90
CA GLN F 140 -23.91 -1.48 -15.92
C GLN F 140 -25.22 -0.84 -16.37
N GLY F 141 -26.36 -1.50 -16.17
CA GLY F 141 -27.69 -0.93 -16.38
C GLY F 141 -28.64 -1.34 -15.26
N ARG F 142 -29.68 -0.55 -15.02
CA ARG F 142 -30.70 -0.77 -13.97
C ARG F 142 -32.09 -0.94 -14.60
N THR F 143 -32.87 -1.91 -14.15
CA THR F 143 -34.17 -2.28 -14.76
C THR F 143 -35.24 -2.57 -13.72
N SER F 144 -36.49 -2.20 -13.98
CA SER F 144 -37.66 -2.58 -13.17
C SER F 144 -38.47 -3.75 -13.74
N SER F 145 -38.00 -4.46 -14.78
CA SER F 145 -38.74 -5.55 -15.45
C SER F 145 -37.97 -6.87 -15.47
N ASN F 146 -38.68 -8.00 -15.45
CA ASN F 146 -38.06 -9.33 -15.38
C ASN F 146 -37.64 -9.91 -16.75
N ALA F 147 -37.99 -9.24 -17.84
CA ALA F 147 -37.48 -9.49 -19.18
C ALA F 147 -37.32 -8.17 -19.95
N LEU F 148 -36.47 -8.20 -20.97
CA LEU F 148 -35.99 -7.02 -21.71
C LEU F 148 -35.69 -7.40 -23.17
N GLU F 149 -35.84 -6.47 -24.11
CA GLU F 149 -35.51 -6.68 -25.53
C GLU F 149 -34.51 -5.64 -26.04
N TYR F 150 -33.65 -6.07 -26.95
CA TYR F 150 -32.55 -5.27 -27.47
C TYR F 150 -32.18 -5.72 -28.88
N VAL F 151 -31.47 -4.85 -29.60
CA VAL F 151 -31.01 -5.13 -30.96
C VAL F 151 -29.52 -5.46 -30.92
N ARG F 152 -29.10 -6.51 -31.63
CA ARG F 152 -27.71 -6.95 -31.72
C ARG F 152 -27.14 -6.58 -33.08
N GLU F 153 -26.03 -5.86 -33.07
CA GLU F 153 -25.27 -5.49 -34.26
C GLU F 153 -24.35 -6.63 -34.70
N GLU F 154 -24.32 -6.91 -36.00
CA GLU F 154 -23.57 -8.02 -36.58
C GLU F 154 -22.64 -7.51 -37.69
N VAL F 155 -21.39 -7.24 -37.34
CA VAL F 155 -20.39 -6.64 -38.24
C VAL F 155 -19.92 -7.65 -39.29
N PHE F 156 -19.83 -7.25 -40.55
CA PHE F 156 -19.30 -8.07 -41.63
C PHE F 156 -17.77 -8.06 -41.67
N THR F 157 -17.13 -9.22 -41.79
CA THR F 157 -15.66 -9.40 -41.80
C THR F 157 -15.20 -10.52 -42.73
N ASP F 173 -21.65 -4.70 -44.17
CA ASP F 173 -21.61 -3.57 -43.24
C ASP F 173 -22.07 -3.99 -41.81
N ILE F 174 -23.12 -3.36 -41.25
CA ILE F 174 -23.77 -3.78 -40.00
C ILE F 174 -25.12 -4.41 -40.35
N THR F 175 -25.32 -5.69 -40.05
CA THR F 175 -26.67 -6.29 -39.98
C THR F 175 -27.23 -6.17 -38.55
N PHE F 176 -28.55 -6.22 -38.40
CA PHE F 176 -29.23 -6.15 -37.10
C PHE F 176 -30.15 -7.35 -36.87
N SER F 177 -30.30 -7.80 -35.63
CA SER F 177 -31.33 -8.77 -35.22
C SER F 177 -31.89 -8.43 -33.85
N LYS F 178 -33.10 -8.89 -33.53
CA LYS F 178 -33.74 -8.61 -32.24
C LYS F 178 -33.60 -9.81 -31.30
N GLN F 179 -33.18 -9.52 -30.07
CA GLN F 179 -32.85 -10.45 -29.02
C GLN F 179 -33.67 -10.11 -27.76
N THR F 180 -33.89 -11.09 -26.90
CA THR F 180 -34.44 -10.88 -25.56
C THR F 180 -33.49 -11.43 -24.50
N ALA F 181 -33.41 -10.74 -23.37
CA ALA F 181 -32.73 -11.18 -22.17
C ALA F 181 -33.73 -11.33 -21.02
N ASN F 182 -33.74 -12.48 -20.38
CA ASN F 182 -34.56 -12.76 -19.21
C ASN F 182 -33.67 -12.65 -17.97
N VAL F 183 -34.16 -11.96 -16.93
CA VAL F 183 -33.49 -11.81 -15.64
C VAL F 183 -33.46 -13.13 -14.89
N LYS F 184 -32.28 -13.71 -14.70
CA LYS F 184 -32.02 -14.96 -13.96
C LYS F 184 -31.58 -14.69 -12.54
N THR F 185 -31.61 -15.69 -11.65
CA THR F 185 -31.12 -15.55 -10.26
C THR F 185 -29.72 -16.16 -10.08
N ILE F 186 -28.82 -15.42 -9.42
CA ILE F 186 -27.48 -15.87 -9.00
C ILE F 186 -27.46 -15.94 -7.47
N ALA F 187 -27.05 -17.07 -6.88
CA ALA F 187 -27.13 -17.27 -5.42
C ALA F 187 -25.90 -17.96 -4.81
N HIS F 188 -25.51 -17.54 -3.62
CA HIS F 188 -24.42 -18.15 -2.82
C HIS F 188 -24.87 -18.32 -1.37
N TRP F 189 -24.50 -19.43 -0.74
CA TRP F 189 -24.83 -19.71 0.66
C TRP F 189 -23.62 -20.12 1.50
N VAL F 190 -23.76 -19.89 2.80
CA VAL F 190 -22.84 -20.27 3.87
C VAL F 190 -23.63 -21.07 4.91
N GLN F 191 -23.04 -22.11 5.49
CA GLN F 191 -23.62 -22.84 6.63
C GLN F 191 -23.03 -22.40 7.97
N ALA F 192 -23.90 -22.15 8.93
CA ALA F 192 -23.60 -21.60 10.24
C ALA F 192 -24.33 -22.41 11.33
N SER F 193 -23.89 -22.39 12.58
CA SER F 193 -24.55 -23.21 13.61
C SER F 193 -25.92 -22.65 14.01
N ARG F 194 -26.81 -23.50 14.49
CA ARG F 194 -28.18 -23.12 14.90
C ARG F 194 -28.23 -22.01 15.96
N GLN F 195 -27.19 -21.88 16.80
CA GLN F 195 -27.07 -20.85 17.83
C GLN F 195 -26.87 -19.43 17.28
N VAL F 196 -26.55 -19.26 16.00
CA VAL F 196 -26.33 -17.93 15.40
C VAL F 196 -27.58 -17.05 15.46
N MET F 197 -28.79 -17.62 15.45
CA MET F 197 -30.02 -16.85 15.63
C MET F 197 -30.31 -16.47 17.09
N ASP F 198 -29.63 -17.09 18.07
CA ASP F 198 -29.75 -16.78 19.50
C ASP F 198 -28.78 -15.67 19.98
N ASP F 199 -27.79 -15.29 19.19
CA ASP F 199 -26.70 -14.35 19.55
C ASP F 199 -26.38 -13.41 18.39
N ALA F 200 -26.92 -12.18 18.41
CA ALA F 200 -26.87 -11.28 17.26
C ALA F 200 -25.44 -10.84 16.83
N PRO F 201 -24.48 -10.58 17.74
CA PRO F 201 -23.07 -10.44 17.36
C PRO F 201 -22.48 -11.64 16.62
N MET F 202 -22.95 -12.86 16.89
CA MET F 202 -22.53 -14.04 16.13
C MET F 202 -23.12 -14.01 14.71
N LEU F 203 -24.33 -13.48 14.52
CA LEU F 203 -24.91 -13.26 13.20
C LEU F 203 -24.11 -12.22 12.40
N GLN F 204 -23.81 -11.05 12.96
CA GLN F 204 -22.97 -10.04 12.30
C GLN F 204 -21.60 -10.58 11.91
N SER F 205 -21.01 -11.44 12.74
CA SER F 205 -19.73 -12.08 12.47
C SER F 205 -19.75 -12.98 11.23
N TYR F 206 -20.92 -13.42 10.76
CA TYR F 206 -21.12 -14.18 9.51
C TYR F 206 -21.55 -13.33 8.32
N ILE F 207 -22.35 -12.27 8.49
CA ILE F 207 -22.70 -11.34 7.41
C ILE F 207 -21.51 -10.40 7.12
N ASN F 208 -20.52 -10.85 6.36
CA ASN F 208 -19.22 -10.19 6.19
C ASN F 208 -18.64 -10.29 4.76
N ASN F 209 -17.42 -9.80 4.50
CA ASN F 209 -16.76 -9.80 3.19
C ASN F 209 -16.64 -11.18 2.51
N ARG F 210 -16.47 -12.27 3.26
CA ARG F 210 -16.38 -13.64 2.71
C ARG F 210 -17.70 -14.08 2.05
N LEU F 211 -18.83 -13.58 2.54
CA LEU F 211 -20.14 -13.79 1.94
C LEU F 211 -20.30 -13.02 0.61
N MET F 212 -19.85 -11.77 0.56
CA MET F 212 -19.94 -10.94 -0.64
C MET F 212 -18.97 -11.39 -1.74
N TYR F 213 -17.72 -11.71 -1.39
CA TYR F 213 -16.74 -12.25 -2.33
C TYR F 213 -17.18 -13.59 -2.91
N GLY F 214 -17.83 -14.45 -2.13
CA GLY F 214 -18.38 -15.71 -2.62
C GLY F 214 -19.46 -15.53 -3.68
N LEU F 215 -20.34 -14.53 -3.57
CA LEU F 215 -21.33 -14.23 -4.61
C LEU F 215 -20.65 -13.67 -5.87
N ALA F 216 -19.66 -12.80 -5.72
CA ALA F 216 -18.87 -12.28 -6.84
C ALA F 216 -18.15 -13.38 -7.64
N LEU F 217 -17.61 -14.39 -6.97
CA LEU F 217 -17.05 -15.57 -7.62
C LEU F 217 -18.12 -16.45 -8.29
N LYS F 218 -19.38 -16.39 -7.83
CA LYS F 218 -20.50 -17.15 -8.41
C LYS F 218 -21.01 -16.51 -9.70
N GLU F 219 -21.27 -15.21 -9.71
CA GLU F 219 -21.67 -14.48 -10.94
C GLU F 219 -20.55 -14.47 -11.98
N GLU F 220 -19.29 -14.39 -11.59
CA GLU F 220 -18.14 -14.49 -12.49
C GLU F 220 -18.09 -15.82 -13.27
N GLY F 221 -18.71 -16.88 -12.78
CA GLY F 221 -18.86 -18.15 -13.50
C GLY F 221 -19.96 -18.11 -14.55
N GLN F 222 -21.12 -17.54 -14.21
CA GLN F 222 -22.25 -17.35 -15.10
C GLN F 222 -21.98 -16.33 -16.21
N LEU F 223 -21.44 -15.15 -15.89
CA LEU F 223 -21.10 -14.13 -16.89
C LEU F 223 -20.12 -14.63 -17.95
N LEU F 224 -19.17 -15.49 -17.58
CA LEU F 224 -18.11 -15.95 -18.48
C LEU F 224 -18.52 -17.23 -19.23
N ASN F 225 -19.08 -18.25 -18.56
CA ASN F 225 -19.30 -19.59 -19.11
C ASN F 225 -20.77 -20.06 -19.16
N GLY F 226 -21.76 -19.26 -18.78
CA GLY F 226 -23.17 -19.69 -18.81
C GLY F 226 -23.72 -19.98 -20.22
N ASP F 227 -24.95 -20.50 -20.29
CA ASP F 227 -25.68 -20.92 -21.51
C ASP F 227 -27.13 -20.39 -21.52
N GLY F 228 -27.82 -20.45 -22.66
CA GLY F 228 -29.21 -19.98 -22.75
C GLY F 228 -30.27 -20.88 -22.07
N THR F 229 -29.88 -21.99 -21.48
CA THR F 229 -30.75 -23.09 -21.03
C THR F 229 -30.97 -23.09 -19.52
N GLY F 230 -32.21 -23.26 -19.07
CA GLY F 230 -32.57 -23.27 -17.65
C GLY F 230 -32.44 -21.90 -17.00
N ASP F 231 -31.99 -21.83 -15.74
CA ASP F 231 -31.71 -20.56 -15.07
C ASP F 231 -30.28 -20.01 -15.30
N ASN F 232 -29.51 -20.55 -16.25
CA ASN F 232 -28.22 -19.97 -16.64
C ASN F 232 -28.36 -18.59 -17.34
N LEU F 233 -27.35 -17.72 -17.23
CA LEU F 233 -27.13 -16.56 -18.10
C LEU F 233 -26.39 -16.99 -19.37
N GLU F 234 -26.55 -16.28 -20.48
CA GLU F 234 -25.74 -16.51 -21.69
C GLU F 234 -24.31 -15.96 -21.50
N GLY F 235 -23.29 -16.81 -21.52
CA GLY F 235 -21.93 -16.39 -21.19
C GLY F 235 -21.19 -15.67 -22.30
N LEU F 236 -20.25 -14.78 -21.95
CA LEU F 236 -19.32 -14.11 -22.86
C LEU F 236 -18.56 -15.10 -23.75
N ASN F 237 -18.16 -16.26 -23.25
CA ASN F 237 -17.48 -17.26 -24.08
C ASN F 237 -18.37 -17.95 -25.11
N LYS F 238 -19.70 -17.92 -24.98
CA LYS F 238 -20.60 -18.56 -25.94
C LYS F 238 -20.87 -17.66 -27.15
N VAL F 239 -21.06 -16.36 -26.93
CA VAL F 239 -21.20 -15.36 -28.00
C VAL F 239 -19.88 -14.97 -28.68
N ALA F 240 -18.73 -15.09 -28.00
CA ALA F 240 -17.43 -14.69 -28.51
C ALA F 240 -17.07 -15.25 -29.90
N THR F 241 -16.43 -14.42 -30.73
CA THR F 241 -15.87 -14.85 -32.02
C THR F 241 -14.50 -15.49 -31.88
N ALA F 242 -14.12 -16.37 -32.81
CA ALA F 242 -12.85 -17.09 -32.74
C ALA F 242 -11.63 -16.21 -33.04
N TYR F 243 -10.50 -16.52 -32.41
CA TYR F 243 -9.19 -15.96 -32.76
C TYR F 243 -8.76 -16.36 -34.16
N ASP F 244 -8.31 -15.42 -34.98
CA ASP F 244 -7.79 -15.65 -36.31
C ASP F 244 -6.30 -16.05 -36.28
N THR F 245 -6.02 -17.35 -36.29
CA THR F 245 -4.65 -17.87 -36.24
C THR F 245 -3.79 -17.53 -37.45
N SER F 246 -4.35 -16.96 -38.53
CA SER F 246 -3.56 -16.45 -39.65
C SER F 246 -2.67 -15.27 -39.24
N LEU F 247 -2.96 -14.64 -38.09
CA LEU F 247 -2.16 -13.55 -37.53
C LEU F 247 -0.83 -14.04 -36.89
N ASN F 248 -0.68 -15.33 -36.56
CA ASN F 248 0.53 -15.84 -35.91
C ASN F 248 1.78 -15.66 -36.78
N ALA F 249 2.86 -15.13 -36.23
CA ALA F 249 4.16 -15.03 -36.88
C ALA F 249 5.15 -16.09 -36.34
N THR F 250 6.29 -16.26 -37.00
CA THR F 250 7.34 -17.21 -36.56
C THR F 250 7.99 -16.75 -35.26
N GLY F 251 8.24 -17.68 -34.34
CA GLY F 251 8.85 -17.40 -33.03
C GLY F 251 7.95 -16.65 -32.04
N ASP F 252 6.64 -16.58 -32.28
CA ASP F 252 5.68 -15.97 -31.35
C ASP F 252 5.48 -16.81 -30.09
N THR F 253 5.25 -16.12 -28.98
CA THR F 253 4.98 -16.64 -27.64
C THR F 253 3.48 -16.49 -27.29
N ARG F 254 3.07 -17.09 -26.17
CA ARG F 254 1.73 -16.89 -25.56
C ARG F 254 1.43 -15.41 -25.28
N ALA F 255 2.45 -14.61 -25.00
CA ALA F 255 2.31 -13.16 -24.91
C ALA F 255 2.01 -12.55 -26.28
N ASP F 256 2.81 -12.84 -27.30
CA ASP F 256 2.62 -12.30 -28.65
C ASP F 256 1.25 -12.64 -29.26
N ILE F 257 0.69 -13.82 -28.96
CA ILE F 257 -0.66 -14.23 -29.37
C ILE F 257 -1.74 -13.31 -28.79
N ILE F 258 -1.60 -12.80 -27.56
CA ILE F 258 -2.54 -11.81 -27.01
C ILE F 258 -2.48 -10.48 -27.76
N ALA F 259 -1.32 -10.06 -28.27
CA ALA F 259 -1.21 -8.82 -29.03
C ALA F 259 -1.93 -8.88 -30.39
N HIS F 260 -1.88 -10.03 -31.06
CA HIS F 260 -2.66 -10.27 -32.28
C HIS F 260 -4.16 -10.24 -32.01
N ALA F 261 -4.61 -10.79 -30.88
CA ALA F 261 -5.99 -10.75 -30.48
C ALA F 261 -6.46 -9.33 -30.09
N ILE F 262 -5.62 -8.50 -29.47
CA ILE F 262 -5.92 -7.08 -29.22
C ILE F 262 -6.09 -6.33 -30.55
N TYR F 263 -5.25 -6.59 -31.55
CA TYR F 263 -5.49 -6.12 -32.90
C TYR F 263 -6.85 -6.57 -33.43
N GLN F 264 -7.17 -7.88 -33.39
CA GLN F 264 -8.39 -8.41 -33.97
C GLN F 264 -9.68 -7.77 -33.41
N VAL F 265 -9.73 -7.37 -32.14
CA VAL F 265 -10.89 -6.63 -31.59
C VAL F 265 -11.21 -5.35 -32.35
N THR F 266 -10.21 -4.69 -32.96
CA THR F 266 -10.41 -3.42 -33.68
C THR F 266 -11.22 -3.57 -34.97
N GLU F 267 -11.38 -4.79 -35.50
CA GLU F 267 -12.23 -5.08 -36.65
C GLU F 267 -13.73 -4.88 -36.37
N SER F 268 -14.11 -4.71 -35.11
CA SER F 268 -15.46 -4.39 -34.63
C SER F 268 -15.78 -2.89 -34.53
N GLU F 269 -14.88 -1.98 -34.89
CA GLU F 269 -14.88 -0.53 -34.60
C GLU F 269 -14.54 -0.13 -33.15
N PHE F 270 -14.34 -1.09 -32.24
CA PHE F 270 -14.04 -0.84 -30.83
C PHE F 270 -12.60 -1.23 -30.47
N SER F 271 -11.97 -0.49 -29.56
CA SER F 271 -10.70 -0.84 -28.93
C SER F 271 -10.90 -1.78 -27.73
N ALA F 272 -9.93 -2.65 -27.44
CA ALA F 272 -10.01 -3.60 -26.31
C ALA F 272 -9.91 -2.91 -24.94
N SER F 273 -10.50 -3.52 -23.91
CA SER F 273 -10.57 -2.96 -22.56
C SER F 273 -10.10 -3.91 -21.45
N GLY F 274 -9.67 -5.13 -21.76
CA GLY F 274 -9.20 -6.08 -20.76
C GLY F 274 -8.96 -7.48 -21.32
N ILE F 275 -8.30 -8.33 -20.54
CA ILE F 275 -7.87 -9.69 -20.90
C ILE F 275 -8.29 -10.65 -19.78
N VAL F 276 -8.83 -11.84 -20.10
CA VAL F 276 -9.24 -12.85 -19.11
C VAL F 276 -8.44 -14.13 -19.30
N LEU F 277 -7.73 -14.56 -18.26
CA LEU F 277 -6.82 -15.72 -18.26
C LEU F 277 -7.09 -16.63 -17.06
N ASN F 278 -6.70 -17.90 -17.14
CA ASN F 278 -6.57 -18.73 -15.96
C ASN F 278 -5.31 -18.32 -15.15
N PRO F 279 -5.27 -18.45 -13.81
CA PRO F 279 -4.10 -18.12 -13.01
C PRO F 279 -2.83 -18.87 -13.39
N ARG F 280 -2.87 -20.14 -13.81
CA ARG F 280 -1.68 -20.85 -14.32
C ARG F 280 -1.08 -20.14 -15.54
N ASP F 281 -1.95 -19.68 -16.42
CA ASP F 281 -1.56 -19.11 -17.70
C ASP F 281 -0.99 -17.71 -17.51
N TRP F 282 -1.62 -16.89 -16.67
CA TRP F 282 -1.06 -15.60 -16.27
C TRP F 282 0.28 -15.74 -15.56
N HIS F 283 0.44 -16.70 -14.65
CA HIS F 283 1.72 -16.98 -13.98
C HIS F 283 2.81 -17.34 -14.98
N ASN F 284 2.58 -18.31 -15.86
CA ASN F 284 3.55 -18.68 -16.89
C ASN F 284 3.85 -17.55 -17.89
N ILE F 285 2.90 -16.67 -18.22
CA ILE F 285 3.13 -15.49 -19.06
C ILE F 285 3.96 -14.44 -18.33
N ALA F 286 3.58 -14.04 -17.12
CA ALA F 286 4.24 -12.96 -16.40
C ALA F 286 5.67 -13.33 -16.00
N LEU F 287 5.92 -14.56 -15.54
CA LEU F 287 7.25 -15.06 -15.18
C LEU F 287 8.06 -15.56 -16.41
N LEU F 288 7.59 -15.35 -17.64
CA LEU F 288 8.31 -15.78 -18.85
C LEU F 288 9.63 -15.03 -19.05
N LYS F 289 10.64 -15.76 -19.55
CA LYS F 289 11.95 -15.21 -19.94
C LYS F 289 12.06 -15.01 -21.46
N ASP F 290 12.63 -13.86 -21.84
CA ASP F 290 13.11 -13.59 -23.19
C ASP F 290 14.40 -14.39 -23.48
N ASN F 291 14.76 -14.53 -24.76
CA ASN F 291 15.98 -15.20 -25.21
C ASN F 291 17.27 -14.67 -24.54
N GLU F 292 17.28 -13.40 -24.12
CA GLU F 292 18.36 -12.74 -23.39
C GLU F 292 18.58 -13.27 -21.95
N GLY F 293 17.71 -14.17 -21.45
CA GLY F 293 17.82 -14.78 -20.11
C GLY F 293 17.19 -13.93 -18.99
N ARG F 294 16.30 -13.00 -19.35
CA ARG F 294 15.69 -12.00 -18.46
C ARG F 294 14.18 -11.88 -18.70
N TYR F 295 13.45 -11.31 -17.77
CA TYR F 295 11.99 -11.25 -17.86
C TYR F 295 11.47 -10.42 -19.07
N ILE F 296 10.31 -10.82 -19.61
CA ILE F 296 9.60 -10.08 -20.67
C ILE F 296 8.79 -8.90 -20.10
N PHE F 297 8.04 -9.11 -19.02
CA PHE F 297 7.07 -8.14 -18.49
C PHE F 297 7.58 -7.28 -17.33
N GLY F 298 8.87 -7.39 -17.01
CA GLY F 298 9.34 -7.17 -15.64
C GLY F 298 9.13 -8.47 -14.85
N GLY F 299 9.69 -8.56 -13.66
CA GLY F 299 9.69 -9.80 -12.87
C GLY F 299 8.33 -10.14 -12.22
N PRO F 300 8.32 -10.85 -11.08
CA PRO F 300 7.09 -11.10 -10.31
C PRO F 300 6.37 -9.84 -9.80
N GLN F 301 7.02 -8.69 -9.77
CA GLN F 301 6.37 -7.39 -9.56
C GLN F 301 5.32 -7.07 -10.64
N ALA F 302 5.37 -7.75 -11.80
CA ALA F 302 4.43 -7.67 -12.90
C ALA F 302 3.34 -8.75 -12.90
N PHE F 303 3.54 -9.87 -12.18
CA PHE F 303 2.50 -10.88 -11.93
C PHE F 303 1.48 -10.38 -10.91
N THR F 304 1.97 -9.82 -9.81
CA THR F 304 1.19 -8.89 -8.96
C THR F 304 0.89 -7.62 -9.78
N SER F 305 -0.08 -6.78 -9.38
CA SER F 305 -0.44 -5.56 -10.15
C SER F 305 -0.80 -5.86 -11.61
N ASN F 306 -1.95 -6.51 -11.82
CA ASN F 306 -2.34 -7.28 -13.01
C ASN F 306 -2.54 -6.44 -14.29
N ILE F 307 -1.47 -6.14 -15.02
CA ILE F 307 -1.47 -5.35 -16.25
C ILE F 307 -0.66 -6.10 -17.33
N MET F 308 -1.20 -6.20 -18.54
CA MET F 308 -0.46 -6.63 -19.73
C MET F 308 -0.65 -5.58 -20.83
N TRP F 309 0.43 -4.88 -21.17
CA TRP F 309 0.45 -3.77 -22.14
C TRP F 309 -0.64 -2.73 -21.90
N GLY F 310 -0.73 -2.28 -20.66
CA GLY F 310 -1.68 -1.25 -20.22
C GLY F 310 -3.13 -1.71 -20.05
N LEU F 311 -3.52 -2.88 -20.57
CA LEU F 311 -4.87 -3.42 -20.37
C LEU F 311 -4.95 -4.18 -19.04
N PRO F 312 -6.06 -4.07 -18.28
CA PRO F 312 -6.33 -4.90 -17.10
C PRO F 312 -6.38 -6.38 -17.43
N VAL F 313 -5.71 -7.21 -16.65
CA VAL F 313 -5.85 -8.67 -16.70
C VAL F 313 -6.78 -9.11 -15.57
N VAL F 314 -7.78 -9.93 -15.86
CA VAL F 314 -8.59 -10.64 -14.87
C VAL F 314 -8.15 -12.11 -14.82
N PRO F 315 -7.28 -12.51 -13.88
CA PRO F 315 -6.91 -13.91 -13.71
C PRO F 315 -7.97 -14.60 -12.85
N THR F 316 -8.63 -15.64 -13.37
CA THR F 316 -9.76 -16.27 -12.68
C THR F 316 -9.84 -17.77 -12.87
N LYS F 317 -10.22 -18.49 -11.80
CA LYS F 317 -10.43 -19.95 -11.77
C LYS F 317 -11.64 -20.38 -12.62
N ALA F 318 -12.53 -19.45 -12.98
CA ALA F 318 -13.63 -19.66 -13.90
C ALA F 318 -13.16 -19.99 -15.32
N GLN F 319 -12.08 -19.36 -15.80
CA GLN F 319 -11.53 -19.52 -17.15
C GLN F 319 -10.78 -20.85 -17.26
N ALA F 320 -11.08 -21.67 -18.27
CA ALA F 320 -10.43 -22.95 -18.49
C ALA F 320 -8.93 -22.81 -18.78
N ALA F 321 -8.11 -23.78 -18.38
CA ALA F 321 -6.67 -23.73 -18.59
C ALA F 321 -6.31 -23.85 -20.08
N GLY F 322 -5.50 -22.94 -20.59
CA GLY F 322 -5.14 -22.85 -22.00
C GLY F 322 -6.08 -21.97 -22.84
N THR F 323 -7.15 -21.41 -22.28
CA THR F 323 -8.10 -20.52 -22.97
C THR F 323 -7.85 -19.05 -22.61
N PHE F 324 -7.92 -18.14 -23.59
CA PHE F 324 -7.90 -16.70 -23.38
C PHE F 324 -9.17 -16.02 -23.92
N THR F 325 -9.56 -14.89 -23.34
CA THR F 325 -10.62 -14.04 -23.87
C THR F 325 -10.21 -12.57 -23.78
N VAL F 326 -10.34 -11.80 -24.84
CA VAL F 326 -9.99 -10.37 -24.86
C VAL F 326 -11.05 -9.63 -25.66
N GLY F 327 -11.43 -8.44 -25.25
CA GLY F 327 -12.59 -7.77 -25.83
C GLY F 327 -12.75 -6.33 -25.42
N GLY F 328 -13.65 -5.63 -26.10
CA GLY F 328 -14.07 -4.28 -25.74
C GLY F 328 -15.24 -4.29 -24.77
N PHE F 329 -15.11 -4.98 -23.64
CA PHE F 329 -16.20 -5.43 -22.78
C PHE F 329 -17.22 -4.35 -22.38
N ASP F 330 -16.82 -3.11 -22.11
CA ASP F 330 -17.72 -2.01 -21.72
C ASP F 330 -18.49 -1.39 -22.89
N MET F 331 -18.11 -1.71 -24.12
CA MET F 331 -18.78 -1.29 -25.36
C MET F 331 -19.55 -2.45 -26.02
N ALA F 332 -19.09 -3.68 -25.81
CA ALA F 332 -19.68 -4.89 -26.38
C ALA F 332 -20.94 -5.39 -25.65
N SER F 333 -21.00 -5.29 -24.32
CA SER F 333 -22.00 -5.98 -23.48
C SER F 333 -22.35 -5.20 -22.20
N GLN F 334 -23.55 -5.42 -21.65
CA GLN F 334 -24.04 -4.75 -20.46
C GLN F 334 -24.74 -5.70 -19.50
N VAL F 335 -24.47 -5.60 -18.20
CA VAL F 335 -25.19 -6.32 -17.15
C VAL F 335 -26.37 -5.47 -16.69
N TRP F 336 -27.58 -6.01 -16.76
CA TRP F 336 -28.83 -5.37 -16.36
C TRP F 336 -29.26 -5.91 -15.01
N ASP F 337 -29.44 -5.02 -14.05
CA ASP F 337 -29.60 -5.34 -12.65
C ASP F 337 -31.02 -5.05 -12.19
N ARG F 338 -31.77 -6.03 -11.67
CA ARG F 338 -33.18 -5.85 -11.26
C ARG F 338 -33.36 -5.07 -9.98
N MET F 339 -32.28 -4.82 -9.23
CA MET F 339 -32.33 -4.64 -7.78
C MET F 339 -32.93 -5.92 -7.14
N ASP F 340 -33.79 -5.85 -6.12
CA ASP F 340 -34.38 -7.05 -5.47
C ASP F 340 -33.35 -8.10 -4.99
N ALA F 341 -32.23 -7.67 -4.40
CA ALA F 341 -31.29 -8.59 -3.75
C ALA F 341 -31.70 -8.88 -2.30
N THR F 342 -31.41 -10.07 -1.80
CA THR F 342 -31.86 -10.51 -0.48
C THR F 342 -30.78 -11.27 0.26
N VAL F 343 -30.76 -11.09 1.58
CA VAL F 343 -30.13 -12.03 2.51
C VAL F 343 -31.25 -12.81 3.19
N GLU F 344 -31.19 -14.12 3.18
CA GLU F 344 -32.22 -15.01 3.72
C GLU F 344 -31.58 -16.08 4.59
N VAL F 345 -32.19 -16.38 5.74
CA VAL F 345 -31.69 -17.37 6.70
C VAL F 345 -32.73 -18.46 6.92
N SER F 346 -32.31 -19.71 7.04
CA SER F 346 -33.21 -20.88 7.08
C SER F 346 -32.66 -22.07 7.88
N ARG F 347 -33.52 -22.87 8.51
CA ARG F 347 -33.20 -24.28 8.82
C ARG F 347 -33.45 -25.13 7.56
N GLU F 348 -32.45 -25.87 7.10
CA GLU F 348 -32.50 -26.69 5.87
C GLU F 348 -31.53 -27.88 5.94
N ASP F 349 -31.77 -28.89 5.10
CA ASP F 349 -30.85 -30.00 4.83
C ASP F 349 -31.07 -30.48 3.39
N ARG F 350 -30.43 -29.80 2.42
CA ARG F 350 -30.51 -30.16 1.00
C ARG F 350 -29.14 -30.12 0.31
N ASP F 351 -29.05 -30.75 -0.86
CA ASP F 351 -27.79 -31.08 -1.55
C ASP F 351 -26.90 -32.09 -0.79
N ASN F 352 -27.43 -32.70 0.28
CA ASN F 352 -26.81 -33.73 1.12
C ASN F 352 -25.41 -33.38 1.65
N PHE F 353 -25.19 -32.11 2.03
CA PHE F 353 -23.97 -31.66 2.70
C PHE F 353 -23.95 -32.04 4.19
N VAL F 354 -24.53 -31.21 5.07
CA VAL F 354 -24.26 -31.20 6.52
C VAL F 354 -25.56 -31.09 7.34
N LYS F 355 -25.66 -31.88 8.42
CA LYS F 355 -26.88 -32.03 9.24
C LYS F 355 -26.92 -31.10 10.46
N ASN F 356 -28.11 -30.68 10.87
CA ASN F 356 -28.39 -29.81 12.04
C ASN F 356 -27.76 -28.40 11.97
N MET F 357 -27.66 -27.85 10.76
CA MET F 357 -26.93 -26.61 10.46
C MET F 357 -27.88 -25.56 9.86
N LEU F 358 -27.68 -24.28 10.17
CA LEU F 358 -28.41 -23.16 9.58
C LEU F 358 -27.82 -22.81 8.21
N THR F 359 -28.63 -22.41 7.24
CA THR F 359 -28.15 -21.85 5.96
C THR F 359 -28.37 -20.34 5.92
N ILE F 360 -27.36 -19.59 5.52
CA ILE F 360 -27.42 -18.16 5.20
C ILE F 360 -27.21 -18.03 3.70
N LEU F 361 -28.15 -17.44 2.98
CA LEU F 361 -28.20 -17.33 1.52
C LEU F 361 -28.22 -15.86 1.12
N CYS F 362 -27.31 -15.42 0.25
CA CYS F 362 -27.41 -14.12 -0.43
C CYS F 362 -27.58 -14.33 -1.94
N GLU F 363 -28.54 -13.65 -2.55
CA GLU F 363 -28.89 -13.82 -3.96
C GLU F 363 -29.33 -12.53 -4.61
N GLU F 364 -29.17 -12.44 -5.93
CA GLU F 364 -29.64 -11.32 -6.72
C GLU F 364 -30.03 -11.71 -8.14
N ARG F 365 -30.80 -10.85 -8.79
CA ARG F 365 -31.42 -11.06 -10.11
C ARG F 365 -30.77 -10.20 -11.18
N LEU F 366 -30.21 -10.81 -12.23
CA LEU F 366 -29.44 -10.13 -13.29
C LEU F 366 -29.82 -10.64 -14.68
N ALA F 367 -29.67 -9.80 -15.70
CA ALA F 367 -29.63 -10.19 -17.11
C ALA F 367 -28.32 -9.72 -17.75
N LEU F 368 -27.87 -10.37 -18.82
CA LEU F 368 -26.72 -9.93 -19.62
C LEU F 368 -27.14 -9.73 -21.09
N ALA F 369 -26.86 -8.56 -21.66
CA ALA F 369 -27.10 -8.20 -23.05
C ALA F 369 -25.78 -8.09 -23.82
N HIS F 370 -25.67 -8.74 -24.99
CA HIS F 370 -24.50 -8.68 -25.87
C HIS F 370 -24.86 -7.91 -27.15
N TYR F 371 -24.56 -6.62 -27.21
CA TYR F 371 -24.93 -5.76 -28.31
C TYR F 371 -24.07 -5.93 -29.56
N ARG F 372 -22.81 -6.38 -29.45
CA ARG F 372 -21.90 -6.56 -30.60
C ARG F 372 -20.88 -7.68 -30.34
N PRO F 373 -21.23 -8.96 -30.53
CA PRO F 373 -20.34 -10.07 -30.20
C PRO F 373 -19.01 -10.13 -30.97
N THR F 374 -18.87 -9.38 -32.07
CA THR F 374 -17.63 -9.27 -32.86
C THR F 374 -16.50 -8.56 -32.10
N ALA F 375 -16.82 -7.80 -31.05
CA ALA F 375 -15.84 -7.12 -30.20
C ALA F 375 -15.27 -8.00 -29.07
N ILE F 376 -15.59 -9.29 -29.01
CA ILE F 376 -15.04 -10.26 -28.06
C ILE F 376 -14.37 -11.39 -28.84
N ILE F 377 -13.09 -11.66 -28.57
CA ILE F 377 -12.29 -12.72 -29.18
C ILE F 377 -12.04 -13.80 -28.14
N LYS F 378 -12.21 -15.07 -28.51
CA LYS F 378 -11.81 -16.24 -27.71
C LYS F 378 -10.83 -17.11 -28.49
N GLY F 379 -9.86 -17.70 -27.83
CA GLY F 379 -8.90 -18.62 -28.44
C GLY F 379 -8.25 -19.52 -27.40
N THR F 380 -7.43 -20.46 -27.86
CA THR F 380 -6.59 -21.30 -26.99
C THR F 380 -5.12 -21.19 -27.35
N PHE F 381 -4.24 -21.25 -26.36
CA PHE F 381 -2.80 -21.35 -26.56
C PHE F 381 -2.40 -22.76 -26.97
N SER F 382 -1.65 -22.90 -28.05
CA SER F 382 -1.05 -24.19 -28.46
C SER F 382 0.23 -24.54 -27.71
N SER F 383 0.93 -23.52 -27.21
CA SER F 383 2.21 -23.60 -26.47
C SER F 383 2.05 -24.14 -25.05
N SER G 76 -49.08 -32.37 33.71
CA SER G 76 -49.01 -33.53 32.79
C SER G 76 -48.21 -33.19 31.54
N PHE G 77 -47.08 -33.85 31.28
CA PHE G 77 -46.19 -33.53 30.16
C PHE G 77 -46.87 -33.65 28.80
N SER G 78 -47.60 -34.74 28.59
CA SER G 78 -48.29 -35.03 27.33
C SER G 78 -49.44 -34.05 27.04
N GLU G 79 -50.11 -33.52 28.05
CA GLU G 79 -51.19 -32.52 27.87
C GLU G 79 -50.65 -31.10 27.62
N ARG G 80 -49.55 -30.71 28.27
CA ARG G 80 -48.78 -29.51 27.92
C ARG G 80 -48.28 -29.57 26.49
N ALA G 81 -47.70 -30.69 26.09
CA ALA G 81 -47.17 -30.89 24.75
C ALA G 81 -48.25 -30.78 23.69
N ALA G 82 -49.38 -31.48 23.86
CA ALA G 82 -50.48 -31.40 22.92
C ALA G 82 -51.07 -29.99 22.82
N GLU G 83 -51.20 -29.25 23.91
CA GLU G 83 -51.72 -27.88 23.91
C GLU G 83 -50.82 -26.89 23.15
N GLU G 84 -49.52 -26.88 23.39
CA GLU G 84 -48.64 -25.91 22.73
C GLU G 84 -48.35 -26.26 21.26
N LEU G 85 -48.39 -27.53 20.87
CA LEU G 85 -48.39 -27.93 19.46
C LEU G 85 -49.62 -27.37 18.73
N ILE G 86 -50.87 -27.62 19.18
CA ILE G 86 -52.03 -27.10 18.45
C ILE G 86 -52.14 -25.57 18.50
N LYS G 87 -51.66 -24.92 19.58
CA LYS G 87 -51.62 -23.46 19.71
C LYS G 87 -50.60 -22.80 18.76
N SER G 88 -49.51 -23.49 18.43
CA SER G 88 -48.46 -22.99 17.54
C SER G 88 -48.61 -23.40 16.08
N TRP G 89 -49.39 -24.43 15.75
CA TRP G 89 -49.46 -24.96 14.40
C TRP G 89 -50.02 -23.93 13.41
N ASP G 90 -49.26 -23.59 12.37
CA ASP G 90 -49.64 -22.58 11.38
C ASP G 90 -50.47 -23.16 10.22
N GLY G 91 -50.50 -24.48 10.07
CA GLY G 91 -51.09 -25.22 8.96
C GLY G 91 -50.13 -26.21 8.32
N LYS G 92 -48.82 -26.11 8.61
CA LYS G 92 -47.81 -27.09 8.18
C LYS G 92 -46.59 -27.25 9.08
N GLN G 93 -46.36 -26.41 10.10
CA GLN G 93 -45.31 -26.56 11.10
C GLN G 93 -45.84 -26.19 12.50
N GLY G 94 -45.48 -26.94 13.55
CA GLY G 94 -45.81 -26.65 14.95
C GLY G 94 -44.71 -27.10 15.91
N THR G 95 -44.58 -26.49 17.10
CA THR G 95 -43.42 -26.73 17.97
C THR G 95 -43.72 -26.54 19.47
N PHE G 96 -43.01 -27.27 20.33
CA PHE G 96 -43.05 -27.17 21.79
C PHE G 96 -41.65 -27.31 22.38
N GLY G 97 -41.33 -26.50 23.39
CA GLY G 97 -40.09 -26.55 24.17
C GLY G 97 -40.21 -27.50 25.35
N ALA G 98 -39.75 -28.73 25.17
CA ALA G 98 -39.88 -29.86 26.08
C ALA G 98 -38.60 -30.05 26.90
N LYS G 99 -38.19 -29.06 27.70
CA LYS G 99 -36.86 -28.98 28.34
C LYS G 99 -36.53 -30.27 29.12
N THR G 100 -35.64 -31.07 28.54
CA THR G 100 -35.44 -32.51 28.81
C THR G 100 -36.65 -33.43 28.73
N PHE G 101 -36.48 -34.59 28.07
CA PHE G 101 -37.39 -35.73 28.17
C PHE G 101 -37.12 -36.61 29.41
N ASN G 102 -36.01 -36.41 30.11
CA ASN G 102 -35.64 -37.21 31.26
C ASN G 102 -36.54 -36.92 32.46
N LYS G 103 -37.28 -37.93 32.92
CA LYS G 103 -38.08 -37.85 34.14
C LYS G 103 -37.19 -37.52 35.34
N SER G 104 -37.66 -36.70 36.27
CA SER G 104 -36.92 -36.33 37.50
C SER G 104 -35.51 -35.73 37.23
N LEU G 105 -35.47 -34.67 36.40
CA LEU G 105 -34.30 -33.78 36.21
C LEU G 105 -34.77 -32.34 36.00
N ARG G 131 -38.51 -52.47 30.78
CA ARG G 131 -37.07 -52.62 31.02
C ARG G 131 -36.37 -51.27 31.25
N LEU G 132 -35.19 -51.30 31.86
CA LEU G 132 -34.28 -50.16 31.96
C LEU G 132 -33.51 -49.96 30.66
N THR G 133 -33.16 -48.72 30.38
CA THR G 133 -32.24 -48.31 29.32
C THR G 133 -30.90 -47.89 29.89
N ILE G 134 -29.86 -47.81 29.05
CA ILE G 134 -28.52 -47.40 29.46
C ILE G 134 -28.53 -46.07 30.22
N ARG G 135 -29.31 -45.07 29.80
CA ARG G 135 -29.39 -43.77 30.48
C ARG G 135 -29.97 -43.86 31.89
N ASP G 136 -30.75 -44.86 32.23
CA ASP G 136 -31.24 -45.08 33.61
C ASP G 136 -30.15 -45.56 34.58
N LEU G 137 -29.05 -46.13 34.07
CA LEU G 137 -27.93 -46.58 34.89
C LEU G 137 -27.02 -45.43 35.32
N LEU G 138 -26.89 -44.39 34.50
CA LEU G 138 -25.93 -43.30 34.62
C LEU G 138 -26.42 -42.17 35.54
N ALA G 139 -25.50 -41.36 36.08
CA ALA G 139 -25.86 -40.11 36.76
C ALA G 139 -26.26 -39.01 35.77
N GLN G 140 -26.99 -37.98 36.24
CA GLN G 140 -27.53 -36.91 35.40
C GLN G 140 -26.99 -35.54 35.82
N GLY G 141 -26.75 -34.67 34.84
CA GLY G 141 -26.31 -33.29 35.04
C GLY G 141 -27.00 -32.35 34.07
N ARG G 142 -26.97 -31.06 34.37
CA ARG G 142 -27.75 -30.01 33.71
C ARG G 142 -26.82 -28.87 33.33
N THR G 143 -26.82 -28.41 32.07
CA THR G 143 -25.81 -27.43 31.61
C THR G 143 -26.37 -26.37 30.65
N SER G 144 -25.75 -25.18 30.63
CA SER G 144 -26.03 -24.08 29.71
C SER G 144 -24.92 -23.83 28.68
N SER G 145 -23.91 -24.70 28.60
CA SER G 145 -22.76 -24.56 27.71
C SER G 145 -22.64 -25.72 26.73
N ASN G 146 -22.16 -25.47 25.52
CA ASN G 146 -22.09 -26.49 24.47
C ASN G 146 -20.90 -27.44 24.64
N ALA G 147 -19.86 -27.00 25.36
CA ALA G 147 -18.74 -27.80 25.78
C ALA G 147 -18.59 -27.77 27.31
N LEU G 148 -17.98 -28.82 27.85
CA LEU G 148 -17.79 -29.06 29.27
C LEU G 148 -16.33 -29.46 29.51
N GLU G 149 -15.66 -28.90 30.50
CA GLU G 149 -14.32 -29.32 30.95
C GLU G 149 -14.43 -30.02 32.30
N TYR G 150 -13.78 -31.16 32.45
CA TYR G 150 -13.87 -31.97 33.66
C TYR G 150 -12.54 -32.65 33.98
N VAL G 151 -12.35 -33.06 35.23
CA VAL G 151 -11.14 -33.74 35.68
C VAL G 151 -11.44 -35.23 35.78
N ARG G 152 -10.74 -36.05 34.99
CA ARG G 152 -10.78 -37.51 35.09
C ARG G 152 -9.76 -37.98 36.14
N GLU G 153 -10.10 -39.03 36.86
CA GLU G 153 -9.26 -39.71 37.84
C GLU G 153 -8.78 -41.03 37.24
N GLU G 154 -7.48 -41.26 37.22
CA GLU G 154 -6.92 -42.56 36.85
C GLU G 154 -6.43 -43.30 38.10
N VAL G 155 -6.85 -44.54 38.26
CA VAL G 155 -6.49 -45.40 39.39
C VAL G 155 -5.44 -46.40 38.95
N PHE G 156 -4.42 -46.64 39.78
CA PHE G 156 -3.54 -47.81 39.65
C PHE G 156 -3.94 -48.89 40.66
N THR G 157 -4.16 -50.13 40.21
CA THR G 157 -4.65 -51.24 41.06
C THR G 157 -3.67 -52.41 41.12
N ASP G 173 -3.38 -46.09 43.81
CA ASP G 173 -3.25 -44.64 43.95
C ASP G 173 -4.04 -43.87 42.87
N ILE G 174 -4.28 -42.57 43.09
CA ILE G 174 -5.06 -41.68 42.19
C ILE G 174 -4.14 -40.67 41.50
N THR G 175 -4.30 -40.52 40.19
CA THR G 175 -3.75 -39.43 39.35
C THR G 175 -4.89 -38.74 38.59
N PHE G 176 -4.69 -37.53 38.05
CA PHE G 176 -5.75 -36.68 37.50
C PHE G 176 -5.38 -36.09 36.13
N SER G 177 -6.36 -35.81 35.27
CA SER G 177 -6.16 -35.12 33.99
C SER G 177 -7.38 -34.32 33.51
N LYS G 178 -7.18 -33.22 32.79
CA LYS G 178 -8.27 -32.47 32.13
C LYS G 178 -8.78 -33.21 30.90
N GLN G 179 -10.10 -33.33 30.80
CA GLN G 179 -10.84 -33.89 29.69
C GLN G 179 -11.92 -32.90 29.25
N THR G 180 -12.48 -33.07 28.06
CA THR G 180 -13.62 -32.28 27.61
C THR G 180 -14.68 -33.15 26.95
N ALA G 181 -15.93 -32.74 27.06
CA ALA G 181 -17.06 -33.34 26.36
C ALA G 181 -17.83 -32.23 25.64
N ASN G 182 -18.17 -32.48 24.38
CA ASN G 182 -18.99 -31.59 23.57
C ASN G 182 -20.39 -32.17 23.46
N VAL G 183 -21.41 -31.34 23.61
CA VAL G 183 -22.81 -31.69 23.36
C VAL G 183 -23.03 -32.13 21.91
N LYS G 184 -23.70 -33.27 21.72
CA LYS G 184 -24.14 -33.81 20.43
C LYS G 184 -25.65 -34.00 20.45
N THR G 185 -26.28 -34.01 19.28
CA THR G 185 -27.74 -34.11 19.11
C THR G 185 -28.19 -35.53 18.78
N ILE G 186 -29.24 -35.98 19.47
CA ILE G 186 -29.95 -37.26 19.29
C ILE G 186 -31.38 -36.93 18.87
N ALA G 187 -31.90 -37.53 17.81
CA ALA G 187 -33.25 -37.26 17.28
C ALA G 187 -33.98 -38.54 16.88
N HIS G 188 -35.30 -38.60 17.11
CA HIS G 188 -36.19 -39.70 16.68
C HIS G 188 -37.55 -39.16 16.23
N TRP G 189 -38.20 -39.82 15.25
CA TRP G 189 -39.46 -39.39 14.68
C TRP G 189 -40.43 -40.54 14.38
N VAL G 190 -41.73 -40.22 14.38
CA VAL G 190 -42.88 -41.10 14.12
C VAL G 190 -43.86 -40.41 13.17
N GLN G 191 -44.49 -41.14 12.26
CA GLN G 191 -45.55 -40.62 11.41
C GLN G 191 -46.94 -40.81 11.99
N ALA G 192 -47.77 -39.79 11.90
CA ALA G 192 -49.12 -39.75 12.46
C ALA G 192 -50.16 -39.38 11.41
N SER G 193 -51.38 -39.88 11.58
CA SER G 193 -52.51 -39.48 10.74
C SER G 193 -52.72 -37.97 10.79
N ARG G 194 -52.99 -37.31 9.67
CA ARG G 194 -53.22 -35.86 9.65
C ARG G 194 -54.52 -35.40 10.34
N GLN G 195 -55.32 -36.36 10.83
CA GLN G 195 -56.45 -36.20 11.75
C GLN G 195 -56.05 -35.67 13.13
N VAL G 196 -54.82 -35.97 13.58
CA VAL G 196 -54.17 -35.33 14.73
C VAL G 196 -54.09 -33.82 14.47
N MET G 197 -53.83 -32.99 15.47
CA MET G 197 -53.60 -31.54 15.26
C MET G 197 -54.86 -30.68 15.01
N ASP G 198 -56.04 -31.28 15.04
CA ASP G 198 -57.28 -30.57 15.42
C ASP G 198 -57.99 -31.29 16.58
N ASP G 199 -57.99 -32.63 16.59
CA ASP G 199 -58.33 -33.46 17.75
C ASP G 199 -57.18 -33.47 18.79
N ALA G 200 -57.27 -32.64 19.82
CA ALA G 200 -56.22 -32.51 20.85
C ALA G 200 -55.94 -33.81 21.63
N PRO G 201 -56.92 -34.55 22.18
CA PRO G 201 -56.66 -35.83 22.83
C PRO G 201 -56.21 -36.96 21.90
N MET G 202 -56.31 -36.86 20.56
CA MET G 202 -55.56 -37.76 19.68
C MET G 202 -54.07 -37.44 19.64
N LEU G 203 -53.68 -36.17 19.64
CA LEU G 203 -52.29 -35.76 19.67
C LEU G 203 -51.64 -36.27 20.96
N GLN G 204 -52.29 -36.04 22.11
CA GLN G 204 -51.83 -36.51 23.41
C GLN G 204 -51.56 -38.02 23.45
N SER G 205 -52.40 -38.85 22.81
CA SER G 205 -52.17 -40.29 22.69
C SER G 205 -51.02 -40.71 21.79
N TYR G 206 -50.41 -39.82 21.00
CA TYR G 206 -49.14 -40.06 20.30
C TYR G 206 -47.92 -39.58 21.11
N ILE G 207 -48.05 -38.54 21.94
CA ILE G 207 -46.97 -38.08 22.84
C ILE G 207 -46.94 -38.96 24.10
N ASN G 208 -46.46 -40.20 23.96
CA ASN G 208 -46.62 -41.26 24.95
C ASN G 208 -45.35 -42.12 25.15
N ASN G 209 -45.50 -43.26 25.82
CA ASN G 209 -44.44 -44.22 26.09
C ASN G 209 -43.70 -44.75 24.85
N ARG G 210 -44.32 -44.89 23.67
CA ARG G 210 -43.58 -45.33 22.46
C ARG G 210 -42.65 -44.25 21.92
N LEU G 211 -43.03 -42.98 22.00
CA LEU G 211 -42.21 -41.86 21.51
C LEU G 211 -40.97 -41.70 22.40
N MET G 212 -41.14 -41.76 23.72
CA MET G 212 -40.04 -41.80 24.69
C MET G 212 -39.18 -43.07 24.56
N TYR G 213 -39.75 -44.26 24.42
CA TYR G 213 -38.97 -45.50 24.27
C TYR G 213 -38.18 -45.55 22.95
N GLY G 214 -38.68 -44.96 21.88
CA GLY G 214 -37.93 -44.81 20.64
C GLY G 214 -36.73 -43.89 20.77
N LEU G 215 -36.84 -42.75 21.48
CA LEU G 215 -35.69 -41.88 21.73
C LEU G 215 -34.68 -42.57 22.66
N ALA G 216 -35.15 -43.28 23.68
CA ALA G 216 -34.30 -44.00 24.61
C ALA G 216 -33.46 -45.09 23.94
N LEU G 217 -34.01 -45.80 22.96
CA LEU G 217 -33.28 -46.77 22.13
C LEU G 217 -32.27 -46.12 21.19
N LYS G 218 -32.39 -44.82 20.92
CA LYS G 218 -31.49 -44.05 20.05
C LYS G 218 -30.26 -43.57 20.82
N GLU G 219 -30.45 -42.98 22.00
CA GLU G 219 -29.34 -42.62 22.89
C GLU G 219 -28.61 -43.85 23.43
N GLU G 220 -29.30 -44.96 23.69
CA GLU G 220 -28.73 -46.22 24.16
C GLU G 220 -27.62 -46.77 23.26
N GLY G 221 -27.61 -46.47 21.97
CA GLY G 221 -26.56 -46.87 21.04
C GLY G 221 -25.33 -45.97 21.07
N GLN G 222 -25.53 -44.66 21.22
CA GLN G 222 -24.47 -43.65 21.34
C GLN G 222 -23.74 -43.70 22.69
N LEU G 223 -24.45 -43.88 23.81
CA LEU G 223 -23.87 -43.95 25.15
C LEU G 223 -23.06 -45.22 25.36
N LEU G 224 -23.46 -46.36 24.79
CA LEU G 224 -22.75 -47.62 24.93
C LEU G 224 -21.54 -47.73 23.99
N ASN G 225 -21.70 -47.52 22.68
CA ASN G 225 -20.66 -47.82 21.68
C ASN G 225 -19.89 -46.63 21.09
N GLY G 226 -20.33 -45.37 21.24
CA GLY G 226 -19.82 -44.26 20.43
C GLY G 226 -18.28 -44.12 20.45
N ASP G 227 -17.66 -44.05 19.29
CA ASP G 227 -16.25 -43.68 19.13
C ASP G 227 -16.18 -42.17 18.98
N GLY G 228 -15.58 -41.45 19.94
CA GLY G 228 -15.82 -40.01 20.18
C GLY G 228 -15.45 -39.01 19.07
N THR G 229 -14.96 -39.45 17.93
CA THR G 229 -14.68 -38.60 16.76
C THR G 229 -15.96 -38.12 16.06
N GLY G 230 -15.94 -36.87 15.58
CA GLY G 230 -16.98 -36.32 14.72
C GLY G 230 -18.32 -36.10 15.42
N ASP G 231 -19.38 -36.67 14.86
CA ASP G 231 -20.77 -36.47 15.31
C ASP G 231 -21.14 -37.29 16.57
N ASN G 232 -20.27 -38.20 17.00
CA ASN G 232 -20.52 -39.17 18.07
C ASN G 232 -20.26 -38.66 19.48
N LEU G 233 -20.90 -39.29 20.47
CA LEU G 233 -20.48 -39.29 21.87
C LEU G 233 -19.28 -40.21 22.10
N GLU G 234 -18.62 -40.03 23.23
CA GLU G 234 -17.70 -40.99 23.85
C GLU G 234 -18.48 -42.13 24.53
N GLY G 235 -18.28 -43.39 24.15
CA GLY G 235 -19.04 -44.52 24.68
C GLY G 235 -18.46 -45.16 25.94
N LEU G 236 -19.29 -45.82 26.74
CA LEU G 236 -18.86 -46.60 27.90
C LEU G 236 -17.87 -47.70 27.51
N ASN G 237 -18.11 -48.41 26.41
CA ASN G 237 -17.23 -49.49 25.93
C ASN G 237 -15.87 -49.00 25.41
N LYS G 238 -15.72 -47.73 25.02
CA LYS G 238 -14.45 -47.15 24.59
C LYS G 238 -13.50 -46.88 25.76
N VAL G 239 -14.01 -46.36 26.86
CA VAL G 239 -13.19 -46.02 28.04
C VAL G 239 -12.95 -47.19 28.99
N ALA G 240 -13.83 -48.19 29.03
CA ALA G 240 -13.82 -49.29 29.98
C ALA G 240 -12.48 -50.04 30.09
N THR G 241 -12.20 -50.54 31.30
CA THR G 241 -11.05 -51.39 31.62
C THR G 241 -11.28 -52.82 31.17
N ALA G 242 -10.24 -53.52 30.71
CA ALA G 242 -10.34 -54.92 30.34
C ALA G 242 -10.61 -55.83 31.54
N TYR G 243 -11.43 -56.87 31.35
CA TYR G 243 -11.65 -57.92 32.33
C TYR G 243 -10.34 -58.66 32.67
N ASP G 244 -10.04 -58.83 33.96
CA ASP G 244 -8.91 -59.58 34.44
C ASP G 244 -9.20 -61.08 34.43
N THR G 245 -8.93 -61.72 33.29
CA THR G 245 -9.16 -63.17 33.09
C THR G 245 -8.38 -64.06 34.06
N SER G 246 -7.42 -63.54 34.83
CA SER G 246 -6.73 -64.32 35.86
C SER G 246 -7.65 -64.74 37.02
N LEU G 247 -8.82 -64.12 37.15
CA LEU G 247 -9.87 -64.48 38.11
C LEU G 247 -10.59 -65.79 37.75
N ASN G 248 -10.56 -66.24 36.49
CA ASN G 248 -11.31 -67.41 36.04
C ASN G 248 -10.80 -68.71 36.67
N ALA G 249 -11.71 -69.62 37.02
CA ALA G 249 -11.41 -70.89 37.66
C ALA G 249 -12.16 -72.07 37.02
N THR G 250 -11.65 -73.28 37.22
CA THR G 250 -12.28 -74.52 36.72
C THR G 250 -13.66 -74.72 37.33
N GLY G 251 -14.65 -75.04 36.50
CA GLY G 251 -16.06 -75.17 36.89
C GLY G 251 -16.86 -73.87 36.82
N ASP G 252 -16.26 -72.75 36.41
CA ASP G 252 -16.99 -71.50 36.17
C ASP G 252 -17.98 -71.63 35.02
N THR G 253 -19.20 -71.20 35.26
CA THR G 253 -20.22 -70.89 34.25
C THR G 253 -20.07 -69.45 33.78
N ARG G 254 -20.80 -69.04 32.73
CA ARG G 254 -20.86 -67.62 32.32
C ARG G 254 -21.47 -66.72 33.40
N ALA G 255 -22.32 -67.26 34.27
CA ALA G 255 -22.78 -66.56 35.46
C ALA G 255 -21.63 -66.30 36.46
N ASP G 256 -20.73 -67.26 36.71
CA ASP G 256 -19.54 -67.01 37.51
C ASP G 256 -18.62 -65.91 36.94
N ILE G 257 -18.45 -65.83 35.62
CA ILE G 257 -17.65 -64.77 34.98
C ILE G 257 -18.21 -63.37 35.27
N ILE G 258 -19.54 -63.20 35.30
CA ILE G 258 -20.16 -61.95 35.73
C ILE G 258 -19.91 -61.68 37.23
N ALA G 259 -19.93 -62.69 38.09
CA ALA G 259 -19.69 -62.52 39.52
C ALA G 259 -18.24 -62.10 39.83
N HIS G 260 -17.27 -62.51 39.02
CA HIS G 260 -15.88 -62.04 39.10
C HIS G 260 -15.72 -60.62 38.60
N ALA G 261 -16.43 -60.24 37.54
CA ALA G 261 -16.39 -58.89 37.01
C ALA G 261 -16.99 -57.87 37.99
N ILE G 262 -18.06 -58.22 38.72
CA ILE G 262 -18.60 -57.42 39.83
C ILE G 262 -17.55 -57.19 40.93
N TYR G 263 -16.70 -58.17 41.24
CA TYR G 263 -15.58 -57.98 42.14
C TYR G 263 -14.49 -57.05 41.59
N GLN G 264 -14.06 -57.22 40.33
CA GLN G 264 -13.03 -56.37 39.73
C GLN G 264 -13.41 -54.88 39.71
N VAL G 265 -14.69 -54.50 39.66
CA VAL G 265 -15.13 -53.10 39.84
C VAL G 265 -14.67 -52.52 41.18
N THR G 266 -14.62 -53.31 42.25
CA THR G 266 -14.37 -52.81 43.62
C THR G 266 -12.97 -52.27 43.84
N GLU G 267 -12.00 -52.60 42.97
CA GLU G 267 -10.63 -52.07 43.01
C GLU G 267 -10.58 -50.54 42.79
N SER G 268 -11.66 -49.93 42.33
CA SER G 268 -11.78 -48.52 42.01
C SER G 268 -12.31 -47.64 43.15
N GLU G 269 -12.43 -48.14 44.38
CA GLU G 269 -13.23 -47.62 45.49
C GLU G 269 -14.76 -47.76 45.32
N PHE G 270 -15.30 -47.72 44.10
CA PHE G 270 -16.73 -47.81 43.82
C PHE G 270 -17.24 -49.25 43.69
N SER G 271 -18.55 -49.45 43.76
CA SER G 271 -19.20 -50.77 43.64
C SER G 271 -20.18 -50.80 42.46
N ALA G 272 -20.35 -51.98 41.84
CA ALA G 272 -21.16 -52.15 40.63
C ALA G 272 -22.64 -51.84 40.84
N SER G 273 -23.34 -51.37 39.80
CA SER G 273 -24.76 -51.01 39.88
C SER G 273 -25.62 -51.49 38.72
N GLY G 274 -25.05 -52.19 37.73
CA GLY G 274 -25.79 -52.72 36.59
C GLY G 274 -24.92 -53.58 35.67
N ILE G 275 -25.54 -54.33 34.77
CA ILE G 275 -24.89 -55.27 33.84
C ILE G 275 -25.49 -55.06 32.46
N VAL G 276 -24.69 -54.94 31.39
CA VAL G 276 -25.18 -54.80 30.00
C VAL G 276 -24.82 -56.05 29.18
N LEU G 277 -25.80 -56.67 28.51
CA LEU G 277 -25.67 -57.92 27.76
C LEU G 277 -26.34 -57.81 26.39
N ASN G 278 -25.96 -58.69 25.45
CA ASN G 278 -26.74 -58.94 24.26
C ASN G 278 -27.98 -59.78 24.60
N PRO G 279 -29.14 -59.62 23.95
CA PRO G 279 -30.32 -60.42 24.28
C PRO G 279 -30.16 -61.94 24.08
N ARG G 280 -29.31 -62.41 23.16
CA ARG G 280 -29.01 -63.85 23.02
C ARG G 280 -28.20 -64.41 24.18
N ASP G 281 -27.22 -63.65 24.67
CA ASP G 281 -26.41 -64.06 25.80
C ASP G 281 -27.21 -64.11 27.10
N TRP G 282 -28.09 -63.13 27.35
CA TRP G 282 -29.00 -63.19 28.49
C TRP G 282 -30.01 -64.34 28.38
N HIS G 283 -30.55 -64.64 27.20
CA HIS G 283 -31.40 -65.81 26.98
C HIS G 283 -30.69 -67.13 27.27
N ASN G 284 -29.47 -67.33 26.79
CA ASN G 284 -28.68 -68.52 27.10
C ASN G 284 -28.33 -68.61 28.60
N ILE G 285 -27.94 -67.51 29.24
CA ILE G 285 -27.60 -67.48 30.68
C ILE G 285 -28.82 -67.82 31.54
N ALA G 286 -30.00 -67.25 31.27
CA ALA G 286 -31.19 -67.47 32.10
C ALA G 286 -31.77 -68.89 32.02
N LEU G 287 -31.67 -69.56 30.87
CA LEU G 287 -32.17 -70.94 30.63
C LEU G 287 -31.12 -72.01 30.98
N LEU G 288 -29.98 -71.63 31.56
CA LEU G 288 -28.85 -72.50 31.86
C LEU G 288 -29.19 -73.56 32.93
N LYS G 289 -28.72 -74.78 32.71
CA LYS G 289 -29.21 -76.00 33.35
C LYS G 289 -28.09 -76.74 34.10
N ASP G 290 -28.33 -77.10 35.36
CA ASP G 290 -27.48 -78.04 36.08
C ASP G 290 -27.73 -79.49 35.62
N ASN G 291 -26.73 -80.33 35.85
CA ASN G 291 -26.51 -81.64 35.21
C ASN G 291 -27.67 -82.65 35.31
N GLU G 292 -28.58 -82.50 36.25
CA GLU G 292 -29.76 -83.34 36.45
C GLU G 292 -30.95 -82.94 35.56
N GLY G 293 -30.88 -81.77 34.90
CA GLY G 293 -32.02 -81.14 34.22
C GLY G 293 -32.83 -80.22 35.13
N ARG G 294 -32.17 -79.36 35.91
CA ARG G 294 -32.79 -78.29 36.75
C ARG G 294 -32.12 -76.94 36.53
N TYR G 295 -32.88 -75.85 36.49
CA TYR G 295 -32.37 -74.51 36.16
C TYR G 295 -31.46 -73.93 37.25
N ILE G 296 -30.35 -73.31 36.87
CA ILE G 296 -29.37 -72.70 37.80
C ILE G 296 -29.86 -71.37 38.40
N PHE G 297 -30.73 -70.65 37.69
CA PHE G 297 -31.49 -69.50 38.19
C PHE G 297 -32.69 -69.91 39.07
N GLY G 298 -32.94 -71.20 39.26
CA GLY G 298 -34.23 -71.72 39.74
C GLY G 298 -35.27 -71.72 38.62
N GLY G 299 -36.35 -72.49 38.80
CA GLY G 299 -37.36 -72.73 37.76
C GLY G 299 -38.09 -71.49 37.23
N PRO G 300 -38.93 -71.64 36.19
CA PRO G 300 -39.58 -70.54 35.50
C PRO G 300 -40.51 -69.66 36.36
N GLN G 301 -41.13 -70.20 37.41
CA GLN G 301 -42.08 -69.47 38.28
C GLN G 301 -41.38 -68.60 39.33
N ALA G 302 -40.08 -68.79 39.54
CA ALA G 302 -39.27 -68.04 40.50
C ALA G 302 -38.79 -66.68 39.96
N PHE G 303 -37.64 -66.65 39.28
CA PHE G 303 -36.80 -65.46 39.12
C PHE G 303 -37.50 -64.27 38.42
N THR G 304 -37.14 -63.06 38.84
CA THR G 304 -37.96 -61.83 38.76
C THR G 304 -37.59 -60.93 37.59
N SER G 305 -37.54 -61.46 36.37
CA SER G 305 -37.03 -60.76 35.17
C SER G 305 -35.58 -60.28 35.36
N ASN G 306 -35.24 -59.07 34.93
CA ASN G 306 -33.87 -58.65 34.60
C ASN G 306 -33.00 -58.33 35.84
N ILE G 307 -32.69 -59.32 36.66
CA ILE G 307 -31.84 -59.24 37.85
C ILE G 307 -30.82 -60.38 37.82
N MET G 308 -29.56 -60.10 38.11
CA MET G 308 -28.51 -61.10 38.34
C MET G 308 -27.57 -60.62 39.45
N TRP G 309 -27.32 -61.44 40.47
CA TRP G 309 -26.62 -61.07 41.70
C TRP G 309 -27.11 -59.77 42.35
N GLY G 310 -28.41 -59.52 42.27
CA GLY G 310 -29.06 -58.34 42.84
C GLY G 310 -28.87 -57.04 42.06
N LEU G 311 -28.22 -57.06 40.89
CA LEU G 311 -28.03 -55.91 40.02
C LEU G 311 -29.00 -55.96 38.82
N PRO G 312 -29.55 -54.82 38.36
CA PRO G 312 -30.28 -54.74 37.10
C PRO G 312 -29.45 -55.17 35.89
N VAL G 313 -30.04 -55.98 35.02
CA VAL G 313 -29.51 -56.28 33.67
C VAL G 313 -30.18 -55.37 32.64
N VAL G 314 -29.41 -54.81 31.70
CA VAL G 314 -29.90 -54.13 30.50
C VAL G 314 -29.58 -54.98 29.27
N PRO G 315 -30.49 -55.84 28.78
CA PRO G 315 -30.25 -56.62 27.58
C PRO G 315 -30.61 -55.78 26.36
N THR G 316 -29.62 -55.36 25.57
CA THR G 316 -29.81 -54.35 24.51
C THR G 316 -29.12 -54.74 23.20
N LYS G 317 -29.74 -54.47 22.06
CA LYS G 317 -29.21 -54.78 20.72
C LYS G 317 -27.86 -54.13 20.43
N ALA G 318 -27.59 -52.97 21.06
CA ALA G 318 -26.32 -52.27 20.92
C ALA G 318 -25.12 -53.11 21.41
N GLN G 319 -25.30 -53.93 22.45
CA GLN G 319 -24.23 -54.76 22.97
C GLN G 319 -23.99 -55.94 22.03
N ALA G 320 -22.84 -56.02 21.37
CA ALA G 320 -22.50 -57.10 20.45
C ALA G 320 -22.45 -58.46 21.15
N ALA G 321 -22.82 -59.53 20.45
CA ALA G 321 -22.86 -60.86 21.03
C ALA G 321 -21.47 -61.33 21.52
N GLY G 322 -21.46 -62.05 22.63
CA GLY G 322 -20.23 -62.50 23.31
C GLY G 322 -19.62 -61.48 24.26
N THR G 323 -20.11 -60.23 24.30
CA THR G 323 -19.58 -59.14 25.12
C THR G 323 -20.47 -58.82 26.31
N PHE G 324 -19.85 -58.54 27.46
CA PHE G 324 -20.51 -58.04 28.66
C PHE G 324 -19.87 -56.74 29.14
N THR G 325 -20.61 -55.92 29.90
CA THR G 325 -20.09 -54.71 30.53
C THR G 325 -20.74 -54.50 31.88
N VAL G 326 -19.96 -54.32 32.93
CA VAL G 326 -20.45 -54.12 34.30
C VAL G 326 -19.64 -53.03 34.97
N GLY G 327 -20.27 -52.15 35.72
CA GLY G 327 -19.60 -50.98 36.28
C GLY G 327 -20.39 -50.24 37.33
N GLY G 328 -19.73 -49.30 37.98
CA GLY G 328 -20.32 -48.39 38.97
C GLY G 328 -20.95 -47.18 38.28
N PHE G 329 -21.93 -47.42 37.40
CA PHE G 329 -22.44 -46.43 36.45
C PHE G 329 -23.06 -45.19 37.11
N ASP G 330 -23.66 -45.30 38.30
CA ASP G 330 -24.22 -44.18 39.04
C ASP G 330 -23.16 -43.25 39.65
N MET G 331 -21.89 -43.63 39.62
CA MET G 331 -20.79 -42.93 40.27
C MET G 331 -19.66 -42.57 39.30
N ALA G 332 -19.32 -43.47 38.38
CA ALA G 332 -18.17 -43.33 37.49
C ALA G 332 -18.41 -42.45 36.25
N SER G 333 -19.65 -42.26 35.81
CA SER G 333 -19.98 -41.50 34.58
C SER G 333 -21.26 -40.68 34.74
N GLN G 334 -21.40 -39.58 34.00
CA GLN G 334 -22.55 -38.69 34.09
C GLN G 334 -22.99 -38.14 32.74
N VAL G 335 -24.27 -38.28 32.41
CA VAL G 335 -24.89 -37.67 31.23
C VAL G 335 -25.19 -36.22 31.54
N TRP G 336 -24.63 -35.29 30.78
CA TRP G 336 -24.94 -33.87 30.88
C TRP G 336 -25.94 -33.50 29.80
N ASP G 337 -27.09 -32.98 30.21
CA ASP G 337 -28.20 -32.61 29.34
C ASP G 337 -28.19 -31.10 29.18
N ARG G 338 -28.14 -30.64 27.92
CA ARG G 338 -28.04 -29.23 27.54
C ARG G 338 -29.30 -28.42 27.86
N MET G 339 -30.34 -29.07 28.38
CA MET G 339 -31.75 -28.65 28.29
C MET G 339 -32.09 -28.43 26.82
N ASP G 340 -32.96 -27.48 26.45
CA ASP G 340 -33.17 -27.10 25.04
C ASP G 340 -33.51 -28.29 24.10
N ALA G 341 -34.34 -29.22 24.59
CA ALA G 341 -34.98 -30.27 23.83
C ALA G 341 -36.35 -29.81 23.28
N THR G 342 -36.82 -30.38 22.18
CA THR G 342 -38.02 -29.93 21.47
C THR G 342 -38.82 -31.08 20.91
N VAL G 343 -40.13 -30.88 20.80
CA VAL G 343 -41.04 -31.66 19.94
C VAL G 343 -41.51 -30.74 18.81
N GLU G 344 -41.35 -31.19 17.58
CA GLU G 344 -41.75 -30.48 16.38
C GLU G 344 -42.65 -31.36 15.52
N VAL G 345 -43.64 -30.77 14.86
CA VAL G 345 -44.54 -31.50 13.95
C VAL G 345 -44.64 -30.79 12.61
N SER G 346 -44.53 -31.54 11.51
CA SER G 346 -44.55 -31.00 10.15
C SER G 346 -45.33 -31.85 9.16
N ARG G 347 -46.04 -31.21 8.22
CA ARG G 347 -46.31 -31.82 6.90
C ARG G 347 -45.02 -31.83 6.10
N GLU G 348 -44.66 -32.95 5.49
CA GLU G 348 -43.30 -33.16 4.97
C GLU G 348 -43.25 -34.09 3.74
N ASP G 349 -42.23 -33.93 2.90
CA ASP G 349 -41.96 -34.79 1.74
C ASP G 349 -40.74 -35.70 2.01
N ARG G 350 -40.88 -37.02 1.75
CA ARG G 350 -39.87 -38.06 2.05
C ARG G 350 -40.16 -39.35 1.25
N ASP G 351 -39.22 -40.29 1.21
CA ASP G 351 -39.37 -41.63 0.61
C ASP G 351 -40.18 -42.63 1.48
N ASN G 352 -40.96 -42.15 2.46
CA ASN G 352 -41.59 -42.96 3.51
C ASN G 352 -43.10 -42.67 3.62
N PHE G 353 -43.90 -43.20 2.69
CA PHE G 353 -45.38 -43.22 2.74
C PHE G 353 -46.04 -41.86 3.11
N VAL G 354 -45.55 -40.76 2.55
CA VAL G 354 -45.95 -39.40 2.93
C VAL G 354 -47.33 -38.94 2.44
N LYS G 355 -48.21 -39.88 2.04
CA LYS G 355 -49.43 -39.61 1.27
C LYS G 355 -50.27 -38.45 1.80
N ASN G 356 -50.61 -38.49 3.08
CA ASN G 356 -51.37 -37.44 3.76
C ASN G 356 -51.16 -37.61 5.28
N MET G 357 -49.97 -37.24 5.75
CA MET G 357 -49.48 -37.55 7.09
C MET G 357 -48.77 -36.37 7.74
N LEU G 358 -48.49 -36.50 9.03
CA LEU G 358 -47.59 -35.64 9.78
C LEU G 358 -46.36 -36.46 10.17
N THR G 359 -45.22 -35.80 10.31
CA THR G 359 -44.09 -36.36 11.05
C THR G 359 -43.97 -35.62 12.37
N ILE G 360 -43.94 -36.36 13.47
CA ILE G 360 -43.65 -35.87 14.82
C ILE G 360 -42.20 -36.21 15.10
N LEU G 361 -41.36 -35.21 15.32
CA LEU G 361 -39.92 -35.31 15.53
C LEU G 361 -39.59 -34.79 16.92
N CYS G 362 -38.84 -35.53 17.72
CA CYS G 362 -38.30 -35.02 18.97
C CYS G 362 -36.79 -35.24 19.08
N GLU G 363 -36.09 -34.24 19.63
CA GLU G 363 -34.64 -34.24 19.70
C GLU G 363 -34.11 -33.59 20.97
N GLU G 364 -32.93 -34.02 21.40
CA GLU G 364 -32.24 -33.56 22.60
C GLU G 364 -30.73 -33.52 22.41
N ARG G 365 -30.04 -32.72 23.22
CA ARG G 365 -28.60 -32.46 23.15
C ARG G 365 -27.91 -32.92 24.43
N LEU G 366 -26.96 -33.85 24.32
CA LEU G 366 -26.32 -34.53 25.46
C LEU G 366 -24.80 -34.59 25.33
N ALA G 367 -24.11 -34.80 26.44
CA ALA G 367 -22.70 -35.19 26.53
C ALA G 367 -22.51 -36.28 27.60
N LEU G 368 -21.44 -37.09 27.54
CA LEU G 368 -21.12 -38.09 28.57
C LEU G 368 -19.72 -37.83 29.15
N ALA G 369 -19.61 -37.62 30.47
CA ALA G 369 -18.36 -37.41 31.19
C ALA G 369 -17.94 -38.64 32.00
N HIS G 370 -16.79 -39.25 31.72
CA HIS G 370 -16.29 -40.44 32.41
C HIS G 370 -15.24 -40.08 33.45
N TYR G 371 -15.62 -39.98 34.72
CA TYR G 371 -14.75 -39.54 35.79
C TYR G 371 -13.73 -40.58 36.23
N ARG G 372 -14.04 -41.88 36.16
CA ARG G 372 -13.16 -42.96 36.65
C ARG G 372 -13.31 -44.25 35.82
N PRO G 373 -12.69 -44.36 34.64
CA PRO G 373 -12.86 -45.52 33.74
C PRO G 373 -12.39 -46.87 34.26
N THR G 374 -11.73 -46.93 35.41
CA THR G 374 -11.36 -48.16 36.13
C THR G 374 -12.56 -48.84 36.78
N ALA G 375 -13.65 -48.10 37.01
CA ALA G 375 -14.89 -48.58 37.59
C ALA G 375 -15.87 -49.15 36.55
N ILE G 376 -15.49 -49.29 35.28
CA ILE G 376 -16.27 -49.95 34.22
C ILE G 376 -15.42 -51.08 33.67
N ILE G 377 -15.89 -52.32 33.71
CA ILE G 377 -15.16 -53.50 33.25
C ILE G 377 -15.84 -54.05 32.00
N LYS G 378 -15.10 -54.18 30.89
CA LYS G 378 -15.58 -54.81 29.65
C LYS G 378 -14.90 -56.16 29.47
N GLY G 379 -15.65 -57.17 29.07
CA GLY G 379 -15.09 -58.49 28.79
C GLY G 379 -15.82 -59.19 27.68
N THR G 380 -15.26 -60.32 27.24
CA THR G 380 -15.93 -61.29 26.38
C THR G 380 -15.98 -62.65 27.07
N PHE G 381 -17.04 -63.41 26.81
CA PHE G 381 -17.15 -64.79 27.24
C PHE G 381 -16.22 -65.69 26.42
N SER G 382 -15.65 -66.74 27.01
CA SER G 382 -14.69 -67.61 26.32
C SER G 382 -15.31 -68.41 25.16
N SER G 383 -16.62 -68.66 25.24
CA SER G 383 -17.40 -69.56 24.39
C SER G 383 -18.89 -69.24 24.46
#